data_5IOZ
# 
_entry.id   5IOZ 
# 
_audit_conform.dict_name       mmcif_pdbx.dic 
_audit_conform.dict_version    5.383 
_audit_conform.dict_location   http://mmcif.pdb.org/dictionaries/ascii/mmcif_pdbx.dic 
# 
loop_
_database_2.database_id 
_database_2.database_code 
_database_2.pdbx_database_accession 
_database_2.pdbx_DOI 
PDB   5IOZ         pdb_00005ioz 10.2210/pdb5ioz/pdb 
WWPDB D_1000219211 ?            ?                   
# 
loop_
_pdbx_audit_revision_history.ordinal 
_pdbx_audit_revision_history.data_content_type 
_pdbx_audit_revision_history.major_revision 
_pdbx_audit_revision_history.minor_revision 
_pdbx_audit_revision_history.revision_date 
1 'Structure model' 1 0 2017-03-29 
2 'Structure model' 1 1 2017-05-31 
3 'Structure model' 1 2 2017-09-13 
4 'Structure model' 1 3 2024-01-10 
# 
_pdbx_audit_revision_details.ordinal             1 
_pdbx_audit_revision_details.revision_ordinal    1 
_pdbx_audit_revision_details.data_content_type   'Structure model' 
_pdbx_audit_revision_details.provider            repository 
_pdbx_audit_revision_details.type                'Initial release' 
_pdbx_audit_revision_details.description         ? 
_pdbx_audit_revision_details.details             ? 
# 
loop_
_pdbx_audit_revision_group.ordinal 
_pdbx_audit_revision_group.revision_ordinal 
_pdbx_audit_revision_group.data_content_type 
_pdbx_audit_revision_group.group 
1 2 'Structure model' 'Database references'        
2 3 'Structure model' 'Author supporting evidence' 
3 4 'Structure model' 'Data collection'            
4 4 'Structure model' 'Database references'        
5 4 'Structure model' 'Refinement description'     
# 
loop_
_pdbx_audit_revision_category.ordinal 
_pdbx_audit_revision_category.revision_ordinal 
_pdbx_audit_revision_category.data_content_type 
_pdbx_audit_revision_category.category 
1 3 'Structure model' pdbx_audit_support            
2 4 'Structure model' chem_comp_atom                
3 4 'Structure model' chem_comp_bond                
4 4 'Structure model' database_2                    
5 4 'Structure model' pdbx_initial_refinement_model 
# 
loop_
_pdbx_audit_revision_item.ordinal 
_pdbx_audit_revision_item.revision_ordinal 
_pdbx_audit_revision_item.data_content_type 
_pdbx_audit_revision_item.item 
1 3 'Structure model' '_pdbx_audit_support.funding_organization' 
2 4 'Structure model' '_database_2.pdbx_DOI'                     
3 4 'Structure model' '_database_2.pdbx_database_accession'      
# 
_pdbx_database_status.status_code                     REL 
_pdbx_database_status.status_code_sf                  REL 
_pdbx_database_status.status_code_mr                  ? 
_pdbx_database_status.entry_id                        5IOZ 
_pdbx_database_status.recvd_initial_deposition_date   2016-03-09 
_pdbx_database_status.SG_entry                        N 
_pdbx_database_status.deposit_site                    RCSB 
_pdbx_database_status.process_site                    PDBE 
_pdbx_database_status.status_code_cs                  ? 
_pdbx_database_status.methods_development_category    ? 
_pdbx_database_status.pdb_format_compatible           Y 
_pdbx_database_status.status_code_nmr_data            ? 
# 
loop_
_audit_author.name 
_audit_author.pdbx_ordinal 
'Blaszczyk, M.'   1 
'Surade, S.'      2 
'Nikiforov, P.O.' 3 
'Abell, C.'       4 
'Blundell, T.L.'  5 
# 
_citation.abstract                  ? 
_citation.abstract_id_CAS           ? 
_citation.book_id_ISBN              ? 
_citation.book_publisher            ? 
_citation.book_publisher_city       ? 
_citation.book_title                ? 
_citation.coordinate_linkage        ? 
_citation.country                   US 
_citation.database_id_Medline       ? 
_citation.details                   ? 
_citation.id                        primary 
_citation.journal_abbrev            'ACS Chem. Biol.' 
_citation.journal_id_ASTM           ? 
_citation.journal_id_CSD            ? 
_citation.journal_id_ISSN           1554-8937 
_citation.journal_full              ? 
_citation.journal_issue             ? 
_citation.journal_volume            12 
_citation.language                  ? 
_citation.page_first                1390 
_citation.page_last                 1396 
_citation.title                     
;Fragment-Sized EthR Inhibitors Exhibit Exceptionally Strong Ethionamide Boosting Effect in Whole-Cell Mycobacterium tuberculosis Assays.
;
_citation.year                      2017 
_citation.database_id_CSD           ? 
_citation.pdbx_database_id_DOI      10.1021/acschembio.7b00091 
_citation.pdbx_database_id_PubMed   28314097 
_citation.unpublished_flag          ? 
# 
loop_
_citation_author.citation_id 
_citation_author.name 
_citation_author.ordinal 
_citation_author.identifier_ORCID 
primary 'Nikiforov, P.O.' 1  ? 
primary 'Blaszczyk, M.'   2  ? 
primary 'Surade, S.'      3  ? 
primary 'Boshoff, H.I.'   4  ? 
primary 'Sajid, A.'       5  ? 
primary 'Delorme, V.'     6  ? 
primary 'Deboosere, N.'   7  ? 
primary 'Brodin, P.'      8  ? 
primary 'Baulard, A.R.'   9  ? 
primary 'Barry, C.E.'     10 ? 
primary 'Blundell, T.L.'  11 ? 
primary 'Abell, C.'       12 ? 
# 
loop_
_entity.id 
_entity.type 
_entity.src_method 
_entity.pdbx_description 
_entity.formula_weight 
_entity.pdbx_number_of_molecules 
_entity.pdbx_ec 
_entity.pdbx_mutation 
_entity.pdbx_fragment 
_entity.details 
1 polymer     man 'TetR-family transcriptional regulatory repressor protein' 23781.705 1  ? ? ? ? 
2 non-polymer syn 'N-(cyclopentylmethyl)cyclopentanecarboxamide'             195.301   1  ? ? ? ? 
3 water       nat water                                                      18.015    24 ? ? ? ? 
# 
_entity_poly.entity_id                      1 
_entity_poly.type                           'polypeptide(L)' 
_entity_poly.nstd_linkage                   no 
_entity_poly.nstd_monomer                   no 
_entity_poly.pdbx_seq_one_letter_code       
;MTTSAASQASLPRGRRTARPSGDDRELAILATAENLLEDRPLADISVDDLAKGAGISRPTFYFYFPSKEAVLLTLLDRVV
NQADMALQTLAENPADTDRENMWRTGINVFFETFGSHKAVTRAGQAARATSVEVAELWSTFMQKWIAYTAAVIDAERDRG
AAPRTLPAHELATALNLMNERTLFASFAGEQPSVPEARVLDTLVHIWVTSIYGENR
;
_entity_poly.pdbx_seq_one_letter_code_can   
;MTTSAASQASLPRGRRTARPSGDDRELAILATAENLLEDRPLADISVDDLAKGAGISRPTFYFYFPSKEAVLLTLLDRVV
NQADMALQTLAENPADTDRENMWRTGINVFFETFGSHKAVTRAGQAARATSVEVAELWSTFMQKWIAYTAAVIDAERDRG
AAPRTLPAHELATALNLMNERTLFASFAGEQPSVPEARVLDTLVHIWVTSIYGENR
;
_entity_poly.pdbx_strand_id                 A 
_entity_poly.pdbx_target_identifier         ? 
# 
loop_
_pdbx_entity_nonpoly.entity_id 
_pdbx_entity_nonpoly.name 
_pdbx_entity_nonpoly.comp_id 
2 'N-(cyclopentylmethyl)cyclopentanecarboxamide' 6C4 
3 water                                          HOH 
# 
loop_
_entity_poly_seq.entity_id 
_entity_poly_seq.num 
_entity_poly_seq.mon_id 
_entity_poly_seq.hetero 
1 1   MET n 
1 2   THR n 
1 3   THR n 
1 4   SER n 
1 5   ALA n 
1 6   ALA n 
1 7   SER n 
1 8   GLN n 
1 9   ALA n 
1 10  SER n 
1 11  LEU n 
1 12  PRO n 
1 13  ARG n 
1 14  GLY n 
1 15  ARG n 
1 16  ARG n 
1 17  THR n 
1 18  ALA n 
1 19  ARG n 
1 20  PRO n 
1 21  SER n 
1 22  GLY n 
1 23  ASP n 
1 24  ASP n 
1 25  ARG n 
1 26  GLU n 
1 27  LEU n 
1 28  ALA n 
1 29  ILE n 
1 30  LEU n 
1 31  ALA n 
1 32  THR n 
1 33  ALA n 
1 34  GLU n 
1 35  ASN n 
1 36  LEU n 
1 37  LEU n 
1 38  GLU n 
1 39  ASP n 
1 40  ARG n 
1 41  PRO n 
1 42  LEU n 
1 43  ALA n 
1 44  ASP n 
1 45  ILE n 
1 46  SER n 
1 47  VAL n 
1 48  ASP n 
1 49  ASP n 
1 50  LEU n 
1 51  ALA n 
1 52  LYS n 
1 53  GLY n 
1 54  ALA n 
1 55  GLY n 
1 56  ILE n 
1 57  SER n 
1 58  ARG n 
1 59  PRO n 
1 60  THR n 
1 61  PHE n 
1 62  TYR n 
1 63  PHE n 
1 64  TYR n 
1 65  PHE n 
1 66  PRO n 
1 67  SER n 
1 68  LYS n 
1 69  GLU n 
1 70  ALA n 
1 71  VAL n 
1 72  LEU n 
1 73  LEU n 
1 74  THR n 
1 75  LEU n 
1 76  LEU n 
1 77  ASP n 
1 78  ARG n 
1 79  VAL n 
1 80  VAL n 
1 81  ASN n 
1 82  GLN n 
1 83  ALA n 
1 84  ASP n 
1 85  MET n 
1 86  ALA n 
1 87  LEU n 
1 88  GLN n 
1 89  THR n 
1 90  LEU n 
1 91  ALA n 
1 92  GLU n 
1 93  ASN n 
1 94  PRO n 
1 95  ALA n 
1 96  ASP n 
1 97  THR n 
1 98  ASP n 
1 99  ARG n 
1 100 GLU n 
1 101 ASN n 
1 102 MET n 
1 103 TRP n 
1 104 ARG n 
1 105 THR n 
1 106 GLY n 
1 107 ILE n 
1 108 ASN n 
1 109 VAL n 
1 110 PHE n 
1 111 PHE n 
1 112 GLU n 
1 113 THR n 
1 114 PHE n 
1 115 GLY n 
1 116 SER n 
1 117 HIS n 
1 118 LYS n 
1 119 ALA n 
1 120 VAL n 
1 121 THR n 
1 122 ARG n 
1 123 ALA n 
1 124 GLY n 
1 125 GLN n 
1 126 ALA n 
1 127 ALA n 
1 128 ARG n 
1 129 ALA n 
1 130 THR n 
1 131 SER n 
1 132 VAL n 
1 133 GLU n 
1 134 VAL n 
1 135 ALA n 
1 136 GLU n 
1 137 LEU n 
1 138 TRP n 
1 139 SER n 
1 140 THR n 
1 141 PHE n 
1 142 MET n 
1 143 GLN n 
1 144 LYS n 
1 145 TRP n 
1 146 ILE n 
1 147 ALA n 
1 148 TYR n 
1 149 THR n 
1 150 ALA n 
1 151 ALA n 
1 152 VAL n 
1 153 ILE n 
1 154 ASP n 
1 155 ALA n 
1 156 GLU n 
1 157 ARG n 
1 158 ASP n 
1 159 ARG n 
1 160 GLY n 
1 161 ALA n 
1 162 ALA n 
1 163 PRO n 
1 164 ARG n 
1 165 THR n 
1 166 LEU n 
1 167 PRO n 
1 168 ALA n 
1 169 HIS n 
1 170 GLU n 
1 171 LEU n 
1 172 ALA n 
1 173 THR n 
1 174 ALA n 
1 175 LEU n 
1 176 ASN n 
1 177 LEU n 
1 178 MET n 
1 179 ASN n 
1 180 GLU n 
1 181 ARG n 
1 182 THR n 
1 183 LEU n 
1 184 PHE n 
1 185 ALA n 
1 186 SER n 
1 187 PHE n 
1 188 ALA n 
1 189 GLY n 
1 190 GLU n 
1 191 GLN n 
1 192 PRO n 
1 193 SER n 
1 194 VAL n 
1 195 PRO n 
1 196 GLU n 
1 197 ALA n 
1 198 ARG n 
1 199 VAL n 
1 200 LEU n 
1 201 ASP n 
1 202 THR n 
1 203 LEU n 
1 204 VAL n 
1 205 HIS n 
1 206 ILE n 
1 207 TRP n 
1 208 VAL n 
1 209 THR n 
1 210 SER n 
1 211 ILE n 
1 212 TYR n 
1 213 GLY n 
1 214 GLU n 
1 215 ASN n 
1 216 ARG n 
# 
_entity_src_gen.entity_id                          1 
_entity_src_gen.pdbx_src_id                        1 
_entity_src_gen.pdbx_alt_source_flag               sample 
_entity_src_gen.pdbx_seq_type                      'Biological sequence' 
_entity_src_gen.pdbx_beg_seq_num                   1 
_entity_src_gen.pdbx_end_seq_num                   216 
_entity_src_gen.gene_src_common_name               ? 
_entity_src_gen.gene_src_genus                     ? 
_entity_src_gen.pdbx_gene_src_gene                 'ethR, MRA_3895' 
_entity_src_gen.gene_src_species                   ? 
_entity_src_gen.gene_src_strain                    ? 
_entity_src_gen.gene_src_tissue                    ? 
_entity_src_gen.gene_src_tissue_fraction           ? 
_entity_src_gen.gene_src_details                   ? 
_entity_src_gen.pdbx_gene_src_fragment             ? 
_entity_src_gen.pdbx_gene_src_scientific_name      'Mycobacterium tuberculosis (strain ATCC 25177 / H37Ra)' 
_entity_src_gen.pdbx_gene_src_ncbi_taxonomy_id     419947 
_entity_src_gen.pdbx_gene_src_variant              ? 
_entity_src_gen.pdbx_gene_src_cell_line            ? 
_entity_src_gen.pdbx_gene_src_atcc                 ? 
_entity_src_gen.pdbx_gene_src_organ                ? 
_entity_src_gen.pdbx_gene_src_organelle            ? 
_entity_src_gen.pdbx_gene_src_cell                 ? 
_entity_src_gen.pdbx_gene_src_cellular_location    ? 
_entity_src_gen.host_org_common_name               ? 
_entity_src_gen.pdbx_host_org_scientific_name      'Escherichia coli' 
_entity_src_gen.pdbx_host_org_ncbi_taxonomy_id     562 
_entity_src_gen.host_org_genus                     ? 
_entity_src_gen.pdbx_host_org_gene                 ? 
_entity_src_gen.pdbx_host_org_organ                ? 
_entity_src_gen.host_org_species                   ? 
_entity_src_gen.pdbx_host_org_tissue               ? 
_entity_src_gen.pdbx_host_org_tissue_fraction      ? 
_entity_src_gen.pdbx_host_org_strain               ? 
_entity_src_gen.pdbx_host_org_variant              ? 
_entity_src_gen.pdbx_host_org_cell_line            ? 
_entity_src_gen.pdbx_host_org_atcc                 ? 
_entity_src_gen.pdbx_host_org_culture_collection   ? 
_entity_src_gen.pdbx_host_org_cell                 ? 
_entity_src_gen.pdbx_host_org_organelle            ? 
_entity_src_gen.pdbx_host_org_cellular_location    ? 
_entity_src_gen.pdbx_host_org_vector_type          ? 
_entity_src_gen.pdbx_host_org_vector               ? 
_entity_src_gen.host_org_details                   ? 
_entity_src_gen.expression_system_id               ? 
_entity_src_gen.plasmid_name                       ? 
_entity_src_gen.plasmid_details                    ? 
_entity_src_gen.pdbx_description                   ? 
# 
loop_
_chem_comp.id 
_chem_comp.type 
_chem_comp.mon_nstd_flag 
_chem_comp.name 
_chem_comp.pdbx_synonyms 
_chem_comp.formula 
_chem_comp.formula_weight 
6C4 non-polymer         . 'N-(cyclopentylmethyl)cyclopentanecarboxamide' ? 'C12 H21 N O'    195.301 
ALA 'L-peptide linking' y ALANINE                                        ? 'C3 H7 N O2'     89.093  
ARG 'L-peptide linking' y ARGININE                                       ? 'C6 H15 N4 O2 1' 175.209 
ASN 'L-peptide linking' y ASPARAGINE                                     ? 'C4 H8 N2 O3'    132.118 
ASP 'L-peptide linking' y 'ASPARTIC ACID'                                ? 'C4 H7 N O4'     133.103 
GLN 'L-peptide linking' y GLUTAMINE                                      ? 'C5 H10 N2 O3'   146.144 
GLU 'L-peptide linking' y 'GLUTAMIC ACID'                                ? 'C5 H9 N O4'     147.129 
GLY 'peptide linking'   y GLYCINE                                        ? 'C2 H5 N O2'     75.067  
HIS 'L-peptide linking' y HISTIDINE                                      ? 'C6 H10 N3 O2 1' 156.162 
HOH non-polymer         . WATER                                          ? 'H2 O'           18.015  
ILE 'L-peptide linking' y ISOLEUCINE                                     ? 'C6 H13 N O2'    131.173 
LEU 'L-peptide linking' y LEUCINE                                        ? 'C6 H13 N O2'    131.173 
LYS 'L-peptide linking' y LYSINE                                         ? 'C6 H15 N2 O2 1' 147.195 
MET 'L-peptide linking' y METHIONINE                                     ? 'C5 H11 N O2 S'  149.211 
PHE 'L-peptide linking' y PHENYLALANINE                                  ? 'C9 H11 N O2'    165.189 
PRO 'L-peptide linking' y PROLINE                                        ? 'C5 H9 N O2'     115.130 
SER 'L-peptide linking' y SERINE                                         ? 'C3 H7 N O3'     105.093 
THR 'L-peptide linking' y THREONINE                                      ? 'C4 H9 N O3'     119.119 
TRP 'L-peptide linking' y TRYPTOPHAN                                     ? 'C11 H12 N2 O2'  204.225 
TYR 'L-peptide linking' y TYROSINE                                       ? 'C9 H11 N O3'    181.189 
VAL 'L-peptide linking' y VALINE                                         ? 'C5 H11 N O2'    117.146 
# 
loop_
_pdbx_poly_seq_scheme.asym_id 
_pdbx_poly_seq_scheme.entity_id 
_pdbx_poly_seq_scheme.seq_id 
_pdbx_poly_seq_scheme.mon_id 
_pdbx_poly_seq_scheme.ndb_seq_num 
_pdbx_poly_seq_scheme.pdb_seq_num 
_pdbx_poly_seq_scheme.auth_seq_num 
_pdbx_poly_seq_scheme.pdb_mon_id 
_pdbx_poly_seq_scheme.auth_mon_id 
_pdbx_poly_seq_scheme.pdb_strand_id 
_pdbx_poly_seq_scheme.pdb_ins_code 
_pdbx_poly_seq_scheme.hetero 
A 1 1   MET 1   1   ?   ?   ?   A . n 
A 1 2   THR 2   2   ?   ?   ?   A . n 
A 1 3   THR 3   3   ?   ?   ?   A . n 
A 1 4   SER 4   4   ?   ?   ?   A . n 
A 1 5   ALA 5   5   ?   ?   ?   A . n 
A 1 6   ALA 6   6   ?   ?   ?   A . n 
A 1 7   SER 7   7   ?   ?   ?   A . n 
A 1 8   GLN 8   8   ?   ?   ?   A . n 
A 1 9   ALA 9   9   ?   ?   ?   A . n 
A 1 10  SER 10  10  ?   ?   ?   A . n 
A 1 11  LEU 11  11  ?   ?   ?   A . n 
A 1 12  PRO 12  12  ?   ?   ?   A . n 
A 1 13  ARG 13  13  ?   ?   ?   A . n 
A 1 14  GLY 14  14  ?   ?   ?   A . n 
A 1 15  ARG 15  15  ?   ?   ?   A . n 
A 1 16  ARG 16  16  ?   ?   ?   A . n 
A 1 17  THR 17  17  ?   ?   ?   A . n 
A 1 18  ALA 18  18  ?   ?   ?   A . n 
A 1 19  ARG 19  19  ?   ?   ?   A . n 
A 1 20  PRO 20  20  ?   ?   ?   A . n 
A 1 21  SER 21  21  ?   ?   ?   A . n 
A 1 22  GLY 22  22  22  GLY GLY A . n 
A 1 23  ASP 23  23  23  ASP ASP A . n 
A 1 24  ASP 24  24  24  ASP ASP A . n 
A 1 25  ARG 25  25  25  ARG ARG A . n 
A 1 26  GLU 26  26  26  GLU GLU A . n 
A 1 27  LEU 27  27  27  LEU LEU A . n 
A 1 28  ALA 28  28  28  ALA ALA A . n 
A 1 29  ILE 29  29  29  ILE ILE A . n 
A 1 30  LEU 30  30  30  LEU LEU A . n 
A 1 31  ALA 31  31  31  ALA ALA A . n 
A 1 32  THR 32  32  32  THR THR A . n 
A 1 33  ALA 33  33  33  ALA ALA A . n 
A 1 34  GLU 34  34  34  GLU GLU A . n 
A 1 35  ASN 35  35  35  ASN ASN A . n 
A 1 36  LEU 36  36  36  LEU LEU A . n 
A 1 37  LEU 37  37  37  LEU LEU A . n 
A 1 38  GLU 38  38  38  GLU GLU A . n 
A 1 39  ASP 39  39  39  ASP ASP A . n 
A 1 40  ARG 40  40  40  ARG ARG A . n 
A 1 41  PRO 41  41  41  PRO PRO A . n 
A 1 42  LEU 42  42  42  LEU LEU A . n 
A 1 43  ALA 43  43  43  ALA ALA A . n 
A 1 44  ASP 44  44  44  ASP ASP A . n 
A 1 45  ILE 45  45  45  ILE ILE A . n 
A 1 46  SER 46  46  46  SER SER A . n 
A 1 47  VAL 47  47  47  VAL VAL A . n 
A 1 48  ASP 48  48  48  ASP ASP A . n 
A 1 49  ASP 49  49  49  ASP ASP A . n 
A 1 50  LEU 50  50  50  LEU LEU A . n 
A 1 51  ALA 51  51  51  ALA ALA A . n 
A 1 52  LYS 52  52  52  LYS LYS A . n 
A 1 53  GLY 53  53  53  GLY GLY A . n 
A 1 54  ALA 54  54  54  ALA ALA A . n 
A 1 55  GLY 55  55  55  GLY GLY A . n 
A 1 56  ILE 56  56  56  ILE ILE A . n 
A 1 57  SER 57  57  57  SER SER A . n 
A 1 58  ARG 58  58  58  ARG ARG A . n 
A 1 59  PRO 59  59  59  PRO PRO A . n 
A 1 60  THR 60  60  60  THR THR A . n 
A 1 61  PHE 61  61  61  PHE PHE A . n 
A 1 62  TYR 62  62  62  TYR TYR A . n 
A 1 63  PHE 63  63  63  PHE PHE A . n 
A 1 64  TYR 64  64  64  TYR TYR A . n 
A 1 65  PHE 65  65  65  PHE PHE A . n 
A 1 66  PRO 66  66  66  PRO PRO A . n 
A 1 67  SER 67  67  67  SER SER A . n 
A 1 68  LYS 68  68  68  LYS LYS A . n 
A 1 69  GLU 69  69  69  GLU GLU A . n 
A 1 70  ALA 70  70  70  ALA ALA A . n 
A 1 71  VAL 71  71  71  VAL VAL A . n 
A 1 72  LEU 72  72  72  LEU LEU A . n 
A 1 73  LEU 73  73  73  LEU LEU A . n 
A 1 74  THR 74  74  74  THR THR A . n 
A 1 75  LEU 75  75  75  LEU LEU A . n 
A 1 76  LEU 76  76  76  LEU LEU A . n 
A 1 77  ASP 77  77  77  ASP ASP A . n 
A 1 78  ARG 78  78  78  ARG ARG A . n 
A 1 79  VAL 79  79  79  VAL VAL A . n 
A 1 80  VAL 80  80  80  VAL VAL A . n 
A 1 81  ASN 81  81  81  ASN ASN A . n 
A 1 82  GLN 82  82  82  GLN GLN A . n 
A 1 83  ALA 83  83  83  ALA ALA A . n 
A 1 84  ASP 84  84  84  ASP ASP A . n 
A 1 85  MET 85  85  85  MET MET A . n 
A 1 86  ALA 86  86  86  ALA ALA A . n 
A 1 87  LEU 87  87  87  LEU LEU A . n 
A 1 88  GLN 88  88  88  GLN GLN A . n 
A 1 89  THR 89  89  89  THR THR A . n 
A 1 90  LEU 90  90  90  LEU LEU A . n 
A 1 91  ALA 91  91  91  ALA ALA A . n 
A 1 92  GLU 92  92  92  GLU GLU A . n 
A 1 93  ASN 93  93  93  ASN ASN A . n 
A 1 94  PRO 94  94  94  PRO PRO A . n 
A 1 95  ALA 95  95  95  ALA ALA A . n 
A 1 96  ASP 96  96  96  ASP ASP A . n 
A 1 97  THR 97  97  97  THR THR A . n 
A 1 98  ASP 98  98  98  ASP ASP A . n 
A 1 99  ARG 99  99  99  ARG ARG A . n 
A 1 100 GLU 100 100 100 GLU GLU A . n 
A 1 101 ASN 101 101 101 ASN ASN A . n 
A 1 102 MET 102 102 102 MET MET A . n 
A 1 103 TRP 103 103 103 TRP TRP A . n 
A 1 104 ARG 104 104 104 ARG ARG A . n 
A 1 105 THR 105 105 105 THR THR A . n 
A 1 106 GLY 106 106 106 GLY GLY A . n 
A 1 107 ILE 107 107 107 ILE ILE A . n 
A 1 108 ASN 108 108 108 ASN ASN A . n 
A 1 109 VAL 109 109 109 VAL VAL A . n 
A 1 110 PHE 110 110 110 PHE PHE A . n 
A 1 111 PHE 111 111 111 PHE PHE A . n 
A 1 112 GLU 112 112 112 GLU GLU A . n 
A 1 113 THR 113 113 113 THR THR A . n 
A 1 114 PHE 114 114 114 PHE PHE A . n 
A 1 115 GLY 115 115 115 GLY GLY A . n 
A 1 116 SER 116 116 116 SER SER A . n 
A 1 117 HIS 117 117 117 HIS HIS A . n 
A 1 118 LYS 118 118 118 LYS LYS A . n 
A 1 119 ALA 119 119 119 ALA ALA A . n 
A 1 120 VAL 120 120 120 VAL VAL A . n 
A 1 121 THR 121 121 121 THR THR A . n 
A 1 122 ARG 122 122 122 ARG ARG A . n 
A 1 123 ALA 123 123 123 ALA ALA A . n 
A 1 124 GLY 124 124 124 GLY GLY A . n 
A 1 125 GLN 125 125 125 GLN GLN A . n 
A 1 126 ALA 126 126 126 ALA ALA A . n 
A 1 127 ALA 127 127 127 ALA ALA A . n 
A 1 128 ARG 128 128 128 ARG ARG A . n 
A 1 129 ALA 129 129 129 ALA ALA A . n 
A 1 130 THR 130 130 130 THR THR A . n 
A 1 131 SER 131 131 131 SER SER A . n 
A 1 132 VAL 132 132 132 VAL VAL A . n 
A 1 133 GLU 133 133 133 GLU GLU A . n 
A 1 134 VAL 134 134 134 VAL VAL A . n 
A 1 135 ALA 135 135 135 ALA ALA A . n 
A 1 136 GLU 136 136 136 GLU GLU A . n 
A 1 137 LEU 137 137 137 LEU LEU A . n 
A 1 138 TRP 138 138 138 TRP TRP A . n 
A 1 139 SER 139 139 139 SER SER A . n 
A 1 140 THR 140 140 140 THR THR A . n 
A 1 141 PHE 141 141 141 PHE PHE A . n 
A 1 142 MET 142 142 142 MET MET A . n 
A 1 143 GLN 143 143 143 GLN GLN A . n 
A 1 144 LYS 144 144 144 LYS LYS A . n 
A 1 145 TRP 145 145 145 TRP TRP A . n 
A 1 146 ILE 146 146 146 ILE ILE A . n 
A 1 147 ALA 147 147 147 ALA ALA A . n 
A 1 148 TYR 148 148 148 TYR TYR A . n 
A 1 149 THR 149 149 149 THR THR A . n 
A 1 150 ALA 150 150 150 ALA ALA A . n 
A 1 151 ALA 151 151 151 ALA ALA A . n 
A 1 152 VAL 152 152 152 VAL VAL A . n 
A 1 153 ILE 153 153 153 ILE ILE A . n 
A 1 154 ASP 154 154 154 ASP ASP A . n 
A 1 155 ALA 155 155 155 ALA ALA A . n 
A 1 156 GLU 156 156 156 GLU GLU A . n 
A 1 157 ARG 157 157 157 ARG ARG A . n 
A 1 158 ASP 158 158 158 ASP ASP A . n 
A 1 159 ARG 159 159 159 ARG ARG A . n 
A 1 160 GLY 160 160 160 GLY GLY A . n 
A 1 161 ALA 161 161 161 ALA ALA A . n 
A 1 162 ALA 162 162 162 ALA ALA A . n 
A 1 163 PRO 163 163 163 PRO PRO A . n 
A 1 164 ARG 164 164 164 ARG ARG A . n 
A 1 165 THR 165 165 165 THR THR A . n 
A 1 166 LEU 166 166 166 LEU LEU A . n 
A 1 167 PRO 167 167 167 PRO PRO A . n 
A 1 168 ALA 168 168 168 ALA ALA A . n 
A 1 169 HIS 169 169 169 HIS HIS A . n 
A 1 170 GLU 170 170 170 GLU GLU A . n 
A 1 171 LEU 171 171 171 LEU LEU A . n 
A 1 172 ALA 172 172 172 ALA ALA A . n 
A 1 173 THR 173 173 173 THR THR A . n 
A 1 174 ALA 174 174 174 ALA ALA A . n 
A 1 175 LEU 175 175 175 LEU LEU A . n 
A 1 176 ASN 176 176 176 ASN ASN A . n 
A 1 177 LEU 177 177 177 LEU LEU A . n 
A 1 178 MET 178 178 178 MET MET A . n 
A 1 179 ASN 179 179 179 ASN ASN A . n 
A 1 180 GLU 180 180 180 GLU GLU A . n 
A 1 181 ARG 181 181 181 ARG ARG A . n 
A 1 182 THR 182 182 182 THR THR A . n 
A 1 183 LEU 183 183 183 LEU LEU A . n 
A 1 184 PHE 184 184 184 PHE PHE A . n 
A 1 185 ALA 185 185 185 ALA ALA A . n 
A 1 186 SER 186 186 186 SER SER A . n 
A 1 187 PHE 187 187 187 PHE PHE A . n 
A 1 188 ALA 188 188 188 ALA ALA A . n 
A 1 189 GLY 189 189 189 GLY GLY A . n 
A 1 190 GLU 190 190 190 GLU GLU A . n 
A 1 191 GLN 191 191 191 GLN GLN A . n 
A 1 192 PRO 192 192 192 PRO PRO A . n 
A 1 193 SER 193 193 193 SER SER A . n 
A 1 194 VAL 194 194 194 VAL VAL A . n 
A 1 195 PRO 195 195 195 PRO PRO A . n 
A 1 196 GLU 196 196 196 GLU GLU A . n 
A 1 197 ALA 197 197 197 ALA ALA A . n 
A 1 198 ARG 198 198 198 ARG ARG A . n 
A 1 199 VAL 199 199 199 VAL VAL A . n 
A 1 200 LEU 200 200 200 LEU LEU A . n 
A 1 201 ASP 201 201 201 ASP ASP A . n 
A 1 202 THR 202 202 202 THR THR A . n 
A 1 203 LEU 203 203 203 LEU LEU A . n 
A 1 204 VAL 204 204 204 VAL VAL A . n 
A 1 205 HIS 205 205 205 HIS HIS A . n 
A 1 206 ILE 206 206 206 ILE ILE A . n 
A 1 207 TRP 207 207 207 TRP TRP A . n 
A 1 208 VAL 208 208 208 VAL VAL A . n 
A 1 209 THR 209 209 209 THR THR A . n 
A 1 210 SER 210 210 210 SER SER A . n 
A 1 211 ILE 211 211 211 ILE ILE A . n 
A 1 212 TYR 212 212 212 TYR TYR A . n 
A 1 213 GLY 213 213 213 GLY GLY A . n 
A 1 214 GLU 214 214 214 GLU GLU A . n 
A 1 215 ASN 215 215 ?   ?   ?   A . n 
A 1 216 ARG 216 216 ?   ?   ?   A . n 
# 
loop_
_pdbx_nonpoly_scheme.asym_id 
_pdbx_nonpoly_scheme.entity_id 
_pdbx_nonpoly_scheme.mon_id 
_pdbx_nonpoly_scheme.ndb_seq_num 
_pdbx_nonpoly_scheme.pdb_seq_num 
_pdbx_nonpoly_scheme.auth_seq_num 
_pdbx_nonpoly_scheme.pdb_mon_id 
_pdbx_nonpoly_scheme.auth_mon_id 
_pdbx_nonpoly_scheme.pdb_strand_id 
_pdbx_nonpoly_scheme.pdb_ins_code 
B 2 6C4 1  301 1  6C4 107 A . 
C 3 HOH 1  401 5  HOH HOH A . 
C 3 HOH 2  402 10 HOH HOH A . 
C 3 HOH 3  403 11 HOH HOH A . 
C 3 HOH 4  404 21 HOH HOH A . 
C 3 HOH 5  405 24 HOH HOH A . 
C 3 HOH 6  406 6  HOH HOH A . 
C 3 HOH 7  407 13 HOH HOH A . 
C 3 HOH 8  408 12 HOH HOH A . 
C 3 HOH 9  409 23 HOH HOH A . 
C 3 HOH 10 410 9  HOH HOH A . 
C 3 HOH 11 411 19 HOH HOH A . 
C 3 HOH 12 412 1  HOH HOH A . 
C 3 HOH 13 413 4  HOH HOH A . 
C 3 HOH 14 414 7  HOH HOH A . 
C 3 HOH 15 415 18 HOH HOH A . 
C 3 HOH 16 416 8  HOH HOH A . 
C 3 HOH 17 417 16 HOH HOH A . 
C 3 HOH 18 418 15 HOH HOH A . 
C 3 HOH 19 419 3  HOH HOH A . 
C 3 HOH 20 420 14 HOH HOH A . 
C 3 HOH 21 421 17 HOH HOH A . 
C 3 HOH 22 422 22 HOH HOH A . 
C 3 HOH 23 423 2  HOH HOH A . 
C 3 HOH 24 424 20 HOH HOH A . 
# 
loop_
_pdbx_unobs_or_zero_occ_atoms.id 
_pdbx_unobs_or_zero_occ_atoms.PDB_model_num 
_pdbx_unobs_or_zero_occ_atoms.polymer_flag 
_pdbx_unobs_or_zero_occ_atoms.occupancy_flag 
_pdbx_unobs_or_zero_occ_atoms.auth_asym_id 
_pdbx_unobs_or_zero_occ_atoms.auth_comp_id 
_pdbx_unobs_or_zero_occ_atoms.auth_seq_id 
_pdbx_unobs_or_zero_occ_atoms.PDB_ins_code 
_pdbx_unobs_or_zero_occ_atoms.auth_atom_id 
_pdbx_unobs_or_zero_occ_atoms.label_alt_id 
_pdbx_unobs_or_zero_occ_atoms.label_asym_id 
_pdbx_unobs_or_zero_occ_atoms.label_comp_id 
_pdbx_unobs_or_zero_occ_atoms.label_seq_id 
_pdbx_unobs_or_zero_occ_atoms.label_atom_id 
1  1 Y 1 A ASP 23  ? CG  ? A ASP 23  CG  
2  1 Y 1 A ASP 23  ? OD1 ? A ASP 23  OD1 
3  1 Y 1 A ASP 23  ? OD2 ? A ASP 23  OD2 
4  1 Y 1 A ARG 25  ? CD  ? A ARG 25  CD  
5  1 Y 1 A ARG 25  ? NE  ? A ARG 25  NE  
6  1 Y 1 A ARG 25  ? CZ  ? A ARG 25  CZ  
7  1 Y 1 A ARG 25  ? NH1 ? A ARG 25  NH1 
8  1 Y 1 A ARG 25  ? NH2 ? A ARG 25  NH2 
9  1 Y 1 A LYS 52  ? CG  ? A LYS 52  CG  
10 1 Y 1 A LYS 52  ? CD  ? A LYS 52  CD  
11 1 Y 1 A LYS 52  ? CE  ? A LYS 52  CE  
12 1 Y 1 A LYS 52  ? NZ  ? A LYS 52  NZ  
13 1 Y 1 A GLU 214 ? CD  ? A GLU 214 CD  
14 1 Y 1 A GLU 214 ? OE1 ? A GLU 214 OE1 
15 1 Y 1 A GLU 214 ? OE2 ? A GLU 214 OE2 
# 
loop_
_software.citation_id 
_software.classification 
_software.compiler_name 
_software.compiler_version 
_software.contact_author 
_software.contact_author_email 
_software.date 
_software.description 
_software.dependencies 
_software.hardware 
_software.language 
_software.location 
_software.mods 
_software.name 
_software.os 
_software.os_version 
_software.type 
_software.version 
_software.pdbx_ordinal 
? 'data scaling'    ? ? ? ? ? ? ? ? ? ? ? Aimless     ? ? ? 0.1.29   1 
? phasing           ? ? ? ? ? ? ? ? ? ? ? PHASER      ? ? ? 2.3.0    2 
? refinement        ? ? ? ? ? ? ? ? ? ? ? REFMAC      ? ? ? 5.6.0117 3 
? 'data extraction' ? ? ? ? ? ? ? ? ? ? ? PDB_EXTRACT ? ? ? 3.20     4 
? 'data reduction'  ? ? ? ? ? ? ? ? ? ? ? xia2        ? ? ? .        5 
# 
_cell.angle_alpha                  90.000 
_cell.angle_alpha_esd              ? 
_cell.angle_beta                   90.000 
_cell.angle_beta_esd               ? 
_cell.angle_gamma                  90.000 
_cell.angle_gamma_esd              ? 
_cell.entry_id                     5IOZ 
_cell.details                      ? 
_cell.formula_units_Z              ? 
_cell.length_a                     121.830 
_cell.length_a_esd                 ? 
_cell.length_b                     121.830 
_cell.length_b_esd                 ? 
_cell.length_c                     33.800 
_cell.length_c_esd                 ? 
_cell.volume                       ? 
_cell.volume_esd                   ? 
_cell.Z_PDB                        8 
_cell.reciprocal_angle_alpha       ? 
_cell.reciprocal_angle_beta        ? 
_cell.reciprocal_angle_gamma       ? 
_cell.reciprocal_angle_alpha_esd   ? 
_cell.reciprocal_angle_beta_esd    ? 
_cell.reciprocal_angle_gamma_esd   ? 
_cell.reciprocal_length_a          ? 
_cell.reciprocal_length_b          ? 
_cell.reciprocal_length_c          ? 
_cell.reciprocal_length_a_esd      ? 
_cell.reciprocal_length_b_esd      ? 
_cell.reciprocal_length_c_esd      ? 
_cell.pdbx_unique_axis             ? 
# 
_symmetry.entry_id                         5IOZ 
_symmetry.cell_setting                     ? 
_symmetry.Int_Tables_number                92 
_symmetry.space_group_name_Hall            ? 
_symmetry.space_group_name_H-M             'P 41 21 2' 
_symmetry.pdbx_full_space_group_name_H-M   ? 
# 
_exptl.absorpt_coefficient_mu     ? 
_exptl.absorpt_correction_T_max   ? 
_exptl.absorpt_correction_T_min   ? 
_exptl.absorpt_correction_type    ? 
_exptl.absorpt_process_details    ? 
_exptl.entry_id                   5IOZ 
_exptl.crystals_number            1 
_exptl.details                    ? 
_exptl.method                     'X-RAY DIFFRACTION' 
_exptl.method_details             ? 
# 
_exptl_crystal.colour                      ? 
_exptl_crystal.density_diffrn              ? 
_exptl_crystal.density_Matthews            2.64 
_exptl_crystal.density_method              ? 
_exptl_crystal.density_percent_sol         53.35 
_exptl_crystal.description                 ? 
_exptl_crystal.F_000                       ? 
_exptl_crystal.id                          1 
_exptl_crystal.preparation                 ? 
_exptl_crystal.size_max                    ? 
_exptl_crystal.size_mid                    ? 
_exptl_crystal.size_min                    ? 
_exptl_crystal.size_rad                    ? 
_exptl_crystal.colour_lustre               ? 
_exptl_crystal.colour_modifier             ? 
_exptl_crystal.colour_primary              ? 
_exptl_crystal.density_meas                ? 
_exptl_crystal.density_meas_esd            ? 
_exptl_crystal.density_meas_gt             ? 
_exptl_crystal.density_meas_lt             ? 
_exptl_crystal.density_meas_temp           ? 
_exptl_crystal.density_meas_temp_esd       ? 
_exptl_crystal.density_meas_temp_gt        ? 
_exptl_crystal.density_meas_temp_lt        ? 
_exptl_crystal.pdbx_crystal_image_url      ? 
_exptl_crystal.pdbx_crystal_image_format   ? 
_exptl_crystal.pdbx_mosaicity              ? 
_exptl_crystal.pdbx_mosaicity_esd          ? 
# 
_exptl_crystal_grow.apparatus       ? 
_exptl_crystal_grow.atmosphere      ? 
_exptl_crystal_grow.crystal_id      1 
_exptl_crystal_grow.details         ? 
_exptl_crystal_grow.method          'VAPOR DIFFUSION, SITTING DROP' 
_exptl_crystal_grow.method_ref      ? 
_exptl_crystal_grow.pH              6.5 
_exptl_crystal_grow.pressure        ? 
_exptl_crystal_grow.pressure_esd    ? 
_exptl_crystal_grow.seeding         ? 
_exptl_crystal_grow.seeding_ref     ? 
_exptl_crystal_grow.temp            298 
_exptl_crystal_grow.temp_details    ? 
_exptl_crystal_grow.temp_esd        ? 
_exptl_crystal_grow.time            ? 
_exptl_crystal_grow.pdbx_details    'Ammonium sulphate, Glycerol, MES' 
_exptl_crystal_grow.pdbx_pH_range   '6.3 - 6.5' 
# 
_diffrn.ambient_environment    ? 
_diffrn.ambient_temp           298 
_diffrn.ambient_temp_details   ? 
_diffrn.ambient_temp_esd       ? 
_diffrn.crystal_id             1 
_diffrn.crystal_support        ? 
_diffrn.crystal_treatment      ? 
_diffrn.details                ? 
_diffrn.id                     1 
_diffrn.ambient_pressure       ? 
_diffrn.ambient_pressure_esd   ? 
_diffrn.ambient_pressure_gt    ? 
_diffrn.ambient_pressure_lt    ? 
_diffrn.ambient_temp_gt        ? 
_diffrn.ambient_temp_lt        ? 
# 
_diffrn_detector.details                      ? 
_diffrn_detector.detector                     PIXEL 
_diffrn_detector.diffrn_id                    1 
_diffrn_detector.type                         'DECTRIS PILATUS3 6M' 
_diffrn_detector.area_resol_mean              ? 
_diffrn_detector.dtime                        ? 
_diffrn_detector.pdbx_frames_total            ? 
_diffrn_detector.pdbx_collection_time_total   ? 
_diffrn_detector.pdbx_collection_date         2013-12-11 
# 
_diffrn_radiation.collimation                      ? 
_diffrn_radiation.diffrn_id                        1 
_diffrn_radiation.filter_edge                      ? 
_diffrn_radiation.inhomogeneity                    ? 
_diffrn_radiation.monochromator                    ? 
_diffrn_radiation.polarisn_norm                    ? 
_diffrn_radiation.polarisn_ratio                   ? 
_diffrn_radiation.probe                            ? 
_diffrn_radiation.type                             ? 
_diffrn_radiation.xray_symbol                      ? 
_diffrn_radiation.wavelength_id                    1 
_diffrn_radiation.pdbx_monochromatic_or_laue_m_l   M 
_diffrn_radiation.pdbx_wavelength_list             ? 
_diffrn_radiation.pdbx_wavelength                  ? 
_diffrn_radiation.pdbx_diffrn_protocol             'SINGLE WAVELENGTH' 
_diffrn_radiation.pdbx_analyzer                    ? 
_diffrn_radiation.pdbx_scattering_type             x-ray 
# 
_diffrn_radiation_wavelength.id           1 
_diffrn_radiation_wavelength.wavelength   0.97943 
_diffrn_radiation_wavelength.wt           1.0 
# 
_diffrn_source.current                     ? 
_diffrn_source.details                     ? 
_diffrn_source.diffrn_id                   1 
_diffrn_source.power                       ? 
_diffrn_source.size                        ? 
_diffrn_source.source                      SYNCHROTRON 
_diffrn_source.target                      ? 
_diffrn_source.type                        'DIAMOND BEAMLINE I04' 
_diffrn_source.voltage                     ? 
_diffrn_source.take-off_angle              ? 
_diffrn_source.pdbx_wavelength_list        0.97943 
_diffrn_source.pdbx_wavelength             ? 
_diffrn_source.pdbx_synchrotron_beamline   I04 
_diffrn_source.pdbx_synchrotron_site       Diamond 
# 
_reflns.B_iso_Wilson_estimate            ? 
_reflns.entry_id                         5IOZ 
_reflns.data_reduction_details           ? 
_reflns.data_reduction_method            ? 
_reflns.d_resolution_high                2.020 
_reflns.d_resolution_low                 40.610 
_reflns.details                          ? 
_reflns.limit_h_max                      ? 
_reflns.limit_h_min                      ? 
_reflns.limit_k_max                      ? 
_reflns.limit_k_min                      ? 
_reflns.limit_l_max                      ? 
_reflns.limit_l_min                      ? 
_reflns.number_all                       ? 
_reflns.number_obs                       17308 
_reflns.observed_criterion               ? 
_reflns.observed_criterion_F_max         ? 
_reflns.observed_criterion_F_min         ? 
_reflns.observed_criterion_I_max         ? 
_reflns.observed_criterion_I_min         ? 
_reflns.observed_criterion_sigma_F       ? 
_reflns.observed_criterion_sigma_I       ? 
_reflns.percent_possible_obs             99.800 
_reflns.R_free_details                   ? 
_reflns.Rmerge_F_all                     ? 
_reflns.Rmerge_F_obs                     ? 
_reflns.Friedel_coverage                 ? 
_reflns.number_gt                        ? 
_reflns.threshold_expression             ? 
_reflns.pdbx_redundancy                  12.500 
_reflns.pdbx_Rmerge_I_obs                0.129 
_reflns.pdbx_Rmerge_I_all                ? 
_reflns.pdbx_Rsym_value                  ? 
_reflns.pdbx_netI_over_av_sigmaI         ? 
_reflns.pdbx_netI_over_sigmaI            18.200 
_reflns.pdbx_res_netI_over_av_sigmaI_2   ? 
_reflns.pdbx_res_netI_over_sigmaI_2      ? 
_reflns.pdbx_chi_squared                 ? 
_reflns.pdbx_scaling_rejects             ? 
_reflns.pdbx_d_res_high_opt              ? 
_reflns.pdbx_d_res_low_opt               ? 
_reflns.pdbx_d_res_opt_method            ? 
_reflns.phase_calculation_details        ? 
_reflns.pdbx_Rrim_I_all                  0.135 
_reflns.pdbx_Rpim_I_all                  0.038 
_reflns.pdbx_d_opt                       ? 
_reflns.pdbx_number_measured_all         215947 
_reflns.pdbx_diffrn_id                   1 
_reflns.pdbx_ordinal                     1 
_reflns.pdbx_CC_half                     0.999 
_reflns.pdbx_R_split                     ? 
# 
loop_
_reflns_shell.d_res_high 
_reflns_shell.d_res_low 
_reflns_shell.meanI_over_sigI_all 
_reflns_shell.meanI_over_sigI_obs 
_reflns_shell.number_measured_all 
_reflns_shell.number_measured_obs 
_reflns_shell.number_possible 
_reflns_shell.number_unique_all 
_reflns_shell.number_unique_obs 
_reflns_shell.percent_possible_all 
_reflns_shell.percent_possible_obs 
_reflns_shell.Rmerge_F_all 
_reflns_shell.Rmerge_F_obs 
_reflns_shell.Rmerge_I_all 
_reflns_shell.Rmerge_I_obs 
_reflns_shell.meanI_over_sigI_gt 
_reflns_shell.meanI_over_uI_all 
_reflns_shell.meanI_over_uI_gt 
_reflns_shell.number_measured_gt 
_reflns_shell.number_unique_gt 
_reflns_shell.percent_possible_gt 
_reflns_shell.Rmerge_F_gt 
_reflns_shell.Rmerge_I_gt 
_reflns_shell.pdbx_redundancy 
_reflns_shell.pdbx_Rsym_value 
_reflns_shell.pdbx_chi_squared 
_reflns_shell.pdbx_netI_over_sigmaI_all 
_reflns_shell.pdbx_netI_over_sigmaI_obs 
_reflns_shell.pdbx_Rrim_I_all 
_reflns_shell.pdbx_Rpim_I_all 
_reflns_shell.pdbx_rejects 
_reflns_shell.pdbx_ordinal 
_reflns_shell.pdbx_diffrn_id 
_reflns_shell.pdbx_CC_half 
_reflns_shell.pdbx_R_split 
2.020 2.070  ? ? ? ? ? ? ? 99.000 ? ? ? ? 0.946 ? ? ? ? ? ? ? ? 12.100 ? ? ? ? ? ? ? 1 1 ? ? 
9.030 40.610 ? ? ? ? ? ? ? 98.100 ? ? ? ? 0.040 ? ? ? ? ? ? ? ? 8.700  ? ? ? ? ? ? ? 2 1 ? ? 
# 
_refine.aniso_B[1][1]                            0.0000 
_refine.aniso_B[1][2]                            0.0000 
_refine.aniso_B[1][3]                            0.0000 
_refine.aniso_B[2][2]                            0.0000 
_refine.aniso_B[2][3]                            0.0000 
_refine.aniso_B[3][3]                            0.0100 
_refine.B_iso_max                                85.620 
_refine.B_iso_mean                               30.6410 
_refine.B_iso_min                                12.720 
_refine.correlation_coeff_Fo_to_Fc               0.9490 
_refine.correlation_coeff_Fo_to_Fc_free          0.9340 
_refine.details                                  
'HYDROGENS HAVE BEEN USED IF PRESENT IN THE INPUT U VALUES      : REFINED INDIVIDUALLY' 
_refine.diff_density_max                         ? 
_refine.diff_density_max_esd                     ? 
_refine.diff_density_min                         ? 
_refine.diff_density_min_esd                     ? 
_refine.diff_density_rms                         ? 
_refine.diff_density_rms_esd                     ? 
_refine.entry_id                                 5IOZ 
_refine.pdbx_refine_id                           'X-RAY DIFFRACTION' 
_refine.ls_abs_structure_details                 ? 
_refine.ls_abs_structure_Flack                   ? 
_refine.ls_abs_structure_Flack_esd               ? 
_refine.ls_abs_structure_Rogers                  ? 
_refine.ls_abs_structure_Rogers_esd              ? 
_refine.ls_d_res_high                            2.0200 
_refine.ls_d_res_low                             31.4600 
_refine.ls_extinction_coef                       ? 
_refine.ls_extinction_coef_esd                   ? 
_refine.ls_extinction_expression                 ? 
_refine.ls_extinction_method                     ? 
_refine.ls_goodness_of_fit_all                   ? 
_refine.ls_goodness_of_fit_all_esd               ? 
_refine.ls_goodness_of_fit_obs                   ? 
_refine.ls_goodness_of_fit_obs_esd               ? 
_refine.ls_hydrogen_treatment                    ? 
_refine.ls_matrix_type                           ? 
_refine.ls_number_constraints                    ? 
_refine.ls_number_parameters                     ? 
_refine.ls_number_reflns_all                     ? 
_refine.ls_number_reflns_obs                     16392 
_refine.ls_number_reflns_R_free                  876 
_refine.ls_number_reflns_R_work                  ? 
_refine.ls_number_restraints                     ? 
_refine.ls_percent_reflns_obs                    99.8000 
_refine.ls_percent_reflns_R_free                 5.1000 
_refine.ls_R_factor_all                          ? 
_refine.ls_R_factor_obs                          0.1981 
_refine.ls_R_factor_R_free                       0.2354 
_refine.ls_R_factor_R_free_error                 ? 
_refine.ls_R_factor_R_free_error_details         ? 
_refine.ls_R_factor_R_work                       0.1961 
_refine.ls_R_Fsqd_factor_obs                     ? 
_refine.ls_R_I_factor_obs                        ? 
_refine.ls_redundancy_reflns_all                 ? 
_refine.ls_redundancy_reflns_obs                 ? 
_refine.ls_restrained_S_all                      ? 
_refine.ls_restrained_S_obs                      ? 
_refine.ls_shift_over_esd_max                    ? 
_refine.ls_shift_over_esd_mean                   ? 
_refine.ls_structure_factor_coef                 ? 
_refine.ls_weighting_details                     ? 
_refine.ls_weighting_scheme                      ? 
_refine.ls_wR_factor_all                         ? 
_refine.ls_wR_factor_obs                         ? 
_refine.ls_wR_factor_R_free                      ? 
_refine.ls_wR_factor_R_work                      ? 
_refine.occupancy_max                            ? 
_refine.occupancy_min                            ? 
_refine.solvent_model_details                    ? 
_refine.solvent_model_param_bsol                 ? 
_refine.solvent_model_param_ksol                 ? 
_refine.ls_R_factor_gt                           ? 
_refine.ls_goodness_of_fit_gt                    ? 
_refine.ls_goodness_of_fit_ref                   ? 
_refine.ls_shift_over_su_max                     ? 
_refine.ls_shift_over_su_max_lt                  ? 
_refine.ls_shift_over_su_mean                    ? 
_refine.ls_shift_over_su_mean_lt                 ? 
_refine.pdbx_ls_sigma_I                          ? 
_refine.pdbx_ls_sigma_F                          0.000 
_refine.pdbx_ls_sigma_Fsqd                       ? 
_refine.pdbx_data_cutoff_high_absF               ? 
_refine.pdbx_data_cutoff_high_rms_absF           ? 
_refine.pdbx_data_cutoff_low_absF                ? 
_refine.pdbx_isotropic_thermal_model             ? 
_refine.pdbx_ls_cross_valid_method               THROUGHOUT 
_refine.pdbx_method_to_determine_struct          'MOLECULAR REPLACEMENT' 
_refine.pdbx_starting_model                      1T56 
_refine.pdbx_stereochemistry_target_values       ? 
_refine.pdbx_R_Free_selection_details            RANDOM 
_refine.pdbx_stereochem_target_val_spec_case     ? 
_refine.pdbx_overall_ESU_R                       0.1560 
_refine.pdbx_overall_ESU_R_Free                  0.1480 
_refine.pdbx_solvent_vdw_probe_radii             1.2000 
_refine.pdbx_solvent_ion_probe_radii             0.8000 
_refine.pdbx_solvent_shrinkage_radii             0.8000 
_refine.pdbx_real_space_R                        ? 
_refine.pdbx_density_correlation                 ? 
_refine.pdbx_pd_number_of_powder_patterns        ? 
_refine.pdbx_pd_number_of_points                 ? 
_refine.pdbx_pd_meas_number_of_points            ? 
_refine.pdbx_pd_proc_ls_prof_R_factor            ? 
_refine.pdbx_pd_proc_ls_prof_wR_factor           ? 
_refine.pdbx_pd_Marquardt_correlation_coeff      ? 
_refine.pdbx_pd_Fsqrd_R_factor                   ? 
_refine.pdbx_pd_ls_matrix_band_width             ? 
_refine.pdbx_overall_phase_error                 ? 
_refine.pdbx_overall_SU_R_free_Cruickshank_DPI   ? 
_refine.pdbx_overall_SU_R_free_Blow_DPI          ? 
_refine.pdbx_overall_SU_R_Blow_DPI               ? 
_refine.pdbx_TLS_residual_ADP_flag               ? 
_refine.pdbx_diffrn_id                           1 
_refine.overall_SU_B                             3.4090 
_refine.overall_SU_ML                            0.0960 
_refine.overall_SU_R_Cruickshank_DPI             0.1562 
_refine.overall_SU_R_free                        ? 
_refine.overall_FOM_free_R_set                   ? 
_refine.overall_FOM_work_R_set                   ? 
_refine.pdbx_average_fsc_overall                 ? 
_refine.pdbx_average_fsc_work                    ? 
_refine.pdbx_average_fsc_free                    ? 
# 
_refine_hist.cycle_id                         final 
_refine_hist.pdbx_refine_id                   'X-RAY DIFFRACTION' 
_refine_hist.d_res_high                       2.0200 
_refine_hist.d_res_low                        31.4600 
_refine_hist.pdbx_number_atoms_ligand         14 
_refine_hist.number_atoms_solvent             24 
_refine_hist.number_atoms_total               1525 
_refine_hist.pdbx_number_residues_total       193 
_refine_hist.pdbx_B_iso_mean_ligand           26.40 
_refine_hist.pdbx_B_iso_mean_solvent          28.89 
_refine_hist.pdbx_number_atoms_protein        1487 
_refine_hist.pdbx_number_atoms_nucleic_acid   0 
# 
loop_
_refine_ls_restr.pdbx_refine_id 
_refine_ls_restr.criterion 
_refine_ls_restr.dev_ideal 
_refine_ls_restr.dev_ideal_target 
_refine_ls_restr.number 
_refine_ls_restr.rejects 
_refine_ls_restr.type 
_refine_ls_restr.weight 
_refine_ls_restr.pdbx_restraint_function 
'X-RAY DIFFRACTION' ? 0.022  0.020  1546 ? r_bond_refined_d       ? ? 
'X-RAY DIFFRACTION' ? 1.924  1.954  2110 ? r_angle_refined_deg    ? ? 
'X-RAY DIFFRACTION' ? 5.356  5.000  194  ? r_dihedral_angle_1_deg ? ? 
'X-RAY DIFFRACTION' ? 37.943 23.662 71   ? r_dihedral_angle_2_deg ? ? 
'X-RAY DIFFRACTION' ? 14.421 15.000 234  ? r_dihedral_angle_3_deg ? ? 
'X-RAY DIFFRACTION' ? 22.999 15.000 12   ? r_dihedral_angle_4_deg ? ? 
'X-RAY DIFFRACTION' ? 0.145  0.200  244  ? r_chiral_restr         ? ? 
'X-RAY DIFFRACTION' ? 0.012  0.021  1184 ? r_gen_planes_refined   ? ? 
# 
_refine_ls_shell.pdbx_refine_id                   'X-RAY DIFFRACTION' 
_refine_ls_shell.d_res_high                       2.0200 
_refine_ls_shell.d_res_low                        2.0720 
_refine_ls_shell.number_reflns_all                1092 
_refine_ls_shell.number_reflns_obs                ? 
_refine_ls_shell.number_reflns_R_free             54 
_refine_ls_shell.number_reflns_R_work             1038 
_refine_ls_shell.percent_reflns_obs               98.9100 
_refine_ls_shell.percent_reflns_R_free            ? 
_refine_ls_shell.R_factor_all                     ? 
_refine_ls_shell.R_factor_obs                     ? 
_refine_ls_shell.R_factor_R_free                  0.3540 
_refine_ls_shell.R_factor_R_free_error            ? 
_refine_ls_shell.R_factor_R_work                  0.2700 
_refine_ls_shell.redundancy_reflns_all            ? 
_refine_ls_shell.redundancy_reflns_obs            ? 
_refine_ls_shell.wR_factor_all                    ? 
_refine_ls_shell.wR_factor_obs                    ? 
_refine_ls_shell.wR_factor_R_free                 ? 
_refine_ls_shell.wR_factor_R_work                 ? 
_refine_ls_shell.pdbx_total_number_of_bins_used   20 
_refine_ls_shell.pdbx_phase_error                 ? 
_refine_ls_shell.pdbx_fsc_work                    ? 
_refine_ls_shell.pdbx_fsc_free                    ? 
# 
_struct.entry_id                     5IOZ 
_struct.title                        
;Structure of Transcriptional Regulatory Repressor Protein - EthR from Mycobacterium Tuberculosis in complex with N-(cyclopentylmethyl)cyclopentanecarboxamide at 2.02A resolution
;
_struct.pdbx_model_details           ? 
_struct.pdbx_formula_weight          ? 
_struct.pdbx_formula_weight_method   ? 
_struct.pdbx_model_type_details      ? 
_struct.pdbx_CASP_flag               ? 
# 
_struct_keywords.entry_id        5IOZ 
_struct_keywords.text            'EthR, transcription, represor, boosting effect' 
_struct_keywords.pdbx_keywords   TRANSCRIPTION 
# 
loop_
_struct_asym.id 
_struct_asym.pdbx_blank_PDB_chainid_flag 
_struct_asym.pdbx_modified 
_struct_asym.entity_id 
_struct_asym.details 
A N N 1 ? 
B N N 2 ? 
C N N 3 ? 
# 
_struct_ref.id                         1 
_struct_ref.db_name                    UNP 
_struct_ref.db_code                    A5U9I4_MYCTA 
_struct_ref.pdbx_db_accession          A5U9I4 
_struct_ref.pdbx_db_isoform            ? 
_struct_ref.entity_id                  1 
_struct_ref.pdbx_seq_one_letter_code   
;MTTSAASQASLPRGRRTARPSGDDRELAILATAENLLEDRPLADISVDDLAKGAGISRPTFYFYFPSKEAVLLTLLDRVV
NQADMALQTLAENPADTDRENMWRTGINVFFETFGSHKAVTRAGQAARATSVEVAELWSTFMQKWIAYTAAVIDAERDRG
AAPRTLPAHELATALNLMNERTLFASFAGEQPSVPEARVLDTLVHIWVTSIYGENR
;
_struct_ref.pdbx_align_begin           1 
# 
_struct_ref_seq.align_id                      1 
_struct_ref_seq.ref_id                        1 
_struct_ref_seq.pdbx_PDB_id_code              5IOZ 
_struct_ref_seq.pdbx_strand_id                A 
_struct_ref_seq.seq_align_beg                 1 
_struct_ref_seq.pdbx_seq_align_beg_ins_code   ? 
_struct_ref_seq.seq_align_end                 216 
_struct_ref_seq.pdbx_seq_align_end_ins_code   ? 
_struct_ref_seq.pdbx_db_accession             A5U9I4 
_struct_ref_seq.db_align_beg                  1 
_struct_ref_seq.pdbx_db_align_beg_ins_code    ? 
_struct_ref_seq.db_align_end                  216 
_struct_ref_seq.pdbx_db_align_end_ins_code    ? 
_struct_ref_seq.pdbx_auth_seq_align_beg       1 
_struct_ref_seq.pdbx_auth_seq_align_end       216 
# 
_pdbx_struct_assembly.id                   1 
_pdbx_struct_assembly.details              author_and_software_defined_assembly 
_pdbx_struct_assembly.method_details       PISA 
_pdbx_struct_assembly.oligomeric_details   dimeric 
_pdbx_struct_assembly.oligomeric_count     2 
# 
loop_
_pdbx_struct_assembly_prop.biol_id 
_pdbx_struct_assembly_prop.type 
_pdbx_struct_assembly_prop.value 
_pdbx_struct_assembly_prop.details 
1 'ABSA (A^2)' 2780  ? 
1 MORE         -20   ? 
1 'SSA (A^2)'  17370 ? 
# 
_pdbx_struct_assembly_gen.assembly_id       1 
_pdbx_struct_assembly_gen.oper_expression   1,2 
_pdbx_struct_assembly_gen.asym_id_list      A,B,C 
# 
loop_
_pdbx_struct_oper_list.id 
_pdbx_struct_oper_list.type 
_pdbx_struct_oper_list.name 
_pdbx_struct_oper_list.symmetry_operation 
_pdbx_struct_oper_list.matrix[1][1] 
_pdbx_struct_oper_list.matrix[1][2] 
_pdbx_struct_oper_list.matrix[1][3] 
_pdbx_struct_oper_list.vector[1] 
_pdbx_struct_oper_list.matrix[2][1] 
_pdbx_struct_oper_list.matrix[2][2] 
_pdbx_struct_oper_list.matrix[2][3] 
_pdbx_struct_oper_list.vector[2] 
_pdbx_struct_oper_list.matrix[3][1] 
_pdbx_struct_oper_list.matrix[3][2] 
_pdbx_struct_oper_list.matrix[3][3] 
_pdbx_struct_oper_list.vector[3] 
1 'identity operation'         1_555 x,y,z  1.0000000000 0.0000000000 0.0000000000 0.0000000000  0.0000000000 1.0000000000  0.0000000000 0.0000000000  0.0000000000 0.0000000000 1.0000000000  0.0000000000 
2 'crystal symmetry operation' 7_555 y,x,-z 0.4616018552 0.0304983022 0.8865627901 -5.8080913526 0.0304983022 -0.9993636116 0.0184993333 23.1896025760 0.8865627901 0.0184993333 -0.4622382436 8.7775774884 
# 
loop_
_struct_conf.conf_type_id 
_struct_conf.id 
_struct_conf.pdbx_PDB_helix_id 
_struct_conf.beg_label_comp_id 
_struct_conf.beg_label_asym_id 
_struct_conf.beg_label_seq_id 
_struct_conf.pdbx_beg_PDB_ins_code 
_struct_conf.end_label_comp_id 
_struct_conf.end_label_asym_id 
_struct_conf.end_label_seq_id 
_struct_conf.pdbx_end_PDB_ins_code 
_struct_conf.beg_auth_comp_id 
_struct_conf.beg_auth_asym_id 
_struct_conf.beg_auth_seq_id 
_struct_conf.end_auth_comp_id 
_struct_conf.end_auth_asym_id 
_struct_conf.end_auth_seq_id 
_struct_conf.pdbx_PDB_helix_class 
_struct_conf.details 
_struct_conf.pdbx_PDB_helix_length 
HELX_P HELX_P1  AA1 GLY A 22  ? ARG A 40  ? GLY A 22  ARG A 40  1 ? 19 
HELX_P HELX_P2  AA2 PRO A 41  ? ILE A 45  ? PRO A 41  ILE A 45  5 ? 5  
HELX_P HELX_P3  AA3 SER A 46  ? GLY A 55  ? SER A 46  GLY A 55  1 ? 10 
HELX_P HELX_P4  AA4 SER A 57  ? PHE A 65  ? SER A 57  PHE A 65  1 ? 9  
HELX_P HELX_P5  AA5 SER A 67  ? ASN A 93  ? SER A 67  ASN A 93  1 ? 27 
HELX_P HELX_P6  AA6 ASP A 98  ? SER A 116 ? ASP A 98  SER A 116 1 ? 19 
HELX_P HELX_P7  AA7 HIS A 117 ? ALA A 129 ? HIS A 117 ALA A 129 1 ? 13 
HELX_P HELX_P8  AA8 SER A 131 ? ARG A 159 ? SER A 131 ARG A 159 1 ? 29 
HELX_P HELX_P9  AA9 PRO A 167 ? GLY A 189 ? PRO A 167 GLY A 189 1 ? 23 
HELX_P HELX_P10 AB1 PRO A 195 ? GLY A 213 ? PRO A 195 GLY A 213 1 ? 19 
# 
_struct_conf_type.id          HELX_P 
_struct_conf_type.criteria    ? 
_struct_conf_type.reference   ? 
# 
_struct_mon_prot_cis.pdbx_id                1 
_struct_mon_prot_cis.label_comp_id          GLN 
_struct_mon_prot_cis.label_seq_id           191 
_struct_mon_prot_cis.label_asym_id          A 
_struct_mon_prot_cis.label_alt_id           . 
_struct_mon_prot_cis.pdbx_PDB_ins_code      ? 
_struct_mon_prot_cis.auth_comp_id           GLN 
_struct_mon_prot_cis.auth_seq_id            191 
_struct_mon_prot_cis.auth_asym_id           A 
_struct_mon_prot_cis.pdbx_label_comp_id_2   PRO 
_struct_mon_prot_cis.pdbx_label_seq_id_2    192 
_struct_mon_prot_cis.pdbx_label_asym_id_2   A 
_struct_mon_prot_cis.pdbx_PDB_ins_code_2    ? 
_struct_mon_prot_cis.pdbx_auth_comp_id_2    PRO 
_struct_mon_prot_cis.pdbx_auth_seq_id_2     192 
_struct_mon_prot_cis.pdbx_auth_asym_id_2    A 
_struct_mon_prot_cis.pdbx_PDB_model_num     1 
_struct_mon_prot_cis.pdbx_omega_angle       5.12 
# 
_struct_site.id                   AC1 
_struct_site.pdbx_evidence_code   Software 
_struct_site.pdbx_auth_asym_id    A 
_struct_site.pdbx_auth_comp_id    6C4 
_struct_site.pdbx_auth_seq_id     301 
_struct_site.pdbx_auth_ins_code   ? 
_struct_site.pdbx_num_residues    6 
_struct_site.details              'binding site for residue 6C4 A 301' 
# 
loop_
_struct_site_gen.id 
_struct_site_gen.site_id 
_struct_site_gen.pdbx_num_res 
_struct_site_gen.label_comp_id 
_struct_site_gen.label_asym_id 
_struct_site_gen.label_seq_id 
_struct_site_gen.pdbx_auth_ins_code 
_struct_site_gen.auth_comp_id 
_struct_site_gen.auth_asym_id 
_struct_site_gen.auth_seq_id 
_struct_site_gen.label_atom_id 
_struct_site_gen.label_alt_id 
_struct_site_gen.symmetry 
_struct_site_gen.details 
1 AC1 6 MET A 142 ? MET A 142 . ? 1_555 ? 
2 AC1 6 TRP A 145 ? TRP A 145 . ? 1_555 ? 
3 AC1 6 THR A 149 ? THR A 149 . ? 1_555 ? 
4 AC1 6 ASN A 176 ? ASN A 176 . ? 1_555 ? 
5 AC1 6 ASN A 179 ? ASN A 179 . ? 1_555 ? 
6 AC1 6 TRP A 207 ? TRP A 207 . ? 1_555 ? 
# 
_pdbx_validate_rmsd_angle.id                         1 
_pdbx_validate_rmsd_angle.PDB_model_num              1 
_pdbx_validate_rmsd_angle.auth_atom_id_1             NE 
_pdbx_validate_rmsd_angle.auth_asym_id_1             A 
_pdbx_validate_rmsd_angle.auth_comp_id_1             ARG 
_pdbx_validate_rmsd_angle.auth_seq_id_1              104 
_pdbx_validate_rmsd_angle.PDB_ins_code_1             ? 
_pdbx_validate_rmsd_angle.label_alt_id_1             ? 
_pdbx_validate_rmsd_angle.auth_atom_id_2             CZ 
_pdbx_validate_rmsd_angle.auth_asym_id_2             A 
_pdbx_validate_rmsd_angle.auth_comp_id_2             ARG 
_pdbx_validate_rmsd_angle.auth_seq_id_2              104 
_pdbx_validate_rmsd_angle.PDB_ins_code_2             ? 
_pdbx_validate_rmsd_angle.label_alt_id_2             ? 
_pdbx_validate_rmsd_angle.auth_atom_id_3             NH2 
_pdbx_validate_rmsd_angle.auth_asym_id_3             A 
_pdbx_validate_rmsd_angle.auth_comp_id_3             ARG 
_pdbx_validate_rmsd_angle.auth_seq_id_3              104 
_pdbx_validate_rmsd_angle.PDB_ins_code_3             ? 
_pdbx_validate_rmsd_angle.label_alt_id_3             ? 
_pdbx_validate_rmsd_angle.angle_value                116.85 
_pdbx_validate_rmsd_angle.angle_target_value         120.30 
_pdbx_validate_rmsd_angle.angle_deviation            -3.45 
_pdbx_validate_rmsd_angle.angle_standard_deviation   0.50 
_pdbx_validate_rmsd_angle.linker_flag                N 
# 
loop_
_pdbx_validate_torsion.id 
_pdbx_validate_torsion.PDB_model_num 
_pdbx_validate_torsion.auth_comp_id 
_pdbx_validate_torsion.auth_asym_id 
_pdbx_validate_torsion.auth_seq_id 
_pdbx_validate_torsion.PDB_ins_code 
_pdbx_validate_torsion.label_alt_id 
_pdbx_validate_torsion.phi 
_pdbx_validate_torsion.psi 
1 1 PRO A 94  ? ? -43.68  102.54  
2 1 THR A 165 ? ? -106.26 -109.65 
# 
_pdbx_phasing_MR.entry_id                     5IOZ 
_pdbx_phasing_MR.method_rotation              ? 
_pdbx_phasing_MR.method_translation           ? 
_pdbx_phasing_MR.model_details                'Phaser MODE: MR_AUTO' 
_pdbx_phasing_MR.R_factor                     ? 
_pdbx_phasing_MR.R_rigid_body                 ? 
_pdbx_phasing_MR.correlation_coeff_Fo_to_Fc   ? 
_pdbx_phasing_MR.correlation_coeff_Io_to_Ic   ? 
_pdbx_phasing_MR.d_res_high_rotation          2.500 
_pdbx_phasing_MR.d_res_low_rotation           38.530 
_pdbx_phasing_MR.d_res_high_translation       2.500 
_pdbx_phasing_MR.d_res_low_translation        38.530 
_pdbx_phasing_MR.packing                      ? 
_pdbx_phasing_MR.reflns_percent_rotation      ? 
_pdbx_phasing_MR.reflns_percent_translation   ? 
_pdbx_phasing_MR.sigma_F_rotation             ? 
_pdbx_phasing_MR.sigma_F_translation          ? 
_pdbx_phasing_MR.sigma_I_rotation             ? 
_pdbx_phasing_MR.sigma_I_translation          ? 
# 
_phasing.method   MR 
# 
loop_
_pdbx_unobs_or_zero_occ_residues.id 
_pdbx_unobs_or_zero_occ_residues.PDB_model_num 
_pdbx_unobs_or_zero_occ_residues.polymer_flag 
_pdbx_unobs_or_zero_occ_residues.occupancy_flag 
_pdbx_unobs_or_zero_occ_residues.auth_asym_id 
_pdbx_unobs_or_zero_occ_residues.auth_comp_id 
_pdbx_unobs_or_zero_occ_residues.auth_seq_id 
_pdbx_unobs_or_zero_occ_residues.PDB_ins_code 
_pdbx_unobs_or_zero_occ_residues.label_asym_id 
_pdbx_unobs_or_zero_occ_residues.label_comp_id 
_pdbx_unobs_or_zero_occ_residues.label_seq_id 
1  1 Y 1 A MET 1   ? A MET 1   
2  1 Y 1 A THR 2   ? A THR 2   
3  1 Y 1 A THR 3   ? A THR 3   
4  1 Y 1 A SER 4   ? A SER 4   
5  1 Y 1 A ALA 5   ? A ALA 5   
6  1 Y 1 A ALA 6   ? A ALA 6   
7  1 Y 1 A SER 7   ? A SER 7   
8  1 Y 1 A GLN 8   ? A GLN 8   
9  1 Y 1 A ALA 9   ? A ALA 9   
10 1 Y 1 A SER 10  ? A SER 10  
11 1 Y 1 A LEU 11  ? A LEU 11  
12 1 Y 1 A PRO 12  ? A PRO 12  
13 1 Y 1 A ARG 13  ? A ARG 13  
14 1 Y 1 A GLY 14  ? A GLY 14  
15 1 Y 1 A ARG 15  ? A ARG 15  
16 1 Y 1 A ARG 16  ? A ARG 16  
17 1 Y 1 A THR 17  ? A THR 17  
18 1 Y 1 A ALA 18  ? A ALA 18  
19 1 Y 1 A ARG 19  ? A ARG 19  
20 1 Y 1 A PRO 20  ? A PRO 20  
21 1 Y 1 A SER 21  ? A SER 21  
22 1 Y 1 A ASN 215 ? A ASN 215 
23 1 Y 1 A ARG 216 ? A ARG 216 
# 
loop_
_chem_comp_atom.comp_id 
_chem_comp_atom.atom_id 
_chem_comp_atom.type_symbol 
_chem_comp_atom.pdbx_aromatic_flag 
_chem_comp_atom.pdbx_stereo_config 
_chem_comp_atom.pdbx_ordinal 
6C4 C2   C N N 1   
6C4 C4   C N N 2   
6C4 C5   C N N 3   
6C4 C6   C N N 4   
6C4 C7   C N N 5   
6C4 C9   C N N 6   
6C4 C11  C N N 7   
6C4 O    O N N 8   
6C4 C1   C N N 9   
6C4 C3   C N N 10  
6C4 C    C N N 11  
6C4 N    N N N 12  
6C4 C10  C N N 13  
6C4 C8   C N N 14  
6C4 H1   H N N 15  
6C4 H2   H N N 16  
6C4 H3   H N N 17  
6C4 H4   H N N 18  
6C4 H5   H N N 19  
6C4 H6   H N N 20  
6C4 H7   H N N 21  
6C4 H8   H N N 22  
6C4 H9   H N N 23  
6C4 H10  H N N 24  
6C4 H11  H N N 25  
6C4 H12  H N N 26  
6C4 H13  H N N 27  
6C4 H14  H N N 28  
6C4 H15  H N N 29  
6C4 H16  H N N 30  
6C4 H17  H N N 31  
6C4 H18  H N N 32  
6C4 H19  H N N 33  
6C4 H20  H N N 34  
6C4 H21  H N N 35  
ALA N    N N N 36  
ALA CA   C N S 37  
ALA C    C N N 38  
ALA O    O N N 39  
ALA CB   C N N 40  
ALA OXT  O N N 41  
ALA H    H N N 42  
ALA H2   H N N 43  
ALA HA   H N N 44  
ALA HB1  H N N 45  
ALA HB2  H N N 46  
ALA HB3  H N N 47  
ALA HXT  H N N 48  
ARG N    N N N 49  
ARG CA   C N S 50  
ARG C    C N N 51  
ARG O    O N N 52  
ARG CB   C N N 53  
ARG CG   C N N 54  
ARG CD   C N N 55  
ARG NE   N N N 56  
ARG CZ   C N N 57  
ARG NH1  N N N 58  
ARG NH2  N N N 59  
ARG OXT  O N N 60  
ARG H    H N N 61  
ARG H2   H N N 62  
ARG HA   H N N 63  
ARG HB2  H N N 64  
ARG HB3  H N N 65  
ARG HG2  H N N 66  
ARG HG3  H N N 67  
ARG HD2  H N N 68  
ARG HD3  H N N 69  
ARG HE   H N N 70  
ARG HH11 H N N 71  
ARG HH12 H N N 72  
ARG HH21 H N N 73  
ARG HH22 H N N 74  
ARG HXT  H N N 75  
ASN N    N N N 76  
ASN CA   C N S 77  
ASN C    C N N 78  
ASN O    O N N 79  
ASN CB   C N N 80  
ASN CG   C N N 81  
ASN OD1  O N N 82  
ASN ND2  N N N 83  
ASN OXT  O N N 84  
ASN H    H N N 85  
ASN H2   H N N 86  
ASN HA   H N N 87  
ASN HB2  H N N 88  
ASN HB3  H N N 89  
ASN HD21 H N N 90  
ASN HD22 H N N 91  
ASN HXT  H N N 92  
ASP N    N N N 93  
ASP CA   C N S 94  
ASP C    C N N 95  
ASP O    O N N 96  
ASP CB   C N N 97  
ASP CG   C N N 98  
ASP OD1  O N N 99  
ASP OD2  O N N 100 
ASP OXT  O N N 101 
ASP H    H N N 102 
ASP H2   H N N 103 
ASP HA   H N N 104 
ASP HB2  H N N 105 
ASP HB3  H N N 106 
ASP HD2  H N N 107 
ASP HXT  H N N 108 
GLN N    N N N 109 
GLN CA   C N S 110 
GLN C    C N N 111 
GLN O    O N N 112 
GLN CB   C N N 113 
GLN CG   C N N 114 
GLN CD   C N N 115 
GLN OE1  O N N 116 
GLN NE2  N N N 117 
GLN OXT  O N N 118 
GLN H    H N N 119 
GLN H2   H N N 120 
GLN HA   H N N 121 
GLN HB2  H N N 122 
GLN HB3  H N N 123 
GLN HG2  H N N 124 
GLN HG3  H N N 125 
GLN HE21 H N N 126 
GLN HE22 H N N 127 
GLN HXT  H N N 128 
GLU N    N N N 129 
GLU CA   C N S 130 
GLU C    C N N 131 
GLU O    O N N 132 
GLU CB   C N N 133 
GLU CG   C N N 134 
GLU CD   C N N 135 
GLU OE1  O N N 136 
GLU OE2  O N N 137 
GLU OXT  O N N 138 
GLU H    H N N 139 
GLU H2   H N N 140 
GLU HA   H N N 141 
GLU HB2  H N N 142 
GLU HB3  H N N 143 
GLU HG2  H N N 144 
GLU HG3  H N N 145 
GLU HE2  H N N 146 
GLU HXT  H N N 147 
GLY N    N N N 148 
GLY CA   C N N 149 
GLY C    C N N 150 
GLY O    O N N 151 
GLY OXT  O N N 152 
GLY H    H N N 153 
GLY H2   H N N 154 
GLY HA2  H N N 155 
GLY HA3  H N N 156 
GLY HXT  H N N 157 
HIS N    N N N 158 
HIS CA   C N S 159 
HIS C    C N N 160 
HIS O    O N N 161 
HIS CB   C N N 162 
HIS CG   C Y N 163 
HIS ND1  N Y N 164 
HIS CD2  C Y N 165 
HIS CE1  C Y N 166 
HIS NE2  N Y N 167 
HIS OXT  O N N 168 
HIS H    H N N 169 
HIS H2   H N N 170 
HIS HA   H N N 171 
HIS HB2  H N N 172 
HIS HB3  H N N 173 
HIS HD1  H N N 174 
HIS HD2  H N N 175 
HIS HE1  H N N 176 
HIS HE2  H N N 177 
HIS HXT  H N N 178 
HOH O    O N N 179 
HOH H1   H N N 180 
HOH H2   H N N 181 
ILE N    N N N 182 
ILE CA   C N S 183 
ILE C    C N N 184 
ILE O    O N N 185 
ILE CB   C N S 186 
ILE CG1  C N N 187 
ILE CG2  C N N 188 
ILE CD1  C N N 189 
ILE OXT  O N N 190 
ILE H    H N N 191 
ILE H2   H N N 192 
ILE HA   H N N 193 
ILE HB   H N N 194 
ILE HG12 H N N 195 
ILE HG13 H N N 196 
ILE HG21 H N N 197 
ILE HG22 H N N 198 
ILE HG23 H N N 199 
ILE HD11 H N N 200 
ILE HD12 H N N 201 
ILE HD13 H N N 202 
ILE HXT  H N N 203 
LEU N    N N N 204 
LEU CA   C N S 205 
LEU C    C N N 206 
LEU O    O N N 207 
LEU CB   C N N 208 
LEU CG   C N N 209 
LEU CD1  C N N 210 
LEU CD2  C N N 211 
LEU OXT  O N N 212 
LEU H    H N N 213 
LEU H2   H N N 214 
LEU HA   H N N 215 
LEU HB2  H N N 216 
LEU HB3  H N N 217 
LEU HG   H N N 218 
LEU HD11 H N N 219 
LEU HD12 H N N 220 
LEU HD13 H N N 221 
LEU HD21 H N N 222 
LEU HD22 H N N 223 
LEU HD23 H N N 224 
LEU HXT  H N N 225 
LYS N    N N N 226 
LYS CA   C N S 227 
LYS C    C N N 228 
LYS O    O N N 229 
LYS CB   C N N 230 
LYS CG   C N N 231 
LYS CD   C N N 232 
LYS CE   C N N 233 
LYS NZ   N N N 234 
LYS OXT  O N N 235 
LYS H    H N N 236 
LYS H2   H N N 237 
LYS HA   H N N 238 
LYS HB2  H N N 239 
LYS HB3  H N N 240 
LYS HG2  H N N 241 
LYS HG3  H N N 242 
LYS HD2  H N N 243 
LYS HD3  H N N 244 
LYS HE2  H N N 245 
LYS HE3  H N N 246 
LYS HZ1  H N N 247 
LYS HZ2  H N N 248 
LYS HZ3  H N N 249 
LYS HXT  H N N 250 
MET N    N N N 251 
MET CA   C N S 252 
MET C    C N N 253 
MET O    O N N 254 
MET CB   C N N 255 
MET CG   C N N 256 
MET SD   S N N 257 
MET CE   C N N 258 
MET OXT  O N N 259 
MET H    H N N 260 
MET H2   H N N 261 
MET HA   H N N 262 
MET HB2  H N N 263 
MET HB3  H N N 264 
MET HG2  H N N 265 
MET HG3  H N N 266 
MET HE1  H N N 267 
MET HE2  H N N 268 
MET HE3  H N N 269 
MET HXT  H N N 270 
PHE N    N N N 271 
PHE CA   C N S 272 
PHE C    C N N 273 
PHE O    O N N 274 
PHE CB   C N N 275 
PHE CG   C Y N 276 
PHE CD1  C Y N 277 
PHE CD2  C Y N 278 
PHE CE1  C Y N 279 
PHE CE2  C Y N 280 
PHE CZ   C Y N 281 
PHE OXT  O N N 282 
PHE H    H N N 283 
PHE H2   H N N 284 
PHE HA   H N N 285 
PHE HB2  H N N 286 
PHE HB3  H N N 287 
PHE HD1  H N N 288 
PHE HD2  H N N 289 
PHE HE1  H N N 290 
PHE HE2  H N N 291 
PHE HZ   H N N 292 
PHE HXT  H N N 293 
PRO N    N N N 294 
PRO CA   C N S 295 
PRO C    C N N 296 
PRO O    O N N 297 
PRO CB   C N N 298 
PRO CG   C N N 299 
PRO CD   C N N 300 
PRO OXT  O N N 301 
PRO H    H N N 302 
PRO HA   H N N 303 
PRO HB2  H N N 304 
PRO HB3  H N N 305 
PRO HG2  H N N 306 
PRO HG3  H N N 307 
PRO HD2  H N N 308 
PRO HD3  H N N 309 
PRO HXT  H N N 310 
SER N    N N N 311 
SER CA   C N S 312 
SER C    C N N 313 
SER O    O N N 314 
SER CB   C N N 315 
SER OG   O N N 316 
SER OXT  O N N 317 
SER H    H N N 318 
SER H2   H N N 319 
SER HA   H N N 320 
SER HB2  H N N 321 
SER HB3  H N N 322 
SER HG   H N N 323 
SER HXT  H N N 324 
THR N    N N N 325 
THR CA   C N S 326 
THR C    C N N 327 
THR O    O N N 328 
THR CB   C N R 329 
THR OG1  O N N 330 
THR CG2  C N N 331 
THR OXT  O N N 332 
THR H    H N N 333 
THR H2   H N N 334 
THR HA   H N N 335 
THR HB   H N N 336 
THR HG1  H N N 337 
THR HG21 H N N 338 
THR HG22 H N N 339 
THR HG23 H N N 340 
THR HXT  H N N 341 
TRP N    N N N 342 
TRP CA   C N S 343 
TRP C    C N N 344 
TRP O    O N N 345 
TRP CB   C N N 346 
TRP CG   C Y N 347 
TRP CD1  C Y N 348 
TRP CD2  C Y N 349 
TRP NE1  N Y N 350 
TRP CE2  C Y N 351 
TRP CE3  C Y N 352 
TRP CZ2  C Y N 353 
TRP CZ3  C Y N 354 
TRP CH2  C Y N 355 
TRP OXT  O N N 356 
TRP H    H N N 357 
TRP H2   H N N 358 
TRP HA   H N N 359 
TRP HB2  H N N 360 
TRP HB3  H N N 361 
TRP HD1  H N N 362 
TRP HE1  H N N 363 
TRP HE3  H N N 364 
TRP HZ2  H N N 365 
TRP HZ3  H N N 366 
TRP HH2  H N N 367 
TRP HXT  H N N 368 
TYR N    N N N 369 
TYR CA   C N S 370 
TYR C    C N N 371 
TYR O    O N N 372 
TYR CB   C N N 373 
TYR CG   C Y N 374 
TYR CD1  C Y N 375 
TYR CD2  C Y N 376 
TYR CE1  C Y N 377 
TYR CE2  C Y N 378 
TYR CZ   C Y N 379 
TYR OH   O N N 380 
TYR OXT  O N N 381 
TYR H    H N N 382 
TYR H2   H N N 383 
TYR HA   H N N 384 
TYR HB2  H N N 385 
TYR HB3  H N N 386 
TYR HD1  H N N 387 
TYR HD2  H N N 388 
TYR HE1  H N N 389 
TYR HE2  H N N 390 
TYR HH   H N N 391 
TYR HXT  H N N 392 
VAL N    N N N 393 
VAL CA   C N S 394 
VAL C    C N N 395 
VAL O    O N N 396 
VAL CB   C N N 397 
VAL CG1  C N N 398 
VAL CG2  C N N 399 
VAL OXT  O N N 400 
VAL H    H N N 401 
VAL H2   H N N 402 
VAL HA   H N N 403 
VAL HB   H N N 404 
VAL HG11 H N N 405 
VAL HG12 H N N 406 
VAL HG13 H N N 407 
VAL HG21 H N N 408 
VAL HG22 H N N 409 
VAL HG23 H N N 410 
VAL HXT  H N N 411 
# 
loop_
_chem_comp_bond.comp_id 
_chem_comp_bond.atom_id_1 
_chem_comp_bond.atom_id_2 
_chem_comp_bond.value_order 
_chem_comp_bond.pdbx_aromatic_flag 
_chem_comp_bond.pdbx_stereo_config 
_chem_comp_bond.pdbx_ordinal 
6C4 C9  C8   sing N N 1   
6C4 C9  C10  sing N N 2   
6C4 C8  C7   sing N N 3   
6C4 C10 C11  sing N N 4   
6C4 C3  C4   sing N N 5   
6C4 C3  C2   sing N N 6   
6C4 C11 C7   sing N N 7   
6C4 C7  C6   sing N N 8   
6C4 C4  C    sing N N 9   
6C4 N   C6   sing N N 10  
6C4 N   C5   sing N N 11  
6C4 C2  C5   sing N N 12  
6C4 C2  C1   sing N N 13  
6C4 C5  O    doub N N 14  
6C4 C   C1   sing N N 15  
6C4 C2  H1   sing N N 16  
6C4 C4  H2   sing N N 17  
6C4 C4  H3   sing N N 18  
6C4 C6  H4   sing N N 19  
6C4 C6  H5   sing N N 20  
6C4 C7  H6   sing N N 21  
6C4 C9  H7   sing N N 22  
6C4 C9  H8   sing N N 23  
6C4 C11 H9   sing N N 24  
6C4 C11 H10  sing N N 25  
6C4 C1  H11  sing N N 26  
6C4 C1  H12  sing N N 27  
6C4 C3  H13  sing N N 28  
6C4 C3  H14  sing N N 29  
6C4 C   H15  sing N N 30  
6C4 C   H16  sing N N 31  
6C4 N   H17  sing N N 32  
6C4 C10 H18  sing N N 33  
6C4 C10 H19  sing N N 34  
6C4 C8  H20  sing N N 35  
6C4 C8  H21  sing N N 36  
ALA N   CA   sing N N 37  
ALA N   H    sing N N 38  
ALA N   H2   sing N N 39  
ALA CA  C    sing N N 40  
ALA CA  CB   sing N N 41  
ALA CA  HA   sing N N 42  
ALA C   O    doub N N 43  
ALA C   OXT  sing N N 44  
ALA CB  HB1  sing N N 45  
ALA CB  HB2  sing N N 46  
ALA CB  HB3  sing N N 47  
ALA OXT HXT  sing N N 48  
ARG N   CA   sing N N 49  
ARG N   H    sing N N 50  
ARG N   H2   sing N N 51  
ARG CA  C    sing N N 52  
ARG CA  CB   sing N N 53  
ARG CA  HA   sing N N 54  
ARG C   O    doub N N 55  
ARG C   OXT  sing N N 56  
ARG CB  CG   sing N N 57  
ARG CB  HB2  sing N N 58  
ARG CB  HB3  sing N N 59  
ARG CG  CD   sing N N 60  
ARG CG  HG2  sing N N 61  
ARG CG  HG3  sing N N 62  
ARG CD  NE   sing N N 63  
ARG CD  HD2  sing N N 64  
ARG CD  HD3  sing N N 65  
ARG NE  CZ   sing N N 66  
ARG NE  HE   sing N N 67  
ARG CZ  NH1  sing N N 68  
ARG CZ  NH2  doub N N 69  
ARG NH1 HH11 sing N N 70  
ARG NH1 HH12 sing N N 71  
ARG NH2 HH21 sing N N 72  
ARG NH2 HH22 sing N N 73  
ARG OXT HXT  sing N N 74  
ASN N   CA   sing N N 75  
ASN N   H    sing N N 76  
ASN N   H2   sing N N 77  
ASN CA  C    sing N N 78  
ASN CA  CB   sing N N 79  
ASN CA  HA   sing N N 80  
ASN C   O    doub N N 81  
ASN C   OXT  sing N N 82  
ASN CB  CG   sing N N 83  
ASN CB  HB2  sing N N 84  
ASN CB  HB3  sing N N 85  
ASN CG  OD1  doub N N 86  
ASN CG  ND2  sing N N 87  
ASN ND2 HD21 sing N N 88  
ASN ND2 HD22 sing N N 89  
ASN OXT HXT  sing N N 90  
ASP N   CA   sing N N 91  
ASP N   H    sing N N 92  
ASP N   H2   sing N N 93  
ASP CA  C    sing N N 94  
ASP CA  CB   sing N N 95  
ASP CA  HA   sing N N 96  
ASP C   O    doub N N 97  
ASP C   OXT  sing N N 98  
ASP CB  CG   sing N N 99  
ASP CB  HB2  sing N N 100 
ASP CB  HB3  sing N N 101 
ASP CG  OD1  doub N N 102 
ASP CG  OD2  sing N N 103 
ASP OD2 HD2  sing N N 104 
ASP OXT HXT  sing N N 105 
GLN N   CA   sing N N 106 
GLN N   H    sing N N 107 
GLN N   H2   sing N N 108 
GLN CA  C    sing N N 109 
GLN CA  CB   sing N N 110 
GLN CA  HA   sing N N 111 
GLN C   O    doub N N 112 
GLN C   OXT  sing N N 113 
GLN CB  CG   sing N N 114 
GLN CB  HB2  sing N N 115 
GLN CB  HB3  sing N N 116 
GLN CG  CD   sing N N 117 
GLN CG  HG2  sing N N 118 
GLN CG  HG3  sing N N 119 
GLN CD  OE1  doub N N 120 
GLN CD  NE2  sing N N 121 
GLN NE2 HE21 sing N N 122 
GLN NE2 HE22 sing N N 123 
GLN OXT HXT  sing N N 124 
GLU N   CA   sing N N 125 
GLU N   H    sing N N 126 
GLU N   H2   sing N N 127 
GLU CA  C    sing N N 128 
GLU CA  CB   sing N N 129 
GLU CA  HA   sing N N 130 
GLU C   O    doub N N 131 
GLU C   OXT  sing N N 132 
GLU CB  CG   sing N N 133 
GLU CB  HB2  sing N N 134 
GLU CB  HB3  sing N N 135 
GLU CG  CD   sing N N 136 
GLU CG  HG2  sing N N 137 
GLU CG  HG3  sing N N 138 
GLU CD  OE1  doub N N 139 
GLU CD  OE2  sing N N 140 
GLU OE2 HE2  sing N N 141 
GLU OXT HXT  sing N N 142 
GLY N   CA   sing N N 143 
GLY N   H    sing N N 144 
GLY N   H2   sing N N 145 
GLY CA  C    sing N N 146 
GLY CA  HA2  sing N N 147 
GLY CA  HA3  sing N N 148 
GLY C   O    doub N N 149 
GLY C   OXT  sing N N 150 
GLY OXT HXT  sing N N 151 
HIS N   CA   sing N N 152 
HIS N   H    sing N N 153 
HIS N   H2   sing N N 154 
HIS CA  C    sing N N 155 
HIS CA  CB   sing N N 156 
HIS CA  HA   sing N N 157 
HIS C   O    doub N N 158 
HIS C   OXT  sing N N 159 
HIS CB  CG   sing N N 160 
HIS CB  HB2  sing N N 161 
HIS CB  HB3  sing N N 162 
HIS CG  ND1  sing Y N 163 
HIS CG  CD2  doub Y N 164 
HIS ND1 CE1  doub Y N 165 
HIS ND1 HD1  sing N N 166 
HIS CD2 NE2  sing Y N 167 
HIS CD2 HD2  sing N N 168 
HIS CE1 NE2  sing Y N 169 
HIS CE1 HE1  sing N N 170 
HIS NE2 HE2  sing N N 171 
HIS OXT HXT  sing N N 172 
HOH O   H1   sing N N 173 
HOH O   H2   sing N N 174 
ILE N   CA   sing N N 175 
ILE N   H    sing N N 176 
ILE N   H2   sing N N 177 
ILE CA  C    sing N N 178 
ILE CA  CB   sing N N 179 
ILE CA  HA   sing N N 180 
ILE C   O    doub N N 181 
ILE C   OXT  sing N N 182 
ILE CB  CG1  sing N N 183 
ILE CB  CG2  sing N N 184 
ILE CB  HB   sing N N 185 
ILE CG1 CD1  sing N N 186 
ILE CG1 HG12 sing N N 187 
ILE CG1 HG13 sing N N 188 
ILE CG2 HG21 sing N N 189 
ILE CG2 HG22 sing N N 190 
ILE CG2 HG23 sing N N 191 
ILE CD1 HD11 sing N N 192 
ILE CD1 HD12 sing N N 193 
ILE CD1 HD13 sing N N 194 
ILE OXT HXT  sing N N 195 
LEU N   CA   sing N N 196 
LEU N   H    sing N N 197 
LEU N   H2   sing N N 198 
LEU CA  C    sing N N 199 
LEU CA  CB   sing N N 200 
LEU CA  HA   sing N N 201 
LEU C   O    doub N N 202 
LEU C   OXT  sing N N 203 
LEU CB  CG   sing N N 204 
LEU CB  HB2  sing N N 205 
LEU CB  HB3  sing N N 206 
LEU CG  CD1  sing N N 207 
LEU CG  CD2  sing N N 208 
LEU CG  HG   sing N N 209 
LEU CD1 HD11 sing N N 210 
LEU CD1 HD12 sing N N 211 
LEU CD1 HD13 sing N N 212 
LEU CD2 HD21 sing N N 213 
LEU CD2 HD22 sing N N 214 
LEU CD2 HD23 sing N N 215 
LEU OXT HXT  sing N N 216 
LYS N   CA   sing N N 217 
LYS N   H    sing N N 218 
LYS N   H2   sing N N 219 
LYS CA  C    sing N N 220 
LYS CA  CB   sing N N 221 
LYS CA  HA   sing N N 222 
LYS C   O    doub N N 223 
LYS C   OXT  sing N N 224 
LYS CB  CG   sing N N 225 
LYS CB  HB2  sing N N 226 
LYS CB  HB3  sing N N 227 
LYS CG  CD   sing N N 228 
LYS CG  HG2  sing N N 229 
LYS CG  HG3  sing N N 230 
LYS CD  CE   sing N N 231 
LYS CD  HD2  sing N N 232 
LYS CD  HD3  sing N N 233 
LYS CE  NZ   sing N N 234 
LYS CE  HE2  sing N N 235 
LYS CE  HE3  sing N N 236 
LYS NZ  HZ1  sing N N 237 
LYS NZ  HZ2  sing N N 238 
LYS NZ  HZ3  sing N N 239 
LYS OXT HXT  sing N N 240 
MET N   CA   sing N N 241 
MET N   H    sing N N 242 
MET N   H2   sing N N 243 
MET CA  C    sing N N 244 
MET CA  CB   sing N N 245 
MET CA  HA   sing N N 246 
MET C   O    doub N N 247 
MET C   OXT  sing N N 248 
MET CB  CG   sing N N 249 
MET CB  HB2  sing N N 250 
MET CB  HB3  sing N N 251 
MET CG  SD   sing N N 252 
MET CG  HG2  sing N N 253 
MET CG  HG3  sing N N 254 
MET SD  CE   sing N N 255 
MET CE  HE1  sing N N 256 
MET CE  HE2  sing N N 257 
MET CE  HE3  sing N N 258 
MET OXT HXT  sing N N 259 
PHE N   CA   sing N N 260 
PHE N   H    sing N N 261 
PHE N   H2   sing N N 262 
PHE CA  C    sing N N 263 
PHE CA  CB   sing N N 264 
PHE CA  HA   sing N N 265 
PHE C   O    doub N N 266 
PHE C   OXT  sing N N 267 
PHE CB  CG   sing N N 268 
PHE CB  HB2  sing N N 269 
PHE CB  HB3  sing N N 270 
PHE CG  CD1  doub Y N 271 
PHE CG  CD2  sing Y N 272 
PHE CD1 CE1  sing Y N 273 
PHE CD1 HD1  sing N N 274 
PHE CD2 CE2  doub Y N 275 
PHE CD2 HD2  sing N N 276 
PHE CE1 CZ   doub Y N 277 
PHE CE1 HE1  sing N N 278 
PHE CE2 CZ   sing Y N 279 
PHE CE2 HE2  sing N N 280 
PHE CZ  HZ   sing N N 281 
PHE OXT HXT  sing N N 282 
PRO N   CA   sing N N 283 
PRO N   CD   sing N N 284 
PRO N   H    sing N N 285 
PRO CA  C    sing N N 286 
PRO CA  CB   sing N N 287 
PRO CA  HA   sing N N 288 
PRO C   O    doub N N 289 
PRO C   OXT  sing N N 290 
PRO CB  CG   sing N N 291 
PRO CB  HB2  sing N N 292 
PRO CB  HB3  sing N N 293 
PRO CG  CD   sing N N 294 
PRO CG  HG2  sing N N 295 
PRO CG  HG3  sing N N 296 
PRO CD  HD2  sing N N 297 
PRO CD  HD3  sing N N 298 
PRO OXT HXT  sing N N 299 
SER N   CA   sing N N 300 
SER N   H    sing N N 301 
SER N   H2   sing N N 302 
SER CA  C    sing N N 303 
SER CA  CB   sing N N 304 
SER CA  HA   sing N N 305 
SER C   O    doub N N 306 
SER C   OXT  sing N N 307 
SER CB  OG   sing N N 308 
SER CB  HB2  sing N N 309 
SER CB  HB3  sing N N 310 
SER OG  HG   sing N N 311 
SER OXT HXT  sing N N 312 
THR N   CA   sing N N 313 
THR N   H    sing N N 314 
THR N   H2   sing N N 315 
THR CA  C    sing N N 316 
THR CA  CB   sing N N 317 
THR CA  HA   sing N N 318 
THR C   O    doub N N 319 
THR C   OXT  sing N N 320 
THR CB  OG1  sing N N 321 
THR CB  CG2  sing N N 322 
THR CB  HB   sing N N 323 
THR OG1 HG1  sing N N 324 
THR CG2 HG21 sing N N 325 
THR CG2 HG22 sing N N 326 
THR CG2 HG23 sing N N 327 
THR OXT HXT  sing N N 328 
TRP N   CA   sing N N 329 
TRP N   H    sing N N 330 
TRP N   H2   sing N N 331 
TRP CA  C    sing N N 332 
TRP CA  CB   sing N N 333 
TRP CA  HA   sing N N 334 
TRP C   O    doub N N 335 
TRP C   OXT  sing N N 336 
TRP CB  CG   sing N N 337 
TRP CB  HB2  sing N N 338 
TRP CB  HB3  sing N N 339 
TRP CG  CD1  doub Y N 340 
TRP CG  CD2  sing Y N 341 
TRP CD1 NE1  sing Y N 342 
TRP CD1 HD1  sing N N 343 
TRP CD2 CE2  doub Y N 344 
TRP CD2 CE3  sing Y N 345 
TRP NE1 CE2  sing Y N 346 
TRP NE1 HE1  sing N N 347 
TRP CE2 CZ2  sing Y N 348 
TRP CE3 CZ3  doub Y N 349 
TRP CE3 HE3  sing N N 350 
TRP CZ2 CH2  doub Y N 351 
TRP CZ2 HZ2  sing N N 352 
TRP CZ3 CH2  sing Y N 353 
TRP CZ3 HZ3  sing N N 354 
TRP CH2 HH2  sing N N 355 
TRP OXT HXT  sing N N 356 
TYR N   CA   sing N N 357 
TYR N   H    sing N N 358 
TYR N   H2   sing N N 359 
TYR CA  C    sing N N 360 
TYR CA  CB   sing N N 361 
TYR CA  HA   sing N N 362 
TYR C   O    doub N N 363 
TYR C   OXT  sing N N 364 
TYR CB  CG   sing N N 365 
TYR CB  HB2  sing N N 366 
TYR CB  HB3  sing N N 367 
TYR CG  CD1  doub Y N 368 
TYR CG  CD2  sing Y N 369 
TYR CD1 CE1  sing Y N 370 
TYR CD1 HD1  sing N N 371 
TYR CD2 CE2  doub Y N 372 
TYR CD2 HD2  sing N N 373 
TYR CE1 CZ   doub Y N 374 
TYR CE1 HE1  sing N N 375 
TYR CE2 CZ   sing Y N 376 
TYR CE2 HE2  sing N N 377 
TYR CZ  OH   sing N N 378 
TYR OH  HH   sing N N 379 
TYR OXT HXT  sing N N 380 
VAL N   CA   sing N N 381 
VAL N   H    sing N N 382 
VAL N   H2   sing N N 383 
VAL CA  C    sing N N 384 
VAL CA  CB   sing N N 385 
VAL CA  HA   sing N N 386 
VAL C   O    doub N N 387 
VAL C   OXT  sing N N 388 
VAL CB  CG1  sing N N 389 
VAL CB  CG2  sing N N 390 
VAL CB  HB   sing N N 391 
VAL CG1 HG11 sing N N 392 
VAL CG1 HG12 sing N N 393 
VAL CG1 HG13 sing N N 394 
VAL CG2 HG21 sing N N 395 
VAL CG2 HG22 sing N N 396 
VAL CG2 HG23 sing N N 397 
VAL OXT HXT  sing N N 398 
# 
loop_
_pdbx_audit_support.funding_organization 
_pdbx_audit_support.country 
_pdbx_audit_support.grant_number 
_pdbx_audit_support.ordinal 
'Engineering and Physical Sciences Research Council' 'United Kingdom' ? 1 
'Bill & Melinda Gates Foundation'                    'United States'  ? 2 
'European Union'                                     ?                ? 3 
# 
_pdbx_initial_refinement_model.id               1 
_pdbx_initial_refinement_model.entity_id_list   ? 
_pdbx_initial_refinement_model.type             'experimental model' 
_pdbx_initial_refinement_model.source_name      PDB 
_pdbx_initial_refinement_model.accession_code   1T56 
_pdbx_initial_refinement_model.details          ? 
# 
_atom_sites.entry_id                    5IOZ 
_atom_sites.fract_transf_matrix[1][1]   0.00622150 
_atom_sites.fract_transf_matrix[1][2]   -0.00523626 
_atom_sites.fract_transf_matrix[1][3]   0.00111616 
_atom_sites.fract_transf_matrix[2][1]   0.00370170 
_atom_sites.fract_transf_matrix[2][2]   0.00544332 
_atom_sites.fract_transf_matrix[2][3]   0.00490295 
_atom_sites.fract_transf_matrix[3][1]   -0.01394241 
_atom_sites.fract_transf_matrix[3][2]   -0.01158124 
_atom_sites.fract_transf_matrix[3][3]   0.02338409 
_atom_sites.fract_transf_vector[1]      0.288913 
_atom_sites.fract_transf_vector[2]      0.141149 
_atom_sites.fract_transf_vector[3]      -0.008835 
# 
loop_
_atom_type.symbol 
C 
N 
O 
S 
# 
loop_
_atom_site.group_PDB 
_atom_site.id 
_atom_site.type_symbol 
_atom_site.label_atom_id 
_atom_site.label_alt_id 
_atom_site.label_comp_id 
_atom_site.label_asym_id 
_atom_site.label_entity_id 
_atom_site.label_seq_id 
_atom_site.pdbx_PDB_ins_code 
_atom_site.Cartn_x 
_atom_site.Cartn_y 
_atom_site.Cartn_z 
_atom_site.occupancy 
_atom_site.B_iso_or_equiv 
_atom_site.pdbx_formal_charge 
_atom_site.auth_seq_id 
_atom_site.auth_comp_id 
_atom_site.auth_asym_id 
_atom_site.auth_atom_id 
_atom_site.pdbx_PDB_model_num 
ATOM   1    N N   . GLY A 1 22  ? 21.633  -17.747 2.931   1.00 52.33 ? 22  GLY A N   1 
ATOM   2    C CA  . GLY A 1 22  ? 21.504  -17.120 1.595   1.00 64.05 ? 22  GLY A CA  1 
ATOM   3    C C   . GLY A 1 22  ? 20.206  -16.338 1.599   1.00 71.07 ? 22  GLY A C   1 
ATOM   4    O O   . GLY A 1 22  ? 20.054  -15.423 2.410   1.00 63.42 ? 22  GLY A O   1 
ATOM   5    N N   . ASP A 1 23  ? 19.280  -16.700 0.696   1.00 70.42 ? 23  ASP A N   1 
ATOM   6    C CA  . ASP A 1 23  ? 17.904  -16.185 0.704   1.00 67.58 ? 23  ASP A CA  1 
ATOM   7    C C   . ASP A 1 23  ? 17.270  -16.451 2.089   1.00 66.37 ? 23  ASP A C   1 
ATOM   8    O O   . ASP A 1 23  ? 16.546  -15.598 2.599   1.00 64.29 ? 23  ASP A O   1 
ATOM   9    C CB  . ASP A 1 23  ? 17.047  -16.766 -0.453  1.00 57.06 ? 23  ASP A CB  1 
ATOM   10   N N   . ASP A 1 24  ? 17.586  -17.605 2.700   1.00 63.57 ? 24  ASP A N   1 
ATOM   11   C CA  . ASP A 1 24  ? 17.026  -18.018 4.011   1.00 59.98 ? 24  ASP A CA  1 
ATOM   12   C C   . ASP A 1 24  ? 17.516  -17.172 5.191   1.00 50.19 ? 24  ASP A C   1 
ATOM   13   O O   . ASP A 1 24  ? 16.748  -16.872 6.099   1.00 48.82 ? 24  ASP A O   1 
ATOM   14   C CB  . ASP A 1 24  ? 17.299  -19.505 4.316   1.00 66.44 ? 24  ASP A CB  1 
ATOM   15   C CG  . ASP A 1 24  ? 17.217  -20.407 3.069   1.00 80.93 ? 24  ASP A CG  1 
ATOM   16   O OD1 . ASP A 1 24  ? 16.465  -20.083 2.118   1.00 82.65 ? 24  ASP A OD1 1 
ATOM   17   O OD2 . ASP A 1 24  ? 17.919  -21.450 3.039   1.00 80.21 ? 24  ASP A OD2 1 
ATOM   18   N N   . ARG A 1 25  ? 18.787  -16.786 5.207   1.00 45.43 ? 25  ARG A N   1 
ATOM   19   C CA  . ARG A 1 25  ? 19.227  -15.849 6.240   1.00 43.14 ? 25  ARG A CA  1 
ATOM   20   C C   . ARG A 1 25  ? 18.506  -14.469 6.029   1.00 42.35 ? 25  ARG A C   1 
ATOM   21   O O   . ARG A 1 25  ? 17.967  -13.851 6.970   1.00 32.97 ? 25  ARG A O   1 
ATOM   22   C CB  . ARG A 1 25  ? 20.754  -15.758 6.322   1.00 43.94 ? 25  ARG A CB  1 
ATOM   23   C CG  . ARG A 1 25  ? 21.402  -16.798 7.250   1.00 41.72 ? 25  ARG A CG  1 
ATOM   24   N N   . GLU A 1 26  ? 18.460  -14.030 4.780   1.00 42.11 ? 26  GLU A N   1 
ATOM   25   C CA  . GLU A 1 26  ? 17.812  -12.777 4.445   1.00 38.91 ? 26  GLU A CA  1 
ATOM   26   C C   . GLU A 1 26  ? 16.315  -12.799 4.792   1.00 34.17 ? 26  GLU A C   1 
ATOM   27   O O   . GLU A 1 26  ? 15.837  -11.843 5.374   1.00 33.58 ? 26  GLU A O   1 
ATOM   28   C CB  . GLU A 1 26  ? 18.007  -12.517 2.983   1.00 38.58 ? 26  GLU A CB  1 
ATOM   29   C CG  . GLU A 1 26  ? 17.926  -11.070 2.628   1.00 49.57 ? 26  GLU A CG  1 
ATOM   30   C CD  . GLU A 1 26  ? 18.245  -10.829 1.165   1.00 61.77 ? 26  GLU A CD  1 
ATOM   31   O OE1 . GLU A 1 26  ? 19.237  -11.395 0.657   1.00 62.96 ? 26  GLU A OE1 1 
ATOM   32   O OE2 . GLU A 1 26  ? 17.497  -10.060 0.530   1.00 64.73 ? 26  GLU A OE2 1 
ATOM   33   N N   . LEU A 1 27  ? 15.591  -13.883 4.459   1.00 36.43 ? 27  LEU A N   1 
ATOM   34   C CA  . LEU A 1 27  ? 14.163  -13.996 4.773   1.00 35.69 ? 27  LEU A CA  1 
ATOM   35   C C   . LEU A 1 27  ? 13.922  -13.957 6.271   1.00 36.26 ? 27  LEU A C   1 
ATOM   36   O O   . LEU A 1 27  ? 12.941  -13.353 6.770   1.00 32.08 ? 27  LEU A O   1 
ATOM   37   C CB  . LEU A 1 27  ? 13.524  -15.244 4.168   1.00 42.25 ? 27  LEU A CB  1 
ATOM   38   C CG  . LEU A 1 27  ? 13.330  -15.292 2.646   1.00 43.43 ? 27  LEU A CG  1 
ATOM   39   C CD1 . LEU A 1 27  ? 12.896  -16.677 2.184   1.00 53.35 ? 27  LEU A CD1 1 
ATOM   40   C CD2 . LEU A 1 27  ? 12.326  -14.250 2.150   1.00 43.45 ? 27  LEU A CD2 1 
ATOM   41   N N   . ALA A 1 28  ? 14.840  -14.573 7.011   1.00 33.28 ? 28  ALA A N   1 
ATOM   42   C CA  . ALA A 1 28  ? 14.721  -14.651 8.473   1.00 32.75 ? 28  ALA A CA  1 
ATOM   43   C C   . ALA A 1 28  ? 14.875  -13.272 9.040   1.00 27.21 ? 28  ALA A C   1 
ATOM   44   O O   . ALA A 1 28  ? 14.193  -12.924 10.025  1.00 32.16 ? 28  ALA A O   1 
ATOM   45   C CB  . ALA A 1 28  ? 15.807  -15.565 9.080   1.00 30.79 ? 28  ALA A CB  1 
ATOM   46   N N   . ILE A 1 29  ? 15.799  -12.483 8.473   1.00 23.33 ? 29  ILE A N   1 
ATOM   47   C CA  . ILE A 1 29  ? 16.016  -11.144 9.002   1.00 23.99 ? 29  ILE A CA  1 
ATOM   48   C C   . ILE A 1 29  ? 14.688  -10.317 8.702   1.00 23.84 ? 29  ILE A C   1 
ATOM   49   O O   . ILE A 1 29  ? 14.215  -9.582  9.541   1.00 25.92 ? 29  ILE A O   1 
ATOM   50   C CB  . ILE A 1 29  ? 17.196  -10.459 8.302   1.00 25.78 ? 29  ILE A CB  1 
ATOM   51   C CG1 . ILE A 1 29  ? 18.532  -11.046 8.786   1.00 28.22 ? 29  ILE A CG1 1 
ATOM   52   C CG2 . ILE A 1 29  ? 17.191  -8.953  8.622   1.00 23.25 ? 29  ILE A CG2 1 
ATOM   53   C CD1 . ILE A 1 29  ? 19.736  -10.518 7.990   1.00 29.65 ? 29  ILE A CD1 1 
ATOM   54   N N   . LEU A 1 30  ? 14.160  -10.438 7.491   1.00 24.13 ? 30  LEU A N   1 
ATOM   55   C CA  . LEU A 1 30  ? 12.901  -9.716  7.093   1.00 29.70 ? 30  LEU A CA  1 
ATOM   56   C C   . LEU A 1 30  ? 11.724  -10.114 8.017   1.00 27.55 ? 30  LEU A C   1 
ATOM   57   O O   . LEU A 1 30  ? 11.006  -9.234  8.539   1.00 29.95 ? 30  LEU A O   1 
ATOM   58   C CB  . LEU A 1 30  ? 12.560  -9.988  5.632   1.00 26.72 ? 30  LEU A CB  1 
ATOM   59   C CG  . LEU A 1 30  ? 13.552  -9.366  4.652   1.00 29.78 ? 30  LEU A CG  1 
ATOM   60   C CD1 . LEU A 1 30  ? 13.358  -10.012 3.306   1.00 30.24 ? 30  LEU A CD1 1 
ATOM   61   C CD2 . LEU A 1 30  ? 13.479  -7.825  4.555   1.00 27.74 ? 30  LEU A CD2 1 
ATOM   62   N N   . ALA A 1 31  ? 11.599  -11.419 8.277   1.00 25.89 ? 31  ALA A N   1 
ATOM   63   C CA  . ALA A 1 31  ? 10.503  -11.915 9.111   1.00 27.71 ? 31  ALA A CA  1 
ATOM   64   C C   . ALA A 1 31  ? 10.638  -11.469 10.543  1.00 30.41 ? 31  ALA A C   1 
ATOM   65   O O   . ALA A 1 31  ? 9.656   -11.050 11.171  1.00 31.17 ? 31  ALA A O   1 
ATOM   66   C CB  . ALA A 1 31  ? 10.384  -13.436 8.990   1.00 29.15 ? 31  ALA A CB  1 
ATOM   67   N N   . THR A 1 32  ? 11.865  -11.440 11.057  1.00 31.06 ? 32  THR A N   1 
ATOM   68   C CA  . THR A 1 32  ? 12.147  -10.921 12.427  1.00 31.64 ? 32  THR A CA  1 
ATOM   69   C C   . THR A 1 32  ? 11.789  -9.464  12.516  1.00 30.15 ? 32  THR A C   1 
ATOM   70   O O   . THR A 1 32  ? 11.139  -9.074  13.459  1.00 30.75 ? 32  THR A O   1 
ATOM   71   C CB  . THR A 1 32  ? 13.626  -11.108 12.858  1.00 30.14 ? 32  THR A CB  1 
ATOM   72   O OG1 . THR A 1 32  ? 13.938  -12.500 12.784  1.00 34.92 ? 32  THR A OG1 1 
ATOM   73   C CG2 . THR A 1 32  ? 13.902  -10.601 14.284  1.00 30.78 ? 32  THR A CG2 1 
ATOM   74   N N   . ALA A 1 33  ? 12.200  -8.668  11.527  1.00 27.93 ? 33  ALA A N   1 
ATOM   75   C CA  . ALA A 1 33  ? 11.847  -7.286  11.502  1.00 26.96 ? 33  ALA A CA  1 
ATOM   76   C C   . ALA A 1 33  ? 10.271  -7.043  11.448  1.00 26.12 ? 33  ALA A C   1 
ATOM   77   O O   . ALA A 1 33  ? 9.752   -6.259  12.221  1.00 25.67 ? 33  ALA A O   1 
ATOM   78   C CB  . ALA A 1 33  ? 12.534  -6.597  10.336  1.00 25.95 ? 33  ALA A CB  1 
ATOM   79   N N   . GLU A 1 34  ? 9.561   -7.747  10.571  1.00 29.02 ? 34  GLU A N   1 
ATOM   80   C CA  . GLU A 1 34  ? 8.113   -7.611  10.527  1.00 31.67 ? 34  GLU A CA  1 
ATOM   81   C C   . GLU A 1 34  ? 7.507   -8.002  11.902  1.00 34.06 ? 34  GLU A C   1 
ATOM   82   O O   . GLU A 1 34  ? 6.645   -7.284  12.422  1.00 27.85 ? 34  GLU A O   1 
ATOM   83   C CB  . GLU A 1 34  ? 7.499   -8.416  9.375   1.00 35.24 ? 34  GLU A CB  1 
ATOM   84   C CG  . GLU A 1 34  ? 6.004   -8.078  9.162   1.00 40.65 ? 34  GLU A CG  1 
ATOM   85   C CD  . GLU A 1 34  ? 5.459   -8.515  7.787   1.00 43.75 ? 34  GLU A CD  1 
ATOM   86   O OE1 . GLU A 1 34  ? 6.073   -9.397  7.137   1.00 41.85 ? 34  GLU A OE1 1 
ATOM   87   O OE2 . GLU A 1 34  ? 4.376   -8.022  7.356   1.00 40.53 ? 34  GLU A OE2 1 
ATOM   88   N N   . ASN A 1 35  ? 7.992   -9.092  12.507  1.00 29.48 ? 35  ASN A N   1 
ATOM   89   C CA  . ASN A 1 35  ? 7.550   -9.460  13.866  1.00 33.99 ? 35  ASN A CA  1 
ATOM   90   C C   . ASN A 1 35  ? 7.755   -8.405  14.894  1.00 34.46 ? 35  ASN A C   1 
ATOM   91   O O   . ASN A 1 35  ? 6.824   -8.086  15.627  1.00 36.10 ? 35  ASN A O   1 
ATOM   92   C CB  . ASN A 1 35  ? 8.100   -10.785 14.367  1.00 37.19 ? 35  ASN A CB  1 
ATOM   93   C CG  . ASN A 1 35  ? 7.645   -11.939 13.525  1.00 47.23 ? 35  ASN A CG  1 
ATOM   94   O OD1 . ASN A 1 35  ? 6.534   -11.953 12.997  1.00 55.78 ? 35  ASN A OD1 1 
ATOM   95   N ND2 . ASN A 1 35  ? 8.504   -12.938 13.401  1.00 56.11 ? 35  ASN A ND2 1 
ATOM   96   N N   . LEU A 1 36  ? 8.961   -7.850  14.978  1.00 32.24 ? 36  LEU A N   1 
ATOM   97   C CA  . LEU A 1 36  ? 9.223   -6.841  15.998  1.00 32.48 ? 36  LEU A CA  1 
ATOM   98   C C   . LEU A 1 36  ? 8.476   -5.521  15.784  1.00 35.82 ? 36  LEU A C   1 
ATOM   99   O O   . LEU A 1 36  ? 8.212   -4.803  16.740  1.00 33.74 ? 36  LEU A O   1 
ATOM   100  C CB  . LEU A 1 36  ? 10.745  -6.585  16.109  1.00 32.28 ? 36  LEU A CB  1 
ATOM   101  C CG  . LEU A 1 36  ? 11.556  -7.805  16.648  1.00 34.12 ? 36  LEU A CG  1 
ATOM   102  C CD1 . LEU A 1 36  ? 13.027  -7.423  16.686  1.00 35.96 ? 36  LEU A CD1 1 
ATOM   103  C CD2 . LEU A 1 36  ? 11.090  -8.244  18.039  1.00 35.04 ? 36  LEU A CD2 1 
ATOM   104  N N   . LEU A 1 37  ? 8.217   -5.175  14.521  1.00 29.88 ? 37  LEU A N   1 
ATOM   105  C CA  . LEU A 1 37  ? 7.526   -3.944  14.175  1.00 30.84 ? 37  LEU A CA  1 
ATOM   106  C C   . LEU A 1 37  ? 6.081   -4.023  14.644  1.00 31.57 ? 37  LEU A C   1 
ATOM   107  O O   . LEU A 1 37  ? 5.452   -3.009  14.760  1.00 30.13 ? 37  LEU A O   1 
ATOM   108  C CB  . LEU A 1 37  ? 7.540   -3.695  12.673  1.00 30.31 ? 37  LEU A CB  1 
ATOM   109  C CG  . LEU A 1 37  ? 8.879   -3.060  12.260  1.00 31.79 ? 37  LEU A CG  1 
ATOM   110  C CD1 . LEU A 1 37  ? 9.003   -3.067  10.738  1.00 25.33 ? 37  LEU A CD1 1 
ATOM   111  C CD2 . LEU A 1 37  ? 9.103   -1.677  12.861  1.00 28.49 ? 37  LEU A CD2 1 
ATOM   112  N N   . GLU A 1 38  ? 5.552   -5.214  14.887  1.00 34.31 ? 38  GLU A N   1 
ATOM   113  C CA  . GLU A 1 38  ? 4.191   -5.296  15.500  1.00 42.88 ? 38  GLU A CA  1 
ATOM   114  C C   . GLU A 1 38  ? 4.125   -4.710  16.930  1.00 48.01 ? 38  GLU A C   1 
ATOM   115  O O   . GLU A 1 38  ? 3.137   -4.104  17.304  1.00 53.16 ? 38  GLU A O   1 
ATOM   116  C CB  . GLU A 1 38  ? 3.664   -6.717  15.416  1.00 47.07 ? 38  GLU A CB  1 
ATOM   117  C CG  . GLU A 1 38  ? 2.885   -6.941  14.129  1.00 64.44 ? 38  GLU A CG  1 
ATOM   118  C CD  . GLU A 1 38  ? 3.409   -8.096  13.295  1.00 74.51 ? 38  GLU A CD  1 
ATOM   119  O OE1 . GLU A 1 38  ? 3.563   -9.210  13.851  1.00 78.88 ? 38  GLU A OE1 1 
ATOM   120  O OE2 . GLU A 1 38  ? 3.671   -7.891  12.077  1.00 69.65 ? 38  GLU A OE2 1 
ATOM   121  N N   . ASP A 1 39  ? 5.218   -4.802  17.682  1.00 51.09 ? 39  ASP A N   1 
ATOM   122  C CA  . ASP A 1 39  ? 5.258   -4.380  19.083  1.00 55.08 ? 39  ASP A CA  1 
ATOM   123  C C   . ASP A 1 39  ? 5.937   -3.066  19.323  1.00 51.84 ? 39  ASP A C   1 
ATOM   124  O O   . ASP A 1 39  ? 5.711   -2.468  20.352  1.00 54.77 ? 39  ASP A O   1 
ATOM   125  C CB  . ASP A 1 39  ? 5.955   -5.424  19.940  1.00 62.24 ? 39  ASP A CB  1 
ATOM   126  C CG  . ASP A 1 39  ? 5.484   -6.813  19.628  1.00 75.61 ? 39  ASP A CG  1 
ATOM   127  O OD1 . ASP A 1 39  ? 4.301   -7.131  19.919  1.00 76.87 ? 39  ASP A OD1 1 
ATOM   128  O OD2 . ASP A 1 39  ? 6.293   -7.573  19.052  1.00 85.62 ? 39  ASP A OD2 1 
ATOM   129  N N   . ARG A 1 40  ? 6.791   -2.616  18.415  1.00 46.66 ? 40  ARG A N   1 
ATOM   130  C CA  . ARG A 1 40  ? 7.439   -1.325  18.618  1.00 43.82 ? 40  ARG A CA  1 
ATOM   131  C C   . ARG A 1 40  ? 7.923   -0.682  17.362  1.00 39.20 ? 40  ARG A C   1 
ATOM   132  O O   . ARG A 1 40  ? 8.031   -1.337  16.336  1.00 39.07 ? 40  ARG A O   1 
ATOM   133  C CB  . ARG A 1 40  ? 8.626   -1.453  19.559  1.00 53.06 ? 40  ARG A CB  1 
ATOM   134  C CG  . ARG A 1 40  ? 9.517   -2.645  19.339  1.00 52.06 ? 40  ARG A CG  1 
ATOM   135  C CD  . ARG A 1 40  ? 10.380  -2.749  20.600  1.00 61.31 ? 40  ARG A CD  1 
ATOM   136  N NE  . ARG A 1 40  ? 11.206  -3.950  20.655  1.00 52.66 ? 40  ARG A NE  1 
ATOM   137  C CZ  . ARG A 1 40  ? 10.750  -5.190  20.517  1.00 60.57 ? 40  ARG A CZ  1 
ATOM   138  N NH1 . ARG A 1 40  ? 9.448   -5.442  20.247  1.00 64.38 ? 40  ARG A NH1 1 
ATOM   139  N NH2 . ARG A 1 40  ? 11.619  -6.184  20.594  1.00 52.58 ? 40  ARG A NH2 1 
ATOM   140  N N   . PRO A 1 41  ? 8.237   0.604   17.445  1.00 36.63 ? 41  PRO A N   1 
ATOM   141  C CA  . PRO A 1 41  ? 8.744   1.394   16.345  1.00 37.79 ? 41  PRO A CA  1 
ATOM   142  C C   . PRO A 1 41  ? 10.172  0.964   15.922  1.00 42.11 ? 41  PRO A C   1 
ATOM   143  O O   . PRO A 1 41  ? 10.879  0.348   16.720  1.00 41.33 ? 41  PRO A O   1 
ATOM   144  C CB  . PRO A 1 41  ? 8.823   2.815   16.944  1.00 40.32 ? 41  PRO A CB  1 
ATOM   145  C CG  . PRO A 1 41  ? 8.038   2.780   18.218  1.00 40.72 ? 41  PRO A CG  1 
ATOM   146  C CD  . PRO A 1 41  ? 8.141   1.372   18.698  1.00 39.85 ? 41  PRO A CD  1 
ATOM   147  N N   . LEU A 1 42  ? 10.572  1.347   14.707  1.00 41.23 ? 42  LEU A N   1 
ATOM   148  C CA  . LEU A 1 42  ? 11.901  1.067   14.162  1.00 45.08 ? 42  LEU A CA  1 
ATOM   149  C C   . LEU A 1 42  ? 13.009  1.588   15.103  1.00 49.10 ? 42  LEU A C   1 
ATOM   150  O O   . LEU A 1 42  ? 13.975  0.875   15.386  1.00 48.70 ? 42  LEU A O   1 
ATOM   151  C CB  . LEU A 1 42  ? 12.088  1.672   12.762  1.00 39.33 ? 42  LEU A CB  1 
ATOM   152  C CG  . LEU A 1 42  ? 13.311  1.058   12.050  1.00 38.33 ? 42  LEU A CG  1 
ATOM   153  C CD1 . LEU A 1 42  ? 13.100  -0.452  11.870  1.00 39.05 ? 42  LEU A CD1 1 
ATOM   154  C CD2 . LEU A 1 42  ? 13.597  1.744   10.727  1.00 42.55 ? 42  LEU A CD2 1 
ATOM   155  N N   . ALA A 1 43  ? 12.824  2.813   15.592  1.00 51.85 ? 43  ALA A N   1 
ATOM   156  C CA  . ALA A 1 43  ? 13.712  3.467   16.564  1.00 49.92 ? 43  ALA A CA  1 
ATOM   157  C C   . ALA A 1 43  ? 13.928  2.681   17.870  1.00 54.88 ? 43  ALA A C   1 
ATOM   158  O O   . ALA A 1 43  ? 14.861  2.974   18.606  1.00 61.02 ? 43  ALA A O   1 
ATOM   159  C CB  . ALA A 1 43  ? 13.189  4.851   16.873  1.00 44.70 ? 43  ALA A CB  1 
ATOM   160  N N   . ASP A 1 44  ? 13.071  1.701   18.168  1.00 50.43 ? 44  ASP A N   1 
ATOM   161  C CA  . ASP A 1 44  ? 13.259  0.871   19.351  1.00 45.47 ? 44  ASP A CA  1 
ATOM   162  C C   . ASP A 1 44  ? 13.729  -0.498  18.989  1.00 48.06 ? 44  ASP A C   1 
ATOM   163  O O   . ASP A 1 44  ? 13.736  -1.374  19.840  1.00 52.59 ? 44  ASP A O   1 
ATOM   164  C CB  . ASP A 1 44  ? 11.968  0.671   20.117  1.00 50.13 ? 44  ASP A CB  1 
ATOM   165  C CG  . ASP A 1 44  ? 11.444  1.931   20.740  1.00 58.67 ? 44  ASP A CG  1 
ATOM   166  O OD1 . ASP A 1 44  ? 12.067  3.009   20.606  1.00 67.61 ? 44  ASP A OD1 1 
ATOM   167  O OD2 . ASP A 1 44  ? 10.374  1.840   21.381  1.00 65.43 ? 44  ASP A OD2 1 
ATOM   168  N N   . ILE A 1 45  ? 14.072  -0.719  17.723  1.00 46.96 ? 45  ILE A N   1 
ATOM   169  C CA  . ILE A 1 45  ? 14.606  -2.011  17.315  1.00 43.52 ? 45  ILE A CA  1 
ATOM   170  C C   . ILE A 1 45  ? 16.079  -1.788  16.942  1.00 42.56 ? 45  ILE A C   1 
ATOM   171  O O   . ILE A 1 45  ? 16.409  -0.811  16.254  1.00 44.23 ? 45  ILE A O   1 
ATOM   172  C CB  . ILE A 1 45  ? 13.790  -2.642  16.151  1.00 43.92 ? 45  ILE A CB  1 
ATOM   173  C CG1 . ILE A 1 45  ? 12.290  -2.769  16.505  1.00 42.24 ? 45  ILE A CG1 1 
ATOM   174  C CG2 . ILE A 1 45  ? 14.265  -4.043  15.859  1.00 44.36 ? 45  ILE A CG2 1 
ATOM   175  C CD1 . ILE A 1 45  ? 11.410  -3.014  15.289  1.00 36.68 ? 45  ILE A CD1 1 
ATOM   176  N N   . SER A 1 46  ? 16.961  -2.673  17.407  1.00 43.92 ? 46  SER A N   1 
ATOM   177  C CA  . SER A 1 46  ? 18.401  -2.548  17.082  1.00 46.02 ? 46  SER A CA  1 
ATOM   178  C C   . SER A 1 46  ? 18.834  -3.653  16.134  1.00 42.64 ? 46  SER A C   1 
ATOM   179  O O   . SER A 1 46  ? 18.160  -4.688  16.000  1.00 41.97 ? 46  SER A O   1 
ATOM   180  C CB  . SER A 1 46  ? 19.255  -2.630  18.348  1.00 41.80 ? 46  SER A CB  1 
ATOM   181  O OG  . SER A 1 46  ? 19.194  -3.974  18.811  1.00 42.40 ? 46  SER A OG  1 
ATOM   182  N N   . VAL A 1 47  ? 19.976  -3.443  15.480  1.00 45.63 ? 47  VAL A N   1 
ATOM   183  C CA  . VAL A 1 47  ? 20.552  -4.466  14.590  1.00 41.72 ? 47  VAL A CA  1 
ATOM   184  C C   . VAL A 1 47  ? 20.750  -5.776  15.345  1.00 39.68 ? 47  VAL A C   1 
ATOM   185  O O   . VAL A 1 47  ? 20.452  -6.863  14.828  1.00 36.88 ? 47  VAL A O   1 
ATOM   186  C CB  . VAL A 1 47  ? 21.831  -3.915  13.925  1.00 44.49 ? 47  VAL A CB  1 
ATOM   187  C CG1 . VAL A 1 47  ? 22.718  -5.039  13.410  1.00 42.78 ? 47  VAL A CG1 1 
ATOM   188  C CG2 . VAL A 1 47  ? 21.437  -2.949  12.806  1.00 43.19 ? 47  VAL A CG2 1 
ATOM   189  N N   . ASP A 1 48  ? 21.212  -5.672  16.605  1.00 47.57 ? 48  ASP A N   1 
ATOM   190  C CA  . ASP A 1 48  ? 21.382  -6.853  17.469  1.00 47.13 ? 48  ASP A CA  1 
ATOM   191  C C   . ASP A 1 48  ? 20.087  -7.667  17.565  1.00 43.05 ? 48  ASP A C   1 
ATOM   192  O O   . ASP A 1 48  ? 20.099  -8.912  17.388  1.00 37.43 ? 48  ASP A O   1 
ATOM   193  C CB  . ASP A 1 48  ? 21.954  -6.490  18.871  1.00 53.15 ? 48  ASP A CB  1 
ATOM   194  C CG  . ASP A 1 48  ? 23.372  -5.801  18.805  1.00 63.03 ? 48  ASP A CG  1 
ATOM   195  O OD1 . ASP A 1 48  ? 24.341  -6.332  18.167  1.00 53.34 ? 48  ASP A OD1 1 
ATOM   196  O OD2 . ASP A 1 48  ? 23.514  -4.712  19.411  1.00 63.55 ? 48  ASP A OD2 1 
ATOM   197  N N   . ASP A 1 49  ? 18.968  -6.955  17.793  1.00 43.65 ? 49  ASP A N   1 
ATOM   198  C CA  . ASP A 1 49  ? 17.648  -7.607  17.858  1.00 44.07 ? 49  ASP A CA  1 
ATOM   199  C C   . ASP A 1 49  ? 17.365  -8.383  16.605  1.00 36.95 ? 49  ASP A C   1 
ATOM   200  O O   . ASP A 1 49  ? 16.988  -9.549  16.640  1.00 36.69 ? 49  ASP A O   1 
ATOM   201  C CB  . ASP A 1 49  ? 16.535  -6.559  18.005  1.00 50.28 ? 49  ASP A CB  1 
ATOM   202  C CG  . ASP A 1 49  ? 16.548  -5.889  19.340  1.00 56.50 ? 49  ASP A CG  1 
ATOM   203  O OD1 . ASP A 1 49  ? 16.695  -6.613  20.355  1.00 58.35 ? 49  ASP A OD1 1 
ATOM   204  O OD2 . ASP A 1 49  ? 16.403  -4.638  19.374  1.00 61.46 ? 49  ASP A OD2 1 
ATOM   205  N N   . LEU A 1 50  ? 17.538  -7.722  15.462  1.00 39.14 ? 50  LEU A N   1 
ATOM   206  C CA  . LEU A 1 50  ? 17.322  -8.385  14.168  1.00 31.80 ? 50  LEU A CA  1 
ATOM   207  C C   . LEU A 1 50  ? 18.211  -9.587  13.971  1.00 32.03 ? 50  LEU A C   1 
ATOM   208  O O   . LEU A 1 50  ? 17.752  -10.660 13.518  1.00 32.68 ? 50  LEU A O   1 
ATOM   209  C CB  . LEU A 1 50  ? 17.482  -7.377  13.010  1.00 31.52 ? 50  LEU A CB  1 
ATOM   210  C CG  . LEU A 1 50  ? 16.502  -6.172  12.999  1.00 34.16 ? 50  LEU A CG  1 
ATOM   211  C CD1 . LEU A 1 50  ? 16.717  -5.280  11.784  1.00 32.44 ? 50  LEU A CD1 1 
ATOM   212  C CD2 . LEU A 1 50  ? 15.059  -6.702  13.025  1.00 33.07 ? 50  LEU A CD2 1 
ATOM   213  N N   . ALA A 1 51  ? 19.512  -9.395  14.234  1.00 36.24 ? 51  ALA A N   1 
ATOM   214  C CA  . ALA A 1 51  ? 20.489  -10.516 14.198  1.00 35.59 ? 51  ALA A CA  1 
ATOM   215  C C   . ALA A 1 51  ? 20.051  -11.690 15.085  1.00 30.94 ? 51  ALA A C   1 
ATOM   216  O O   . ALA A 1 51  ? 20.021  -12.841 14.638  1.00 34.37 ? 51  ALA A O   1 
ATOM   217  C CB  . ALA A 1 51  ? 21.883  -10.031 14.652  1.00 30.09 ? 51  ALA A CB  1 
ATOM   218  N N   . LYS A 1 52  ? 19.768  -11.400 16.347  1.00 39.66 ? 52  LYS A N   1 
ATOM   219  C CA  . LYS A 1 52  ? 19.456  -12.487 17.314  1.00 41.89 ? 52  LYS A CA  1 
ATOM   220  C C   . LYS A 1 52  ? 18.262  -13.238 16.787  1.00 41.37 ? 52  LYS A C   1 
ATOM   221  O O   . LYS A 1 52  ? 18.348  -14.433 16.459  1.00 43.26 ? 52  LYS A O   1 
ATOM   222  C CB  . LYS A 1 52  ? 19.226  -11.922 18.734  1.00 46.23 ? 52  LYS A CB  1 
ATOM   223  N N   . GLY A 1 53  ? 17.163  -12.503 16.536  1.00 45.02 ? 53  GLY A N   1 
ATOM   224  C CA  . GLY A 1 53  ? 15.938  -13.145 16.030  1.00 39.73 ? 53  GLY A CA  1 
ATOM   225  C C   . GLY A 1 53  ? 16.188  -13.919 14.767  1.00 37.22 ? 53  GLY A C   1 
ATOM   226  O O   . GLY A 1 53  ? 15.541  -14.932 14.518  1.00 38.93 ? 53  GLY A O   1 
ATOM   227  N N   . ALA A 1 54  ? 17.139  -13.471 13.945  1.00 37.24 ? 54  ALA A N   1 
ATOM   228  C CA  . ALA A 1 54  ? 17.495  -14.243 12.718  1.00 36.42 ? 54  ALA A CA  1 
ATOM   229  C C   . ALA A 1 54  ? 18.527  -15.329 12.952  1.00 33.25 ? 54  ALA A C   1 
ATOM   230  O O   . ALA A 1 54  ? 18.792  -16.138 12.050  1.00 36.23 ? 54  ALA A O   1 
ATOM   231  C CB  . ALA A 1 54  ? 17.963  -13.290 11.588  1.00 39.37 ? 54  ALA A CB  1 
ATOM   232  N N   . GLY A 1 55  ? 19.098  -15.401 14.156  1.00 37.47 ? 55  GLY A N   1 
ATOM   233  C CA  . GLY A 1 55  ? 20.032  -16.544 14.435  1.00 36.13 ? 55  GLY A CA  1 
ATOM   234  C C   . GLY A 1 55  ? 21.436  -16.313 13.834  1.00 36.18 ? 55  GLY A C   1 
ATOM   235  O O   . GLY A 1 55  ? 22.076  -17.242 13.366  1.00 35.20 ? 55  GLY A O   1 
ATOM   236  N N   . ILE A 1 56  ? 21.896  -15.062 13.771  1.00 35.40 ? 56  ILE A N   1 
ATOM   237  C CA  . ILE A 1 56  ? 23.199  -14.774 13.100  1.00 34.34 ? 56  ILE A CA  1 
ATOM   238  C C   . ILE A 1 56  ? 23.825  -13.741 13.965  1.00 30.98 ? 56  ILE A C   1 
ATOM   239  O O   . ILE A 1 56  ? 23.120  -13.148 14.806  1.00 27.87 ? 56  ILE A O   1 
ATOM   240  C CB  . ILE A 1 56  ? 23.035  -14.188 11.647  1.00 30.91 ? 56  ILE A CB  1 
ATOM   241  C CG1 . ILE A 1 56  ? 22.205  -12.889 11.679  1.00 31.30 ? 56  ILE A CG1 1 
ATOM   242  C CG2 . ILE A 1 56  ? 22.541  -15.255 10.635  1.00 31.83 ? 56  ILE A CG2 1 
ATOM   243  C CD1 . ILE A 1 56  ? 21.990  -12.270 10.287  1.00 37.29 ? 56  ILE A CD1 1 
ATOM   244  N N   . SER A 1 57  ? 25.123  -13.455 13.757  1.00 32.83 ? 57  SER A N   1 
ATOM   245  C CA  . SER A 1 57  ? 25.778  -12.323 14.518  1.00 27.69 ? 57  SER A CA  1 
ATOM   246  C C   . SER A 1 57  ? 25.465  -10.975 13.936  1.00 27.82 ? 57  SER A C   1 
ATOM   247  O O   . SER A 1 57  ? 25.036  -10.858 12.776  1.00 26.98 ? 57  SER A O   1 
ATOM   248  C CB  . SER A 1 57  ? 27.306  -12.506 14.539  1.00 28.00 ? 57  SER A CB  1 
ATOM   249  O OG  . SER A 1 57  ? 27.846  -12.409 13.200  1.00 26.35 ? 57  SER A OG  1 
ATOM   250  N N   . ARG A 1 58  ? 25.721  -9.924  14.712  1.00 24.49 ? 58  ARG A N   1 
ATOM   251  C CA  . ARG A 1 58  ? 25.775  -8.596  14.176  1.00 29.99 ? 58  ARG A CA  1 
ATOM   252  C C   . ARG A 1 58  ? 26.609  -8.328  12.907  1.00 29.60 ? 58  ARG A C   1 
ATOM   253  O O   . ARG A 1 58  ? 26.075  -7.686  11.948  1.00 27.37 ? 58  ARG A O   1 
ATOM   254  C CB  . ARG A 1 58  ? 26.086  -7.561  15.281  1.00 32.88 ? 58  ARG A CB  1 
ATOM   255  C CG  . ARG A 1 58  ? 26.663  -6.242  14.778  1.00 45.16 ? 58  ARG A CG  1 
ATOM   256  C CD  . ARG A 1 58  ? 27.367  -5.475  15.918  1.00 51.36 ? 58  ARG A CD  1 
ATOM   257  N NE  . ARG A 1 58  ? 26.913  -4.104  15.960  1.00 48.97 ? 58  ARG A NE  1 
ATOM   258  C CZ  . ARG A 1 58  ? 25.659  -3.758  16.235  1.00 59.03 ? 58  ARG A CZ  1 
ATOM   259  N NH1 . ARG A 1 58  ? 24.777  -4.706  16.501  1.00 66.94 ? 58  ARG A NH1 1 
ATOM   260  N NH2 . ARG A 1 58  ? 25.275  -2.481  16.251  1.00 55.96 ? 58  ARG A NH2 1 
ATOM   261  N N   . PRO A 1 59  ? 27.926  -8.731  12.870  1.00 26.31 ? 59  PRO A N   1 
ATOM   262  C CA  . PRO A 1 59  ? 28.564  -8.437  11.584  1.00 22.75 ? 59  PRO A CA  1 
ATOM   263  C C   . PRO A 1 59  ? 27.971  -9.241  10.403  1.00 20.82 ? 59  PRO A C   1 
ATOM   264  O O   . PRO A 1 59  ? 27.980  -8.769  9.262   1.00 24.09 ? 59  PRO A O   1 
ATOM   265  C CB  . PRO A 1 59  ? 30.055  -8.815  11.819  1.00 22.43 ? 59  PRO A CB  1 
ATOM   266  C CG  . PRO A 1 59  ? 30.030  -9.790  12.924  1.00 22.30 ? 59  PRO A CG  1 
ATOM   267  C CD  . PRO A 1 59  ? 28.899  -9.270  13.849  1.00 26.90 ? 59  PRO A CD  1 
ATOM   268  N N   . THR A 1 60  ? 27.472  -10.432 10.675  1.00 22.57 ? 60  THR A N   1 
ATOM   269  C CA  . THR A 1 60  ? 26.821  -11.268 9.599   1.00 22.69 ? 60  THR A CA  1 
ATOM   270  C C   . THR A 1 60  ? 25.566  -10.558 9.018   1.00 25.29 ? 60  THR A C   1 
ATOM   271  O O   . THR A 1 60  ? 25.339  -10.558 7.773   1.00 26.00 ? 60  THR A O   1 
ATOM   272  C CB  . THR A 1 60  ? 26.558  -12.693 10.079  1.00 24.77 ? 60  THR A CB  1 
ATOM   273  O OG1 . THR A 1 60  ? 27.809  -13.378 10.338  1.00 24.54 ? 60  THR A OG1 1 
ATOM   274  C CG2 . THR A 1 60  ? 25.784  -13.543 8.968   1.00 26.69 ? 60  THR A CG2 1 
ATOM   275  N N   . PHE A 1 61  ? 24.789  -9.926  9.898   1.00 22.61 ? 61  PHE A N   1 
ATOM   276  C CA  . PHE A 1 61  ? 23.654  -9.089  9.453   1.00 26.98 ? 61  PHE A CA  1 
ATOM   277  C C   . PHE A 1 61  ? 24.088  -8.108  8.335   1.00 36.22 ? 61  PHE A C   1 
ATOM   278  O O   . PHE A 1 61  ? 23.444  -8.063  7.255   1.00 31.93 ? 61  PHE A O   1 
ATOM   279  C CB  . PHE A 1 61  ? 23.125  -8.272  10.645  1.00 26.60 ? 61  PHE A CB  1 
ATOM   280  C CG  . PHE A 1 61  ? 22.097  -7.216  10.271  1.00 31.53 ? 61  PHE A CG  1 
ATOM   281  C CD1 . PHE A 1 61  ? 20.724  -7.538  10.223  1.00 32.21 ? 61  PHE A CD1 1 
ATOM   282  C CD2 . PHE A 1 61  ? 22.497  -5.894  9.940   1.00 32.76 ? 61  PHE A CD2 1 
ATOM   283  C CE1 . PHE A 1 61  ? 19.770  -6.556  9.862   1.00 29.74 ? 61  PHE A CE1 1 
ATOM   284  C CE2 . PHE A 1 61  ? 21.557  -4.924  9.567   1.00 34.79 ? 61  PHE A CE2 1 
ATOM   285  C CZ  . PHE A 1 61  ? 20.171  -5.266  9.556   1.00 31.81 ? 61  PHE A CZ  1 
ATOM   286  N N   . TYR A 1 62  ? 25.169  -7.338  8.610   1.00 34.41 ? 62  TYR A N   1 
ATOM   287  C CA  . TYR A 1 62  ? 25.694  -6.292  7.686   1.00 33.37 ? 62  TYR A CA  1 
ATOM   288  C C   . TYR A 1 62  ? 26.135  -6.823  6.410   1.00 32.67 ? 62  TYR A C   1 
ATOM   289  O O   . TYR A 1 62  ? 26.331  -6.085  5.451   1.00 41.50 ? 62  TYR A O   1 
ATOM   290  C CB  . TYR A 1 62  ? 26.834  -5.499  8.297   1.00 30.86 ? 62  TYR A CB  1 
ATOM   291  C CG  . TYR A 1 62  ? 26.345  -4.609  9.333   1.00 33.96 ? 62  TYR A CG  1 
ATOM   292  C CD1 . TYR A 1 62  ? 25.455  -3.552  9.017   1.00 33.25 ? 62  TYR A CD1 1 
ATOM   293  C CD2 . TYR A 1 62  ? 26.742  -4.769  10.644  1.00 35.67 ? 62  TYR A CD2 1 
ATOM   294  C CE1 . TYR A 1 62  ? 24.989  -2.702  10.021  1.00 32.18 ? 62  TYR A CE1 1 
ATOM   295  C CE2 . TYR A 1 62  ? 26.258  -3.926  11.620  1.00 39.41 ? 62  TYR A CE2 1 
ATOM   296  C CZ  . TYR A 1 62  ? 25.385  -2.905  11.281  1.00 34.29 ? 62  TYR A CZ  1 
ATOM   297  O OH  . TYR A 1 62  ? 24.946  -2.090  12.265  1.00 42.93 ? 62  TYR A OH  1 
ATOM   298  N N   . PHE A 1 63  ? 26.302  -8.125  6.343   1.00 39.36 ? 63  PHE A N   1 
ATOM   299  C CA  . PHE A 1 63  ? 26.546  -8.695  5.048   1.00 35.35 ? 63  PHE A CA  1 
ATOM   300  C C   . PHE A 1 63  ? 25.275  -8.677  4.151   1.00 43.42 ? 63  PHE A C   1 
ATOM   301  O O   . PHE A 1 63  ? 25.391  -8.622  2.912   1.00 38.74 ? 63  PHE A O   1 
ATOM   302  C CB  . PHE A 1 63  ? 27.103  -10.091 5.178   1.00 42.69 ? 63  PHE A CB  1 
ATOM   303  C CG  . PHE A 1 63  ? 27.305  -10.772 3.876   1.00 41.11 ? 63  PHE A CG  1 
ATOM   304  C CD1 . PHE A 1 63  ? 28.433  -10.467 3.082   1.00 48.12 ? 63  PHE A CD1 1 
ATOM   305  C CD2 . PHE A 1 63  ? 26.380  -11.706 3.416   1.00 45.67 ? 63  PHE A CD2 1 
ATOM   306  C CE1 . PHE A 1 63  ? 28.626  -11.086 1.849   1.00 48.17 ? 63  PHE A CE1 1 
ATOM   307  C CE2 . PHE A 1 63  ? 26.563  -12.342 2.176   1.00 49.30 ? 63  PHE A CE2 1 
ATOM   308  C CZ  . PHE A 1 63  ? 27.692  -12.030 1.393   1.00 49.15 ? 63  PHE A CZ  1 
ATOM   309  N N   . TYR A 1 64  ? 24.084  -8.779  4.763   1.00 34.33 ? 64  TYR A N   1 
ATOM   310  C CA  . TYR A 1 64  ? 22.830  -8.922  4.004   1.00 35.09 ? 64  TYR A CA  1 
ATOM   311  C C   . TYR A 1 64  ? 22.165  -7.582  3.768   1.00 32.48 ? 64  TYR A C   1 
ATOM   312  O O   . TYR A 1 64  ? 21.568  -7.421  2.732   1.00 33.88 ? 64  TYR A O   1 
ATOM   313  C CB  . TYR A 1 64  ? 21.839  -9.847  4.733   1.00 32.93 ? 64  TYR A CB  1 
ATOM   314  C CG  . TYR A 1 64  ? 22.311  -11.223 4.679   1.00 33.12 ? 64  TYR A CG  1 
ATOM   315  C CD1 . TYR A 1 64  ? 22.116  -11.978 3.516   1.00 35.03 ? 64  TYR A CD1 1 
ATOM   316  C CD2 . TYR A 1 64  ? 23.033  -11.779 5.753   1.00 31.88 ? 64  TYR A CD2 1 
ATOM   317  C CE1 . TYR A 1 64  ? 22.606  -13.260 3.421   1.00 39.89 ? 64  TYR A CE1 1 
ATOM   318  C CE2 . TYR A 1 64  ? 23.517  -13.087 5.681   1.00 33.85 ? 64  TYR A CE2 1 
ATOM   319  C CZ  . TYR A 1 64  ? 23.308  -13.802 4.505   1.00 38.75 ? 64  TYR A CZ  1 
ATOM   320  O OH  . TYR A 1 64  ? 23.772  -15.049 4.387   1.00 37.66 ? 64  TYR A OH  1 
ATOM   321  N N   . PHE A 1 65  ? 22.254  -6.666  4.743   1.00 32.12 ? 65  PHE A N   1 
ATOM   322  C CA  . PHE A 1 65  ? 21.701  -5.333  4.646   1.00 31.92 ? 65  PHE A CA  1 
ATOM   323  C C   . PHE A 1 65  ? 22.649  -4.343  5.228   1.00 36.04 ? 65  PHE A C   1 
ATOM   324  O O   . PHE A 1 65  ? 23.317  -4.645  6.247   1.00 35.73 ? 65  PHE A O   1 
ATOM   325  C CB  . PHE A 1 65  ? 20.355  -5.215  5.487   1.00 28.94 ? 65  PHE A CB  1 
ATOM   326  C CG  . PHE A 1 65  ? 19.258  -6.128  4.974   1.00 30.55 ? 65  PHE A CG  1 
ATOM   327  C CD1 . PHE A 1 65  ? 18.336  -5.674  3.976   1.00 31.48 ? 65  PHE A CD1 1 
ATOM   328  C CD2 . PHE A 1 65  ? 19.124  -7.414  5.480   1.00 28.76 ? 65  PHE A CD2 1 
ATOM   329  C CE1 . PHE A 1 65  ? 17.320  -6.518  3.509   1.00 31.60 ? 65  PHE A CE1 1 
ATOM   330  C CE2 . PHE A 1 65  ? 18.117  -8.249  5.038   1.00 28.20 ? 65  PHE A CE2 1 
ATOM   331  C CZ  . PHE A 1 65  ? 17.219  -7.806  4.041   1.00 30.78 ? 65  PHE A CZ  1 
ATOM   332  N N   . PRO A 1 66  ? 22.649  -3.113  4.655   1.00 37.91 ? 66  PRO A N   1 
ATOM   333  C CA  . PRO A 1 66  ? 23.464  -2.053  5.238   1.00 36.79 ? 66  PRO A CA  1 
ATOM   334  C C   . PRO A 1 66  ? 23.044  -1.459  6.541   1.00 37.31 ? 66  PRO A C   1 
ATOM   335  O O   . PRO A 1 66  ? 23.892  -0.808  7.116   1.00 32.95 ? 66  PRO A O   1 
ATOM   336  C CB  . PRO A 1 66  ? 23.455  -0.938  4.166   1.00 41.45 ? 66  PRO A CB  1 
ATOM   337  C CG  . PRO A 1 66  ? 22.440  -1.320  3.162   1.00 37.71 ? 66  PRO A CG  1 
ATOM   338  C CD  . PRO A 1 66  ? 22.179  -2.781  3.285   1.00 39.83 ? 66  PRO A CD  1 
ATOM   339  N N   . SER A 1 67  ? 21.788  -1.642  7.016   1.00 31.51 ? 67  SER A N   1 
ATOM   340  C CA  . SER A 1 67  ? 21.260  -0.968  8.231   1.00 34.27 ? 67  SER A CA  1 
ATOM   341  C C   . SER A 1 67  ? 19.808  -1.456  8.495   1.00 38.01 ? 67  SER A C   1 
ATOM   342  O O   . SER A 1 67  ? 19.186  -2.093  7.629   1.00 32.86 ? 67  SER A O   1 
ATOM   343  C CB  . SER A 1 67  ? 21.147  0.512   7.992   1.00 41.70 ? 67  SER A CB  1 
ATOM   344  O OG  . SER A 1 67  ? 20.561  0.660   6.720   1.00 41.64 ? 67  SER A OG  1 
ATOM   345  N N   . LYS A 1 68  ? 19.254  -1.105  9.644   1.00 36.32 ? 68  LYS A N   1 
ATOM   346  C CA  . LYS A 1 68  ? 17.842  -1.482  9.918   1.00 39.95 ? 68  LYS A CA  1 
ATOM   347  C C   . LYS A 1 68  ? 16.858  -0.787  8.950   1.00 39.36 ? 68  LYS A C   1 
ATOM   348  O O   . LYS A 1 68  ? 15.829  -1.387  8.564   1.00 36.18 ? 68  LYS A O   1 
ATOM   349  C CB  . LYS A 1 68  ? 17.468  -1.263  11.378  1.00 35.05 ? 68  LYS A CB  1 
ATOM   350  C CG  . LYS A 1 68  ? 17.444  0.195   11.801  1.00 43.46 ? 68  LYS A CG  1 
ATOM   351  C CD  . LYS A 1 68  ? 17.236  0.274   13.303  1.00 39.96 ? 68  LYS A CD  1 
ATOM   352  C CE  . LYS A 1 68  ? 17.143  1.703   13.784  1.00 45.67 ? 68  LYS A CE  1 
ATOM   353  N NZ  . LYS A 1 68  ? 16.937  1.690   15.247  1.00 43.98 ? 68  LYS A NZ  1 
ATOM   354  N N   . GLU A 1 69  ? 17.190  0.449   8.562   1.00 38.10 ? 69  GLU A N   1 
ATOM   355  C CA  . GLU A 1 69  ? 16.412  1.224   7.574   1.00 37.36 ? 69  GLU A CA  1 
ATOM   356  C C   . GLU A 1 69  ? 16.309  0.465   6.251   1.00 39.81 ? 69  GLU A C   1 
ATOM   357  O O   . GLU A 1 69  ? 15.228  0.389   5.667   1.00 34.56 ? 69  GLU A O   1 
ATOM   358  C CB  . GLU A 1 69  ? 16.973  2.643   7.393   1.00 41.06 ? 69  GLU A CB  1 
ATOM   359  C CG  . GLU A 1 69  ? 16.806  3.525   8.649   1.00 42.76 ? 69  GLU A CG  1 
ATOM   360  C CD  . GLU A 1 69  ? 17.845  3.255   9.775   1.00 46.55 ? 69  GLU A CD  1 
ATOM   361  O OE1 . GLU A 1 69  ? 18.917  2.651   9.534   1.00 39.89 ? 69  GLU A OE1 1 
ATOM   362  O OE2 . GLU A 1 69  ? 17.604  3.674   10.928  1.00 47.67 ? 69  GLU A OE2 1 
ATOM   363  N N   . ALA A 1 70  ? 17.392  -0.193  5.811   1.00 32.32 ? 70  ALA A N   1 
ATOM   364  C CA  . ALA A 1 70  ? 17.324  -0.914  4.547   1.00 26.61 ? 70  ALA A CA  1 
ATOM   365  C C   . ALA A 1 70  ? 16.486  -2.135  4.680   1.00 23.67 ? 70  ALA A C   1 
ATOM   366  O O   . ALA A 1 70  ? 15.969  -2.645  3.681   1.00 27.03 ? 70  ALA A O   1 
ATOM   367  C CB  . ALA A 1 70  ? 18.712  -1.317  4.034   1.00 27.97 ? 70  ALA A CB  1 
ATOM   368  N N   . VAL A 1 71  ? 16.405  -2.687  5.886   1.00 24.16 ? 71  VAL A N   1 
ATOM   369  C CA  . VAL A 1 71  ? 15.514  -3.840  6.076   1.00 23.83 ? 71  VAL A CA  1 
ATOM   370  C C   . VAL A 1 71  ? 14.053  -3.331  5.879   1.00 23.39 ? 71  VAL A C   1 
ATOM   371  O O   . VAL A 1 71  ? 13.286  -3.976  5.186   1.00 23.16 ? 71  VAL A O   1 
ATOM   372  C CB  . VAL A 1 71  ? 15.704  -4.538  7.453   1.00 26.57 ? 71  VAL A CB  1 
ATOM   373  C CG1 . VAL A 1 71  ? 14.753  -5.756  7.596   1.00 28.31 ? 71  VAL A CG1 1 
ATOM   374  C CG2 . VAL A 1 71  ? 17.184  -5.008  7.607   1.00 25.38 ? 71  VAL A CG2 1 
ATOM   375  N N   . LEU A 1 72  ? 13.702  -2.222  6.502   1.00 25.40 ? 72  LEU A N   1 
ATOM   376  C CA  . LEU A 1 72  ? 12.301  -1.678  6.301   1.00 30.72 ? 72  LEU A CA  1 
ATOM   377  C C   . LEU A 1 72  ? 12.004  -1.352  4.854   1.00 29.20 ? 72  LEU A C   1 
ATOM   378  O O   . LEU A 1 72  ? 10.945  -1.718  4.337   1.00 30.05 ? 72  LEU A O   1 
ATOM   379  C CB  . LEU A 1 72  ? 12.041  -0.482  7.163   1.00 28.25 ? 72  LEU A CB  1 
ATOM   380  C CG  . LEU A 1 72  ? 10.681  0.263   7.000   1.00 30.60 ? 72  LEU A CG  1 
ATOM   381  C CD1 . LEU A 1 72  ? 9.488   -0.676  7.260   1.00 30.36 ? 72  LEU A CD1 1 
ATOM   382  C CD2 . LEU A 1 72  ? 10.722  1.436   7.964   1.00 31.76 ? 72  LEU A CD2 1 
ATOM   383  N N   . LEU A 1 73  ? 12.977  -0.726  4.180   1.00 28.15 ? 73  LEU A N   1 
ATOM   384  C CA  . LEU A 1 73  ? 12.869  -0.476  2.744   1.00 26.72 ? 73  LEU A CA  1 
ATOM   385  C C   . LEU A 1 73  ? 12.590  -1.708  1.964   1.00 27.70 ? 73  LEU A C   1 
ATOM   386  O O   . LEU A 1 73  ? 11.698  -1.696  1.075   1.00 27.83 ? 73  LEU A O   1 
ATOM   387  C CB  . LEU A 1 73  ? 14.097  0.311   2.166   1.00 28.88 ? 73  LEU A CB  1 
ATOM   388  C CG  . LEU A 1 73  ? 14.033  0.711   0.672   1.00 33.39 ? 73  LEU A CG  1 
ATOM   389  C CD1 . LEU A 1 73  ? 12.868  1.716   0.444   1.00 27.00 ? 73  LEU A CD1 1 
ATOM   390  C CD2 . LEU A 1 73  ? 15.375  1.238   0.113   1.00 28.59 ? 73  LEU A CD2 1 
ATOM   391  N N   . THR A 1 74  ? 13.301  -2.811  2.240   1.00 25.33 ? 74  THR A N   1 
ATOM   392  C CA  . THR A 1 74  ? 12.963  -4.027  1.522   1.00 24.45 ? 74  THR A CA  1 
ATOM   393  C C   . THR A 1 74  ? 11.612  -4.554  1.893   1.00 21.74 ? 74  THR A C   1 
ATOM   394  O O   . THR A 1 74  ? 10.922  -5.052  1.054   1.00 25.87 ? 74  THR A O   1 
ATOM   395  C CB  . THR A 1 74  ? 14.010  -5.173  1.818   1.00 29.83 ? 74  THR A CB  1 
ATOM   396  O OG1 . THR A 1 74  ? 15.310  -4.670  1.537   1.00 35.29 ? 74  THR A OG1 1 
ATOM   397  C CG2 . THR A 1 74  ? 13.770  -6.321  0.971   1.00 24.30 ? 74  THR A CG2 1 
ATOM   398  N N   . LEU A 1 75  ? 11.240  -4.508  3.166   1.00 23.01 ? 75  LEU A N   1 
ATOM   399  C CA  . LEU A 1 75  ? 9.885   -5.001  3.558   1.00 27.09 ? 75  LEU A CA  1 
ATOM   400  C C   . LEU A 1 75  ? 8.781   -4.197  2.784   1.00 24.11 ? 75  LEU A C   1 
ATOM   401  O O   . LEU A 1 75  ? 7.827   -4.773  2.205   1.00 25.54 ? 75  LEU A O   1 
ATOM   402  C CB  . LEU A 1 75  ? 9.678   -4.829  5.072   1.00 23.06 ? 75  LEU A CB  1 
ATOM   403  C CG  . LEU A 1 75  ? 10.427  -5.949  5.850   1.00 25.76 ? 75  LEU A CG  1 
ATOM   404  C CD1 . LEU A 1 75  ? 10.357  -5.513  7.285   1.00 29.09 ? 75  LEU A CD1 1 
ATOM   405  C CD2 . LEU A 1 75  ? 9.718   -7.291  5.600   1.00 27.30 ? 75  LEU A CD2 1 
ATOM   406  N N   . LEU A 1 76  ? 8.969   -2.888  2.765   1.00 22.58 ? 76  LEU A N   1 
ATOM   407  C CA  . LEU A 1 76  ? 8.004   -1.997  2.049   1.00 25.44 ? 76  LEU A CA  1 
ATOM   408  C C   . LEU A 1 76  ? 7.982   -2.300  0.576   1.00 24.99 ? 76  LEU A C   1 
ATOM   409  O O   . LEU A 1 76  ? 6.931   -2.500  -0.004  1.00 25.22 ? 76  LEU A O   1 
ATOM   410  C CB  . LEU A 1 76  ? 8.340   -0.543  2.299   1.00 27.61 ? 76  LEU A CB  1 
ATOM   411  C CG  . LEU A 1 76  ? 7.270   0.454   1.766   1.00 35.07 ? 76  LEU A CG  1 
ATOM   412  C CD1 . LEU A 1 76  ? 5.841   0.220   2.306   1.00 33.74 ? 76  LEU A CD1 1 
ATOM   413  C CD2 . LEU A 1 76  ? 7.709   1.875   2.075   1.00 36.46 ? 76  LEU A CD2 1 
ATOM   414  N N   . ASP A 1 77  ? 9.166   -2.429  -0.023  1.00 25.49 ? 77  ASP A N   1 
ATOM   415  C CA  . ASP A 1 77  ? 9.281   -2.752  -1.433  1.00 25.14 ? 77  ASP A CA  1 
ATOM   416  C C   . ASP A 1 77  ? 8.550   -4.050  -1.749  1.00 26.91 ? 77  ASP A C   1 
ATOM   417  O O   . ASP A 1 77  ? 7.887   -4.189  -2.783  1.00 26.63 ? 77  ASP A O   1 
ATOM   418  C CB  . ASP A 1 77  ? 10.779  -2.920  -1.784  1.00 30.95 ? 77  ASP A CB  1 
ATOM   419  C CG  . ASP A 1 77  ? 11.016  -3.002  -3.285  1.00 41.79 ? 77  ASP A CG  1 
ATOM   420  O OD1 . ASP A 1 77  ? 10.777  -1.999  -3.998  1.00 45.25 ? 77  ASP A OD1 1 
ATOM   421  O OD2 . ASP A 1 77  ? 11.420  -4.079  -3.762  1.00 50.56 ? 77  ASP A OD2 1 
ATOM   422  N N   . ARG A 1 78  ? 8.675   -5.056  -0.885  1.00 26.30 ? 78  ARG A N   1 
ATOM   423  C CA  . ARG A 1 78  ? 7.974   -6.314  -1.179  1.00 23.67 ? 78  ARG A CA  1 
ATOM   424  C C   . ARG A 1 78  ? 6.415   -6.111  -1.109  1.00 21.50 ? 78  ARG A C   1 
ATOM   425  O O   . ARG A 1 78  ? 5.660   -6.673  -1.897  1.00 20.25 ? 78  ARG A O   1 
ATOM   426  C CB  . ARG A 1 78  ? 8.376   -7.353  -0.125  1.00 26.23 ? 78  ARG A CB  1 
ATOM   427  C CG  . ARG A 1 78  ? 9.763   -7.964  -0.453  1.00 31.97 ? 78  ARG A CG  1 
ATOM   428  C CD  . ARG A 1 78  ? 10.437  -8.447  0.842   1.00 35.21 ? 78  ARG A CD  1 
ATOM   429  N NE  . ARG A 1 78  ? 9.767   -9.675  1.277   1.00 42.05 ? 78  ARG A NE  1 
ATOM   430  C CZ  . ARG A 1 78  ? 9.916   -10.854 0.669   1.00 42.24 ? 78  ARG A CZ  1 
ATOM   431  N NH1 . ARG A 1 78  ? 10.722  -10.974 -0.388  1.00 38.41 ? 78  ARG A NH1 1 
ATOM   432  N NH2 . ARG A 1 78  ? 9.264   -11.902 1.123   1.00 49.87 ? 78  ARG A NH2 1 
ATOM   433  N N   . VAL A 1 79  ? 5.937   -5.447  -0.066  1.00 21.58 ? 79  VAL A N   1 
ATOM   434  C CA  . VAL A 1 79  ? 4.452   -5.237  0.092   1.00 23.30 ? 79  VAL A CA  1 
ATOM   435  C C   . VAL A 1 79  ? 3.881   -4.441  -1.124  1.00 21.33 ? 79  VAL A C   1 
ATOM   436  O O   . VAL A 1 79  ? 2.804   -4.757  -1.733  1.00 22.70 ? 79  VAL A O   1 
ATOM   437  C CB  . VAL A 1 79  ? 4.157   -4.437  1.425   1.00 25.49 ? 79  VAL A CB  1 
ATOM   438  C CG1 . VAL A 1 79  ? 2.669   -4.077  1.513   1.00 28.96 ? 79  VAL A CG1 1 
ATOM   439  C CG2 . VAL A 1 79  ? 4.562   -5.241  2.682   1.00 25.18 ? 79  VAL A CG2 1 
ATOM   440  N N   . VAL A 1 80  ? 4.601   -3.388  -1.500  1.00 20.58 ? 80  VAL A N   1 
ATOM   441  C CA  . VAL A 1 80  ? 4.136   -2.522  -2.583  1.00 21.09 ? 80  VAL A CA  1 
ATOM   442  C C   . VAL A 1 80  ? 4.131   -3.278  -3.895  1.00 22.28 ? 80  VAL A C   1 
ATOM   443  O O   . VAL A 1 80  ? 3.168   -3.232  -4.667  1.00 20.35 ? 80  VAL A O   1 
ATOM   444  C CB  . VAL A 1 80  ? 5.028   -1.285  -2.609  1.00 24.88 ? 80  VAL A CB  1 
ATOM   445  C CG1 . VAL A 1 80  ? 5.051   -0.665  -3.968  1.00 26.46 ? 80  VAL A CG1 1 
ATOM   446  C CG2 . VAL A 1 80  ? 4.599   -0.328  -1.518  1.00 21.86 ? 80  VAL A CG2 1 
ATOM   447  N N   . ASN A 1 81  ? 5.198   -4.061  -4.167  1.00 24.67 ? 81  ASN A N   1 
ATOM   448  C CA  . ASN A 1 81  ? 5.164   -4.922  -5.359  1.00 23.97 ? 81  ASN A CA  1 
ATOM   449  C C   . ASN A 1 81  ? 4.125   -5.998  -5.314  1.00 23.02 ? 81  ASN A C   1 
ATOM   450  O O   . ASN A 1 81  ? 3.534   -6.339  -6.345  1.00 26.72 ? 81  ASN A O   1 
ATOM   451  C CB  . ASN A 1 81  ? 6.578   -5.534  -5.678  1.00 29.28 ? 81  ASN A CB  1 
ATOM   452  C CG  . ASN A 1 81  ? 7.456   -4.519  -6.375  1.00 32.14 ? 81  ASN A CG  1 
ATOM   453  O OD1 . ASN A 1 81  ? 7.292   -4.265  -7.582  1.00 36.00 ? 81  ASN A OD1 1 
ATOM   454  N ND2 . ASN A 1 81  ? 8.259   -3.824  -5.608  1.00 33.59 ? 81  ASN A ND2 1 
ATOM   455  N N   . GLN A 1 82  ? 3.839   -6.508  -4.130  1.00 23.56 ? 82  GLN A N   1 
ATOM   456  C CA  . GLN A 1 82  ? 2.787   -7.496  -4.047  1.00 22.77 ? 82  GLN A CA  1 
ATOM   457  C C   . GLN A 1 82  ? 1.381   -6.882  -4.398  1.00 23.17 ? 82  GLN A C   1 
ATOM   458  O O   . GLN A 1 82  ? 0.602   -7.452  -5.170  1.00 20.05 ? 82  GLN A O   1 
ATOM   459  C CB  . GLN A 1 82  ? 2.774   -8.038  -2.622  1.00 27.96 ? 82  GLN A CB  1 
ATOM   460  C CG  . GLN A 1 82  ? 1.647   -8.992  -2.323  1.00 31.29 ? 82  GLN A CG  1 
ATOM   461  C CD  . GLN A 1 82  ? 1.728   -9.511  -0.883  1.00 44.60 ? 82  GLN A CD  1 
ATOM   462  O OE1 . GLN A 1 82  ? 2.830   -9.638  -0.270  1.00 48.08 ? 82  GLN A OE1 1 
ATOM   463  N NE2 . GLN A 1 82  ? 0.560   -9.806  -0.321  1.00 45.51 ? 82  GLN A NE2 1 
ATOM   464  N N   . ALA A 1 83  ? 1.095   -5.682  -3.890  1.00 19.13 ? 83  ALA A N   1 
ATOM   465  C CA  . ALA A 1 83  ? -0.185  -4.999  -4.244  1.00 19.29 ? 83  ALA A CA  1 
ATOM   466  C C   . ALA A 1 83  ? -0.177  -4.767  -5.782  1.00 19.14 ? 83  ALA A C   1 
ATOM   467  O O   . ALA A 1 83  ? -1.154  -5.043  -6.452  1.00 20.35 ? 83  ALA A O   1 
ATOM   468  C CB  . ALA A 1 83  ? -0.279  -3.639  -3.486  1.00 17.75 ? 83  ALA A CB  1 
ATOM   469  N N   . ASP A 1 84  ? 0.958   -4.278  -6.297  1.00 20.34 ? 84  ASP A N   1 
ATOM   470  C CA  . ASP A 1 84  ? 1.046   -3.918  -7.695  1.00 21.45 ? 84  ASP A CA  1 
ATOM   471  C C   . ASP A 1 84  ? 0.819   -5.143  -8.615  1.00 23.13 ? 84  ASP A C   1 
ATOM   472  O O   . ASP A 1 84  ? 0.053   -5.069  -9.586  1.00 21.57 ? 84  ASP A O   1 
ATOM   473  C CB  . ASP A 1 84  ? 2.403   -3.236  -8.022  1.00 22.01 ? 84  ASP A CB  1 
ATOM   474  C CG  . ASP A 1 84  ? 2.356   -2.576  -9.383  1.00 28.75 ? 84  ASP A CG  1 
ATOM   475  O OD1 . ASP A 1 84  ? 1.423   -1.757  -9.639  1.00 25.70 ? 84  ASP A OD1 1 
ATOM   476  O OD2 . ASP A 1 84  ? 3.167   -2.951  -10.238 1.00 27.11 ? 84  ASP A OD2 1 
ATOM   477  N N   . MET A 1 85  ? 1.464   -6.265  -8.302  1.00 22.47 ? 85  MET A N   1 
ATOM   478  C CA  . MET A 1 85  ? 1.243   -7.527  -9.074  1.00 27.07 ? 85  MET A CA  1 
ATOM   479  C C   . MET A 1 85  ? -0.167  -8.030  -8.959  1.00 22.84 ? 85  MET A C   1 
ATOM   480  O O   . MET A 1 85  ? -0.729  -8.573  -9.913  1.00 23.71 ? 85  MET A O   1 
ATOM   481  C CB  . MET A 1 85  ? 2.183   -8.632  -8.542  1.00 31.64 ? 85  MET A CB  1 
ATOM   482  C CG  . MET A 1 85  ? 3.627   -8.222  -8.751  1.00 36.26 ? 85  MET A CG  1 
ATOM   483  S SD  . MET A 1 85  ? 4.761   -9.468  -8.127  1.00 53.23 ? 85  MET A SD  1 
ATOM   484  C CE  . MET A 1 85  ? 4.272   -10.972 -8.994  1.00 41.32 ? 85  MET A CE  1 
ATOM   485  N N   . ALA A 1 86  ? -0.761  -7.899  -7.783  1.00 21.57 ? 86  ALA A N   1 
ATOM   486  C CA  . ALA A 1 86  ? -2.164  -8.276  -7.664  1.00 22.43 ? 86  ALA A CA  1 
ATOM   487  C C   . ALA A 1 86  ? -3.075  -7.357  -8.469  1.00 24.19 ? 86  ALA A C   1 
ATOM   488  O O   . ALA A 1 86  ? -4.078  -7.824  -9.106  1.00 22.03 ? 86  ALA A O   1 
ATOM   489  C CB  . ALA A 1 86  ? -2.617  -8.307  -6.214  1.00 26.06 ? 86  ALA A CB  1 
ATOM   490  N N   . LEU A 1 87  ? -2.781  -6.060  -8.485  1.00 22.19 ? 87  LEU A N   1 
ATOM   491  C CA  . LEU A 1 87  ? -3.639  -5.204  -9.362  1.00 21.79 ? 87  LEU A CA  1 
ATOM   492  C C   . LEU A 1 87  ? -3.472  -5.562  -10.885 1.00 22.25 ? 87  LEU A C   1 
ATOM   493  O O   . LEU A 1 87  ? -4.442  -5.581  -11.625 1.00 24.24 ? 87  LEU A O   1 
ATOM   494  C CB  . LEU A 1 87  ? -3.309  -3.710  -9.170  1.00 22.17 ? 87  LEU A CB  1 
ATOM   495  C CG  . LEU A 1 87  ? -4.114  -2.749  -10.049 1.00 24.19 ? 87  LEU A CG  1 
ATOM   496  C CD1 . LEU A 1 87  ? -5.604  -2.775  -9.690  1.00 22.27 ? 87  LEU A CD1 1 
ATOM   497  C CD2 . LEU A 1 87  ? -3.503  -1.365  -9.691  1.00 24.20 ? 87  LEU A CD2 1 
ATOM   498  N N   . GLN A 1 88  ? -2.245  -5.747  -11.331 1.00 23.47 ? 88  GLN A N   1 
ATOM   499  C CA  . GLN A 1 88  ? -1.963  -6.170  -12.704 1.00 29.34 ? 88  GLN A CA  1 
ATOM   500  C C   . GLN A 1 88  ? -2.744  -7.443  -13.026 1.00 30.09 ? 88  GLN A C   1 
ATOM   501  O O   . GLN A 1 88  ? -3.315  -7.537  -14.131 1.00 28.77 ? 88  GLN A O   1 
ATOM   502  C CB  . GLN A 1 88  ? -0.490  -6.483  -12.818 1.00 33.49 ? 88  GLN A CB  1 
ATOM   503  C CG  . GLN A 1 88  ? 0.100   -6.139  -14.153 1.00 47.36 ? 88  GLN A CG  1 
ATOM   504  C CD  . GLN A 1 88  ? 1.584   -5.938  -13.957 1.00 59.77 ? 88  GLN A CD  1 
ATOM   505  O OE1 . GLN A 1 88  ? 2.023   -4.924  -13.379 1.00 60.77 ? 88  GLN A OE1 1 
ATOM   506  N NE2 . GLN A 1 88  ? 2.365   -6.931  -14.372 1.00 48.56 ? 88  GLN A NE2 1 
ATOM   507  N N   . THR A 1 89  ? -2.831  -8.385  -12.051 1.00 30.12 ? 89  THR A N   1 
ATOM   508  C CA  . THR A 1 89  ? -3.588  -9.654  -12.258 1.00 32.99 ? 89  THR A CA  1 
ATOM   509  C C   . THR A 1 89  ? -5.065  -9.371  -12.493 1.00 37.98 ? 89  THR A C   1 
ATOM   510  O O   . THR A 1 89  ? -5.685  -9.859  -13.450 1.00 34.92 ? 89  THR A O   1 
ATOM   511  C CB  . THR A 1 89  ? -3.412  -10.644 -11.091 1.00 33.86 ? 89  THR A CB  1 
ATOM   512  O OG1 . THR A 1 89  ? -2.025  -10.973 -11.018 1.00 34.00 ? 89  THR A OG1 1 
ATOM   513  C CG2 . THR A 1 89  ? -4.209  -11.920 -11.332 1.00 37.74 ? 89  THR A CG2 1 
ATOM   514  N N   . LEU A 1 90  ? -5.622  -8.543  -11.629 1.00 32.25 ? 90  LEU A N   1 
ATOM   515  C CA  . LEU A 1 90  ? -6.995  -8.092  -11.806 1.00 31.95 ? 90  LEU A CA  1 
ATOM   516  C C   . LEU A 1 90  ? -7.200  -7.407  -13.142 1.00 30.35 ? 90  LEU A C   1 
ATOM   517  O O   . LEU A 1 90  ? -8.176  -7.691  -13.818 1.00 35.17 ? 90  LEU A O   1 
ATOM   518  C CB  . LEU A 1 90  ? -7.340  -7.092  -10.711 1.00 33.89 ? 90  LEU A CB  1 
ATOM   519  C CG  . LEU A 1 90  ? -8.752  -7.077  -10.172 1.00 42.18 ? 90  LEU A CG  1 
ATOM   520  C CD1 . LEU A 1 90  ? -9.198  -8.524  -9.970  1.00 37.26 ? 90  LEU A CD1 1 
ATOM   521  C CD2 . LEU A 1 90  ? -8.779  -6.307  -8.840  1.00 34.42 ? 90  LEU A CD2 1 
ATOM   522  N N   . ALA A 1 91  ? -6.297  -6.497  -13.530 1.00 31.18 ? 91  ALA A N   1 
ATOM   523  C CA  . ALA A 1 91  ? -6.440  -5.731  -14.770 1.00 32.82 ? 91  ALA A CA  1 
ATOM   524  C C   . ALA A 1 91  ? -6.460  -6.681  -15.976 1.00 43.06 ? 91  ALA A C   1 
ATOM   525  O O   . ALA A 1 91  ? -7.307  -6.551  -16.820 1.00 47.09 ? 91  ALA A O   1 
ATOM   526  C CB  . ALA A 1 91  ? -5.307  -4.709  -14.932 1.00 29.10 ? 91  ALA A CB  1 
ATOM   527  N N   . GLU A 1 92  ? -5.530  -7.635  -16.054 1.00 43.22 ? 92  GLU A N   1 
ATOM   528  C CA  . GLU A 1 92  ? -5.537  -8.595  -17.157 1.00 47.23 ? 92  GLU A CA  1 
ATOM   529  C C   . GLU A 1 92  ? -6.730  -9.538  -17.130 1.00 48.09 ? 92  GLU A C   1 
ATOM   530  O O   . GLU A 1 92  ? -6.970  -10.231 -18.075 1.00 52.36 ? 92  GLU A O   1 
ATOM   531  C CB  . GLU A 1 92  ? -4.256  -9.403  -17.150 1.00 41.22 ? 92  GLU A CB  1 
ATOM   532  C CG  . GLU A 1 92  ? -3.013  -8.545  -17.279 1.00 49.95 ? 92  GLU A CG  1 
ATOM   533  C CD  . GLU A 1 92  ? -1.776  -9.328  -16.914 1.00 52.15 ? 92  GLU A CD  1 
ATOM   534  O OE1 . GLU A 1 92  ? -1.958  -10.487 -16.477 1.00 54.89 ? 92  GLU A OE1 1 
ATOM   535  O OE2 . GLU A 1 92  ? -0.645  -8.804  -17.062 1.00 53.05 ? 92  GLU A OE2 1 
ATOM   536  N N   . ASN A 1 93  ? -7.454  -9.587  -16.021 1.00 55.93 ? 93  ASN A N   1 
ATOM   537  C CA  . ASN A 1 93  ? -8.554  -10.543 -15.856 1.00 56.18 ? 93  ASN A CA  1 
ATOM   538  C C   . ASN A 1 93  ? -9.838  -9.905  -15.442 1.00 56.37 ? 93  ASN A C   1 
ATOM   539  O O   . ASN A 1 93  ? -10.224 -10.056 -14.286 1.00 63.61 ? 93  ASN A O   1 
ATOM   540  C CB  . ASN A 1 93  ? -8.195  -11.548 -14.781 1.00 51.62 ? 93  ASN A CB  1 
ATOM   541  C CG  . ASN A 1 93  ? -7.168  -12.520 -15.254 1.00 56.66 ? 93  ASN A CG  1 
ATOM   542  O OD1 . ASN A 1 93  ? -7.500  -13.462 -15.967 1.00 58.83 ? 93  ASN A OD1 1 
ATOM   543  N ND2 . ASN A 1 93  ? -5.904  -12.281 -14.912 1.00 53.63 ? 93  ASN A ND2 1 
ATOM   544  N N   . PRO A 1 94  ? -10.529 -9.233  -16.380 1.00 63.58 ? 94  PRO A N   1 
ATOM   545  C CA  . PRO A 1 94  ? -11.831 -8.586  -16.081 1.00 63.43 ? 94  PRO A CA  1 
ATOM   546  C C   . PRO A 1 94  ? -12.827 -9.450  -15.217 1.00 64.65 ? 94  PRO A C   1 
ATOM   547  O O   . PRO A 1 94  ? -13.480 -10.353 -15.750 1.00 58.76 ? 94  PRO A O   1 
ATOM   548  C CB  . PRO A 1 94  ? -12.424 -8.336  -17.488 1.00 55.93 ? 94  PRO A CB  1 
ATOM   549  C CG  . PRO A 1 94  ? -11.679 -9.295  -18.393 1.00 61.60 ? 94  PRO A CG  1 
ATOM   550  C CD  . PRO A 1 94  ? -10.279 -9.321  -17.832 1.00 58.15 ? 94  PRO A CD  1 
ATOM   551  N N   . ALA A 1 95  ? -12.960 -9.165  -13.915 1.00 59.57 ? 95  ALA A N   1 
ATOM   552  C CA  . ALA A 1 95  ? -14.076 -9.745  -13.124 1.00 57.55 ? 95  ALA A CA  1 
ATOM   553  C C   . ALA A 1 95  ? -15.483 -9.362  -13.657 1.00 58.48 ? 95  ALA A C   1 
ATOM   554  O O   . ALA A 1 95  ? -15.765 -8.211  -14.011 1.00 51.62 ? 95  ALA A O   1 
ATOM   555  C CB  . ALA A 1 95  ? -13.934 -9.472  -11.626 1.00 50.59 ? 95  ALA A CB  1 
ATOM   556  N N   . ASP A 1 96  ? -16.352 -10.369 -13.715 1.00 62.28 ? 96  ASP A N   1 
ATOM   557  C CA  . ASP A 1 96  ? -17.593 -10.383 -14.512 1.00 60.21 ? 96  ASP A CA  1 
ATOM   558  C C   . ASP A 1 96  ? -18.763 -9.866  -13.672 1.00 62.64 ? 96  ASP A C   1 
ATOM   559  O O   . ASP A 1 96  ? -19.534 -10.637 -13.076 1.00 57.71 ? 96  ASP A O   1 
ATOM   560  C CB  . ASP A 1 96  ? -17.837 -11.831 -14.939 1.00 67.26 ? 96  ASP A CB  1 
ATOM   561  C CG  . ASP A 1 96  ? -18.692 -11.950 -16.144 1.00 69.58 ? 96  ASP A CG  1 
ATOM   562  O OD1 . ASP A 1 96  ? -19.759 -11.309 -16.179 1.00 76.33 ? 96  ASP A OD1 1 
ATOM   563  O OD2 . ASP A 1 96  ? -18.291 -12.710 -17.048 1.00 76.34 ? 96  ASP A OD2 1 
ATOM   564  N N   . THR A 1 97  ? -18.898 -8.548  -13.612 1.00 60.75 ? 97  THR A N   1 
ATOM   565  C CA  . THR A 1 97  ? -19.706 -7.957  -12.568 1.00 49.73 ? 97  THR A CA  1 
ATOM   566  C C   . THR A 1 97  ? -20.009 -6.463  -12.887 1.00 47.70 ? 97  THR A C   1 
ATOM   567  O O   . THR A 1 97  ? -19.504 -5.908  -13.874 1.00 46.39 ? 97  THR A O   1 
ATOM   568  C CB  . THR A 1 97  ? -19.016 -8.226  -11.197 1.00 49.21 ? 97  THR A CB  1 
ATOM   569  O OG1 . THR A 1 97  ? -19.920 -7.934  -10.113 1.00 48.86 ? 97  THR A OG1 1 
ATOM   570  C CG2 . THR A 1 97  ? -17.654 -7.452  -11.096 1.00 46.65 ? 97  THR A CG2 1 
ATOM   571  N N   . ASP A 1 98  ? -20.860 -5.817  -12.085 1.00 45.93 ? 98  ASP A N   1 
ATOM   572  C CA  . ASP A 1 98  ? -21.180 -4.428  -12.350 1.00 41.66 ? 98  ASP A CA  1 
ATOM   573  C C   . ASP A 1 98  ? -19.988 -3.466  -12.043 1.00 42.01 ? 98  ASP A C   1 
ATOM   574  O O   . ASP A 1 98  ? -18.909 -3.873  -11.568 1.00 30.93 ? 98  ASP A O   1 
ATOM   575  C CB  . ASP A 1 98  ? -22.452 -4.026  -11.610 1.00 47.82 ? 98  ASP A CB  1 
ATOM   576  C CG  . ASP A 1 98  ? -22.341 -4.168  -10.107 1.00 50.26 ? 98  ASP A CG  1 
ATOM   577  O OD1 . ASP A 1 98  ? -21.295 -3.899  -9.493  1.00 47.08 ? 98  ASP A OD1 1 
ATOM   578  O OD2 . ASP A 1 98  ? -23.363 -4.507  -9.510  1.00 62.75 ? 98  ASP A OD2 1 
ATOM   579  N N   . ARG A 1 99  ? -20.202 -2.207  -12.367 1.00 35.29 ? 99  ARG A N   1 
ATOM   580  C CA  . ARG A 1 99  ? -19.207 -1.179  -12.198 1.00 40.96 ? 99  ARG A CA  1 
ATOM   581  C C   . ARG A 1 99  ? -18.837 -0.985  -10.731 1.00 32.73 ? 99  ARG A C   1 
ATOM   582  O O   . ARG A 1 99  ? -17.635 -0.840  -10.421 1.00 33.74 ? 99  ARG A O   1 
ATOM   583  C CB  . ARG A 1 99  ? -19.674 0.123   -12.859 1.00 43.27 ? 99  ARG A CB  1 
ATOM   584  C CG  . ARG A 1 99  ? -19.299 0.064   -14.337 1.00 59.37 ? 99  ARG A CG  1 
ATOM   585  C CD  . ARG A 1 99  ? -20.195 0.839   -15.314 1.00 59.82 ? 99  ARG A CD  1 
ATOM   586  N NE  . ARG A 1 99  ? -19.514 0.872   -16.629 1.00 52.91 ? 99  ARG A NE  1 
ATOM   587  C CZ  . ARG A 1 99  ? -19.846 0.146   -17.694 1.00 54.85 ? 99  ARG A CZ  1 
ATOM   588  N NH1 . ARG A 1 99  ? -20.899 -0.684  -17.637 1.00 57.75 ? 99  ARG A NH1 1 
ATOM   589  N NH2 . ARG A 1 99  ? -19.126 0.260   -18.819 1.00 51.60 ? 99  ARG A NH2 1 
ATOM   590  N N   . GLU A 1 100 ? -19.831 -1.003  -9.849  1.00 27.44 ? 100 GLU A N   1 
ATOM   591  C CA  . GLU A 1 100 ? -19.529 -0.790  -8.452  1.00 31.62 ? 100 GLU A CA  1 
ATOM   592  C C   . GLU A 1 100 ? -18.577 -1.898  -7.912  1.00 34.33 ? 100 GLU A C   1 
ATOM   593  O O   . GLU A 1 100 ? -17.584 -1.657  -7.182  1.00 27.31 ? 100 GLU A O   1 
ATOM   594  C CB  . GLU A 1 100 ? -20.784 -0.762  -7.643  1.00 31.36 ? 100 GLU A CB  1 
ATOM   595  C CG  . GLU A 1 100 ? -20.418 -0.762  -6.201  1.00 37.86 ? 100 GLU A CG  1 
ATOM   596  C CD  . GLU A 1 100 ? -21.594 -0.670  -5.300  1.00 50.34 ? 100 GLU A CD  1 
ATOM   597  O OE1 . GLU A 1 100 ? -22.619 -0.048  -5.686  1.00 52.94 ? 100 GLU A OE1 1 
ATOM   598  O OE2 . GLU A 1 100 ? -21.451 -1.216  -4.186  1.00 52.55 ? 100 GLU A OE2 1 
ATOM   599  N N   . ASN A 1 101 ? -18.904 -3.127  -8.265  1.00 31.48 ? 101 ASN A N   1 
ATOM   600  C CA  . ASN A 1 101 ? -18.108 -4.245  -7.820  1.00 29.88 ? 101 ASN A CA  1 
ATOM   601  C C   . ASN A 1 101 ? -16.744 -4.298  -8.509  1.00 26.98 ? 101 ASN A C   1 
ATOM   602  O O   . ASN A 1 101 ? -15.770 -4.730  -7.898  1.00 27.15 ? 101 ASN A O   1 
ATOM   603  C CB  . ASN A 1 101 ? -18.884 -5.561  -7.992  1.00 35.61 ? 101 ASN A CB  1 
ATOM   604  C CG  . ASN A 1 101 ? -18.224 -6.671  -7.247  1.00 44.58 ? 101 ASN A CG  1 
ATOM   605  O OD1 . ASN A 1 101 ? -17.888 -6.555  -6.027  1.00 52.84 ? 101 ASN A OD1 1 
ATOM   606  N ND2 . ASN A 1 101 ? -17.900 -7.716  -7.986  1.00 47.71 ? 101 ASN A ND2 1 
ATOM   607  N N   . MET A 1 102 ? -16.634 -3.832  -9.751  1.00 24.60 ? 102 MET A N   1 
ATOM   608  C CA  . MET A 1 102 ? -15.307 -3.736  -10.384 1.00 25.27 ? 102 MET A CA  1 
ATOM   609  C C   . MET A 1 102 ? -14.391 -2.775  -9.562  1.00 24.14 ? 102 MET A C   1 
ATOM   610  O O   . MET A 1 102 ? -13.216 -3.086  -9.316  1.00 22.03 ? 102 MET A O   1 
ATOM   611  C CB  . MET A 1 102 ? -15.392 -3.295  -11.882 1.00 29.69 ? 102 MET A CB  1 
ATOM   612  C CG  . MET A 1 102 ? -14.128 -2.605  -12.470 1.00 39.83 ? 102 MET A CG  1 
ATOM   613  S SD  . MET A 1 102 ? -14.000 -1.734  -14.109 1.00 58.92 ? 102 MET A SD  1 
ATOM   614  C CE  . MET A 1 102 ? -14.767 -0.126  -13.922 1.00 41.55 ? 102 MET A CE  1 
ATOM   615  N N   . TRP A 1 103 ? -14.907 -1.624  -9.148  1.00 21.10 ? 103 TRP A N   1 
ATOM   616  C CA  . TRP A 1 103 ? -14.082 -0.657  -8.339  1.00 21.35 ? 103 TRP A CA  1 
ATOM   617  C C   . TRP A 1 103 ? -13.769 -1.243  -6.976  1.00 19.85 ? 103 TRP A C   1 
ATOM   618  O O   . TRP A 1 103 ? -12.638 -1.139  -6.471  1.00 22.47 ? 103 TRP A O   1 
ATOM   619  C CB  . TRP A 1 103 ? -14.801 0.700   -8.214  1.00 19.93 ? 103 TRP A CB  1 
ATOM   620  C CG  . TRP A 1 103 ? -14.684 1.463   -9.542  1.00 21.81 ? 103 TRP A CG  1 
ATOM   621  C CD1 . TRP A 1 103 ? -15.687 1.775   -10.433 1.00 23.67 ? 103 TRP A CD1 1 
ATOM   622  C CD2 . TRP A 1 103 ? -13.457 1.989   -10.151 1.00 19.45 ? 103 TRP A CD2 1 
ATOM   623  N NE1 . TRP A 1 103 ? -15.182 2.468   -11.516 1.00 23.11 ? 103 TRP A NE1 1 
ATOM   624  C CE2 . TRP A 1 103 ? -13.861 2.614   -11.412 1.00 21.21 ? 103 TRP A CE2 1 
ATOM   625  C CE3 . TRP A 1 103 ? -12.094 2.021   -9.769  1.00 21.66 ? 103 TRP A CE3 1 
ATOM   626  C CZ2 . TRP A 1 103 ? -12.952 3.218   -12.267 1.00 23.07 ? 103 TRP A CZ2 1 
ATOM   627  C CZ3 . TRP A 1 103 ? -11.166 2.627   -10.659 1.00 24.46 ? 103 TRP A CZ3 1 
ATOM   628  C CH2 . TRP A 1 103 ? -11.603 3.238   -11.873 1.00 22.38 ? 103 TRP A CH2 1 
ATOM   629  N N   . ARG A 1 104 ? -14.761 -1.904  -6.383  1.00 17.13 ? 104 ARG A N   1 
ATOM   630  C CA  . ARG A 1 104 ? -14.554 -2.505  -5.075  1.00 18.79 ? 104 ARG A CA  1 
ATOM   631  C C   . ARG A 1 104 ? -13.404 -3.563  -5.122  1.00 19.17 ? 104 ARG A C   1 
ATOM   632  O O   . ARG A 1 104 ? -12.568 -3.604  -4.244  1.00 17.68 ? 104 ARG A O   1 
ATOM   633  C CB  . ARG A 1 104 ? -15.859 -3.208  -4.618  1.00 21.91 ? 104 ARG A CB  1 
ATOM   634  C CG  . ARG A 1 104 ? -15.721 -3.905  -3.246  1.00 24.75 ? 104 ARG A CG  1 
ATOM   635  C CD  . ARG A 1 104 ? -17.039 -4.547  -2.720  1.00 25.00 ? 104 ARG A CD  1 
ATOM   636  N NE  . ARG A 1 104 ? -18.152 -3.637  -2.886  1.00 31.18 ? 104 ARG A NE  1 
ATOM   637  C CZ  . ARG A 1 104 ? -18.618 -2.801  -1.963  1.00 41.44 ? 104 ARG A CZ  1 
ATOM   638  N NH1 . ARG A 1 104 ? -18.093 -2.742  -0.699  1.00 39.24 ? 104 ARG A NH1 1 
ATOM   639  N NH2 . ARG A 1 104 ? -19.672 -2.045  -2.307  1.00 38.65 ? 104 ARG A NH2 1 
ATOM   640  N N   . THR A 1 105 ? -13.396 -4.445  -6.129  1.00 18.88 ? 105 THR A N   1 
ATOM   641  C CA  . THR A 1 105 ? -12.334 -5.445  -6.205  1.00 20.09 ? 105 THR A CA  1 
ATOM   642  C C   . THR A 1 105 ? -10.988 -4.820  -6.382  1.00 20.50 ? 105 THR A C   1 
ATOM   643  O O   . THR A 1 105 ? -10.023 -5.327  -5.853  1.00 21.13 ? 105 THR A O   1 
ATOM   644  C CB  . THR A 1 105 ? -12.608 -6.496  -7.355  1.00 25.84 ? 105 THR A CB  1 
ATOM   645  O OG1 . THR A 1 105 ? -12.320 -5.838  -8.586  1.00 35.49 ? 105 THR A OG1 1 
ATOM   646  C CG2 . THR A 1 105 ? -14.051 -6.920  -7.340  1.00 19.73 ? 105 THR A CG2 1 
ATOM   647  N N   . GLY A 1 106 ? -10.890 -3.724  -7.146  1.00 22.29 ? 106 GLY A N   1 
ATOM   648  C CA  . GLY A 1 106 ? -9.625  -2.996  -7.334  1.00 19.54 ? 106 GLY A CA  1 
ATOM   649  C C   . GLY A 1 106 ? -9.165  -2.331  -6.003  1.00 19.60 ? 106 GLY A C   1 
ATOM   650  O O   . GLY A 1 106 ? -8.014  -2.478  -5.559  1.00 19.74 ? 106 GLY A O   1 
ATOM   651  N N   . ILE A 1 107 ? -10.048 -1.614  -5.329  1.00 17.80 ? 107 ILE A N   1 
ATOM   652  C CA  . ILE A 1 107 ? -9.654  -1.027  -4.037  1.00 17.41 ? 107 ILE A CA  1 
ATOM   653  C C   . ILE A 1 107 ? -9.283  -2.118  -3.017  1.00 18.16 ? 107 ILE A C   1 
ATOM   654  O O   . ILE A 1 107 ? -8.439  -1.930  -2.144  1.00 16.77 ? 107 ILE A O   1 
ATOM   655  C CB  . ILE A 1 107 ? -10.850 -0.168  -3.504  1.00 17.58 ? 107 ILE A CB  1 
ATOM   656  C CG1 . ILE A 1 107 ? -11.108 1.082   -4.422  1.00 16.16 ? 107 ILE A CG1 1 
ATOM   657  C CG2 . ILE A 1 107 ? -10.576 0.251   -2.076  1.00 15.27 ? 107 ILE A CG2 1 
ATOM   658  C CD1 . ILE A 1 107 ? -12.472 1.761   -4.151  1.00 21.29 ? 107 ILE A CD1 1 
ATOM   659  N N   . ASN A 1 108 ? -10.026 -3.224  -3.031  1.00 17.72 ? 108 ASN A N   1 
ATOM   660  C CA  . ASN A 1 108 ? -9.770  -4.312  -2.129  1.00 17.82 ? 108 ASN A CA  1 
ATOM   661  C C   . ASN A 1 108 ? -8.340  -4.940  -2.223  1.00 17.74 ? 108 ASN A C   1 
ATOM   662  O O   . ASN A 1 108 ? -7.798  -5.493  -1.257  1.00 19.13 ? 108 ASN A O   1 
ATOM   663  C CB  . ASN A 1 108 ? -10.830 -5.472  -2.404  1.00 18.83 ? 108 ASN A CB  1 
ATOM   664  C CG  . ASN A 1 108 ? -10.734 -6.546  -1.316  1.00 20.12 ? 108 ASN A CG  1 
ATOM   665  O OD1 . ASN A 1 108 ? -10.894 -6.239  -0.125  1.00 18.29 ? 108 ASN A OD1 1 
ATOM   666  N ND2 . ASN A 1 108 ? -10.517 -7.791  -1.705  1.00 19.82 ? 108 ASN A ND2 1 
ATOM   667  N N   . VAL A 1 109 ? -7.724  -4.851  -3.383  1.00 20.60 ? 109 VAL A N   1 
ATOM   668  C CA  . VAL A 1 109 ? -6.276  -5.197  -3.495  1.00 22.95 ? 109 VAL A CA  1 
ATOM   669  C C   . VAL A 1 109 ? -5.460  -4.485  -2.434  1.00 22.33 ? 109 VAL A C   1 
ATOM   670  O O   . VAL A 1 109 ? -4.627  -5.103  -1.734  1.00 21.34 ? 109 VAL A O   1 
ATOM   671  C CB  . VAL A 1 109 ? -5.747  -4.831  -4.924  1.00 27.59 ? 109 VAL A CB  1 
ATOM   672  C CG1 . VAL A 1 109 ? -4.231  -4.901  -5.054  1.00 28.51 ? 109 VAL A CG1 1 
ATOM   673  C CG2 . VAL A 1 109 ? -6.392  -5.745  -5.981  1.00 25.46 ? 109 VAL A CG2 1 
ATOM   674  N N   . PHE A 1 110 ? -5.691  -3.175  -2.256  1.00 21.01 ? 110 PHE A N   1 
ATOM   675  C CA  . PHE A 1 110 ? -4.901  -2.365  -1.307  1.00 18.62 ? 110 PHE A CA  1 
ATOM   676  C C   . PHE A 1 110 ? -5.348  -2.572  0.102   1.00 18.87 ? 110 PHE A C   1 
ATOM   677  O O   . PHE A 1 110 ? -4.508  -2.760  1.015   1.00 20.43 ? 110 PHE A O   1 
ATOM   678  C CB  . PHE A 1 110 ? -4.959  -0.856  -1.744  1.00 17.88 ? 110 PHE A CB  1 
ATOM   679  C CG  . PHE A 1 110 ? -4.324  -0.673  -3.081  1.00 19.12 ? 110 PHE A CG  1 
ATOM   680  C CD1 . PHE A 1 110 ? -2.912  -0.567  -3.166  1.00 19.67 ? 110 PHE A CD1 1 
ATOM   681  C CD2 . PHE A 1 110 ? -5.058  -0.836  -4.245  1.00 19.80 ? 110 PHE A CD2 1 
ATOM   682  C CE1 . PHE A 1 110 ? -2.296  -0.521  -4.398  1.00 17.81 ? 110 PHE A CE1 1 
ATOM   683  C CE2 . PHE A 1 110 ? -4.438  -0.826  -5.530  1.00 22.15 ? 110 PHE A CE2 1 
ATOM   684  C CZ  . PHE A 1 110 ? -3.055  -0.635  -5.599  1.00 19.01 ? 110 PHE A CZ  1 
ATOM   685  N N   . PHE A 1 111 ? -6.677  -2.690  0.273   1.00 17.64 ? 111 PHE A N   1 
ATOM   686  C CA  . PHE A 1 111 ? -7.252  -3.002  1.608   1.00 19.74 ? 111 PHE A CA  1 
ATOM   687  C C   . PHE A 1 111 ? -6.684  -4.335  2.139   1.00 20.36 ? 111 PHE A C   1 
ATOM   688  O O   . PHE A 1 111 ? -6.230  -4.374  3.300   1.00 18.51 ? 111 PHE A O   1 
ATOM   689  C CB  . PHE A 1 111 ? -8.795  -3.084  1.484   1.00 21.40 ? 111 PHE A CB  1 
ATOM   690  C CG  . PHE A 1 111 ? -9.505  -3.419  2.760   1.00 22.29 ? 111 PHE A CG  1 
ATOM   691  C CD1 . PHE A 1 111 ? -9.572  -2.517  3.814   1.00 21.70 ? 111 PHE A CD1 1 
ATOM   692  C CD2 . PHE A 1 111 ? -10.165 -4.654  2.893   1.00 23.17 ? 111 PHE A CD2 1 
ATOM   693  C CE1 . PHE A 1 111 ? -10.305 -2.817  4.971   1.00 21.25 ? 111 PHE A CE1 1 
ATOM   694  C CE2 . PHE A 1 111 ? -10.875 -4.990  4.068   1.00 24.10 ? 111 PHE A CE2 1 
ATOM   695  C CZ  . PHE A 1 111 ? -10.976 -4.053  5.097   1.00 23.28 ? 111 PHE A CZ  1 
ATOM   696  N N   . GLU A 1 112 ? -6.759  -5.420  1.333   1.00 19.90 ? 112 GLU A N   1 
ATOM   697  C CA  . GLU A 1 112 ? -6.222  -6.717  1.780   1.00 20.74 ? 112 GLU A CA  1 
ATOM   698  C C   . GLU A 1 112 ? -4.688  -6.760  1.799   1.00 21.58 ? 112 GLU A C   1 
ATOM   699  O O   . GLU A 1 112 ? -4.113  -7.385  2.663   1.00 24.00 ? 112 GLU A O   1 
ATOM   700  C CB  . GLU A 1 112 ? -6.658  -7.863  0.815   1.00 23.72 ? 112 GLU A CB  1 
ATOM   701  C CG  . GLU A 1 112 ? -8.107  -8.220  1.023   1.00 27.70 ? 112 GLU A CG  1 
ATOM   702  C CD  . GLU A 1 112 ? -8.317  -8.836  2.423   1.00 34.68 ? 112 GLU A CD  1 
ATOM   703  O OE1 . GLU A 1 112 ? -7.416  -9.583  2.902   1.00 37.30 ? 112 GLU A OE1 1 
ATOM   704  O OE2 . GLU A 1 112 ? -9.388  -8.603  3.055   1.00 34.51 ? 112 GLU A OE2 1 
ATOM   705  N N   . THR A 1 113 ? -4.003  -6.152  0.844   1.00 18.15 ? 113 THR A N   1 
ATOM   706  C CA  . THR A 1 113 ? -2.547  -6.288  0.877   1.00 22.21 ? 113 THR A CA  1 
ATOM   707  C C   . THR A 1 113 ? -1.928  -5.495  2.001   1.00 25.49 ? 113 THR A C   1 
ATOM   708  O O   . THR A 1 113 ? -1.065  -6.033  2.763   1.00 22.60 ? 113 THR A O   1 
ATOM   709  C CB  . THR A 1 113 ? -1.865  -5.853  -0.468  1.00 24.07 ? 113 THR A CB  1 
ATOM   710  O OG1 . THR A 1 113 ? -2.510  -6.569  -1.523  1.00 23.38 ? 113 THR A OG1 1 
ATOM   711  C CG2 . THR A 1 113 ? -0.384  -6.237  -0.497  1.00 22.98 ? 113 THR A CG2 1 
ATOM   712  N N   . PHE A 1 114 ? -2.299  -4.211  2.121   1.00 21.43 ? 114 PHE A N   1 
ATOM   713  C CA  . PHE A 1 114 ? -1.674  -3.402  3.202   1.00 20.25 ? 114 PHE A CA  1 
ATOM   714  C C   . PHE A 1 114 ? -2.262  -3.753  4.528   1.00 21.76 ? 114 PHE A C   1 
ATOM   715  O O   . PHE A 1 114 ? -1.575  -3.704  5.555   1.00 21.76 ? 114 PHE A O   1 
ATOM   716  C CB  . PHE A 1 114 ? -1.806  -1.922  2.856   1.00 20.96 ? 114 PHE A CB  1 
ATOM   717  C CG  . PHE A 1 114 ? -0.890  -1.539  1.715   1.00 23.44 ? 114 PHE A CG  1 
ATOM   718  C CD1 . PHE A 1 114 ? 0.443   -1.211  1.974   1.00 28.99 ? 114 PHE A CD1 1 
ATOM   719  C CD2 . PHE A 1 114 ? -1.330  -1.523  0.441   1.00 27.48 ? 114 PHE A CD2 1 
ATOM   720  C CE1 . PHE A 1 114 ? 1.315   -0.860  0.910   1.00 31.94 ? 114 PHE A CE1 1 
ATOM   721  C CE2 . PHE A 1 114 ? -0.471  -1.188  -0.642  1.00 31.42 ? 114 PHE A CE2 1 
ATOM   722  C CZ  . PHE A 1 114 ? 0.840   -0.857  -0.404  1.00 27.85 ? 114 PHE A CZ  1 
ATOM   723  N N   . GLY A 1 115 ? -3.554  -4.139  4.496   1.00 21.05 ? 115 GLY A N   1 
ATOM   724  C CA  . GLY A 1 115 ? -4.280  -4.674  5.691   1.00 23.18 ? 115 GLY A CA  1 
ATOM   725  C C   . GLY A 1 115 ? -3.690  -5.963  6.299   1.00 24.50 ? 115 GLY A C   1 
ATOM   726  O O   . GLY A 1 115 ? -3.911  -6.258  7.464   1.00 23.71 ? 115 GLY A O   1 
ATOM   727  N N   . SER A 1 116 ? -2.988  -6.741  5.498   1.00 24.52 ? 116 SER A N   1 
ATOM   728  C CA  . SER A 1 116 ? -2.278  -7.933  5.992   1.00 27.45 ? 116 SER A CA  1 
ATOM   729  C C   . SER A 1 116 ? -0.848  -7.654  6.487   1.00 27.32 ? 116 SER A C   1 
ATOM   730  O O   . SER A 1 116 ? -0.153  -8.577  6.970   1.00 28.45 ? 116 SER A O   1 
ATOM   731  C CB  . SER A 1 116 ? -2.228  -9.008  4.886   1.00 27.59 ? 116 SER A CB  1 
ATOM   732  O OG  . SER A 1 116 ? -3.567  -9.337  4.535   1.00 31.48 ? 116 SER A OG  1 
ATOM   733  N N   . HIS A 1 117 ? -0.388  -6.413  6.318   1.00 24.58 ? 117 HIS A N   1 
ATOM   734  C CA  . HIS A 1 117 ? 0.948   -6.005  6.713   1.00 25.30 ? 117 HIS A CA  1 
ATOM   735  C C   . HIS A 1 117 ? 0.878   -4.653  7.363   1.00 23.70 ? 117 HIS A C   1 
ATOM   736  O O   . HIS A 1 117 ? 1.547   -3.712  6.914   1.00 21.14 ? 117 HIS A O   1 
ATOM   737  C CB  . HIS A 1 117 ? 1.924   -5.989  5.506   1.00 27.60 ? 117 HIS A CB  1 
ATOM   738  C CG  . HIS A 1 117 ? 2.061   -7.311  4.851   1.00 31.07 ? 117 HIS A CG  1 
ATOM   739  N ND1 . HIS A 1 117 ? 2.857   -8.300  5.361   1.00 33.47 ? 117 HIS A ND1 1 
ATOM   740  C CD2 . HIS A 1 117 ? 1.418   -7.858  3.733   1.00 31.30 ? 117 HIS A CD2 1 
ATOM   741  C CE1 . HIS A 1 117 ? 2.714   -9.421  4.608   1.00 29.80 ? 117 HIS A CE1 1 
ATOM   742  N NE2 . HIS A 1 117 ? 1.830   -9.161  3.625   1.00 34.06 ? 117 HIS A NE2 1 
ATOM   743  N N   . LYS A 1 118 ? 0.083   -4.534  8.429   1.00 23.97 ? 118 LYS A N   1 
ATOM   744  C CA  . LYS A 1 118 ? -0.151  -3.188  9.085   1.00 26.45 ? 118 LYS A CA  1 
ATOM   745  C C   . LYS A 1 118 ? 1.086   -2.629  9.724   1.00 24.25 ? 118 LYS A C   1 
ATOM   746  O O   . LYS A 1 118 ? 1.295   -1.421  9.698   1.00 20.18 ? 118 LYS A O   1 
ATOM   747  C CB  . LYS A 1 118 ? -1.234  -3.268  10.181  1.00 22.37 ? 118 LYS A CB  1 
ATOM   748  C CG  . LYS A 1 118 ? -2.592  -3.475  9.556   1.00 25.88 ? 118 LYS A CG  1 
ATOM   749  C CD  . LYS A 1 118 ? -3.686  -3.708  10.602  1.00 27.56 ? 118 LYS A CD  1 
ATOM   750  C CE  . LYS A 1 118 ? -4.981  -3.949  9.828   1.00 31.23 ? 118 LYS A CE  1 
ATOM   751  N NZ  . LYS A 1 118 ? -5.995  -4.589  10.691  1.00 40.98 ? 118 LYS A NZ  1 
ATOM   752  N N   . ALA A 1 119 ? 1.930   -3.508  10.295  1.00 22.62 ? 119 ALA A N   1 
ATOM   753  C CA  . ALA A 1 119 ? 3.094   -2.970  11.047  1.00 23.17 ? 119 ALA A CA  1 
ATOM   754  C C   . ALA A 1 119 ? 4.046   -2.370  10.027  1.00 20.70 ? 119 ALA A C   1 
ATOM   755  O O   . ALA A 1 119 ? 4.665   -1.304  10.278  1.00 23.31 ? 119 ALA A O   1 
ATOM   756  C CB  . ALA A 1 119 ? 3.808   -4.078  11.878  1.00 22.76 ? 119 ALA A CB  1 
ATOM   757  N N   . VAL A 1 120 ? 4.190   -3.025  8.891   1.00 22.36 ? 120 VAL A N   1 
ATOM   758  C CA  . VAL A 1 120 ? 5.113   -2.532  7.836   1.00 24.57 ? 120 VAL A CA  1 
ATOM   759  C C   . VAL A 1 120 ? 4.577   -1.228  7.213   1.00 26.51 ? 120 VAL A C   1 
ATOM   760  O O   . VAL A 1 120 ? 5.313   -0.258  6.968   1.00 29.38 ? 120 VAL A O   1 
ATOM   761  C CB  . VAL A 1 120 ? 5.424   -3.610  6.761   1.00 26.00 ? 120 VAL A CB  1 
ATOM   762  C CG1 . VAL A 1 120 ? 6.108   -2.992  5.543   1.00 26.36 ? 120 VAL A CG1 1 
ATOM   763  C CG2 . VAL A 1 120 ? 6.322   -4.716  7.380   1.00 28.08 ? 120 VAL A CG2 1 
ATOM   764  N N   . THR A 1 121 ? 3.276   -1.204  6.970   1.00 26.40 ? 121 THR A N   1 
ATOM   765  C CA  . THR A 1 121 ? 2.610   0.004   6.460   1.00 26.14 ? 121 THR A CA  1 
ATOM   766  C C   . THR A 1 121 ? 2.840   1.155   7.422   1.00 26.03 ? 121 THR A C   1 
ATOM   767  O O   . THR A 1 121 ? 3.264   2.233   7.017   1.00 24.52 ? 121 THR A O   1 
ATOM   768  C CB  . THR A 1 121 ? 1.115   -0.271  6.239   1.00 29.44 ? 121 THR A CB  1 
ATOM   769  O OG1 . THR A 1 121 ? 0.993   -1.416  5.376   1.00 27.17 ? 121 THR A OG1 1 
ATOM   770  C CG2 . THR A 1 121 ? 0.450   0.949   5.585   1.00 32.96 ? 121 THR A CG2 1 
ATOM   771  N N   . ARG A 1 122 ? 2.585   0.922   8.698   1.00 25.83 ? 122 ARG A N   1 
ATOM   772  C CA  . ARG A 1 122 ? 2.697   1.965   9.651   1.00 31.84 ? 122 ARG A CA  1 
ATOM   773  C C   . ARG A 1 122 ? 4.175   2.432   9.753   1.00 32.55 ? 122 ARG A C   1 
ATOM   774  O O   . ARG A 1 122 ? 4.440   3.615   9.758   1.00 29.70 ? 122 ARG A O   1 
ATOM   775  C CB  . ARG A 1 122 ? 2.182   1.452   10.999  1.00 36.30 ? 122 ARG A CB  1 
ATOM   776  C CG  . ARG A 1 122 ? 2.641   2.222   12.219  1.00 46.34 ? 122 ARG A CG  1 
ATOM   777  C CD  . ARG A 1 122 ? 2.095   1.599   13.514  1.00 57.85 ? 122 ARG A CD  1 
ATOM   778  N NE  . ARG A 1 122 ? 0.663   1.293   13.334  1.00 72.58 ? 122 ARG A NE  1 
ATOM   779  C CZ  . ARG A 1 122 ? 0.121   0.066   13.318  1.00 72.82 ? 122 ARG A CZ  1 
ATOM   780  N NH1 . ARG A 1 122 ? 0.860   -1.035  13.527  1.00 61.77 ? 122 ARG A NH1 1 
ATOM   781  N NH2 . ARG A 1 122 ? -1.189  -0.061  13.113  1.00 72.96 ? 122 ARG A NH2 1 
ATOM   782  N N   . ALA A 1 123 ? 5.139   1.503   9.801   1.00 27.62 ? 123 ALA A N   1 
ATOM   783  C CA  . ALA A 1 123 ? 6.535   1.901   9.846   1.00 26.86 ? 123 ALA A CA  1 
ATOM   784  C C   . ALA A 1 123 ? 6.969   2.597   8.557   1.00 28.57 ? 123 ALA A C   1 
ATOM   785  O O   . ALA A 1 123 ? 7.743   3.584   8.577   1.00 30.66 ? 123 ALA A O   1 
ATOM   786  C CB  . ALA A 1 123 ? 7.412   0.662   10.156  1.00 25.85 ? 123 ALA A CB  1 
ATOM   787  N N   . GLY A 1 124 ? 6.430   2.156   7.428   1.00 25.51 ? 124 GLY A N   1 
ATOM   788  C CA  . GLY A 1 124 ? 6.803   2.712   6.119   1.00 29.57 ? 124 GLY A CA  1 
ATOM   789  C C   . GLY A 1 124 ? 6.282   4.147   5.997   1.00 35.56 ? 124 GLY A C   1 
ATOM   790  O O   . GLY A 1 124 ? 6.953   5.051   5.461   1.00 36.58 ? 124 GLY A O   1 
ATOM   791  N N   . GLN A 1 125 ? 5.097   4.370   6.544   1.00 35.39 ? 125 GLN A N   1 
ATOM   792  C CA  . GLN A 1 125 ? 4.550   5.704   6.631   1.00 39.13 ? 125 GLN A CA  1 
ATOM   793  C C   . GLN A 1 125 ? 5.442   6.599   7.463   1.00 40.31 ? 125 GLN A C   1 
ATOM   794  O O   . GLN A 1 125 ? 5.766   7.719   7.064   1.00 39.56 ? 125 GLN A O   1 
ATOM   795  C CB  . GLN A 1 125 ? 3.147   5.691   7.273   1.00 42.51 ? 125 GLN A CB  1 
ATOM   796  C CG  . GLN A 1 125 ? 2.706   7.047   7.824   1.00 50.64 ? 125 GLN A CG  1 
ATOM   797  C CD  . GLN A 1 125 ? 2.599   8.121   6.736   1.00 60.71 ? 125 GLN A CD  1 
ATOM   798  O OE1 . GLN A 1 125 ? 2.179   7.853   5.608   1.00 63.42 ? 125 GLN A OE1 1 
ATOM   799  N NE2 . GLN A 1 125 ? 2.996   9.342   7.074   1.00 68.48 ? 125 GLN A NE2 1 
ATOM   800  N N   . ALA A 1 126 ? 5.806   6.150   8.652   1.00 39.29 ? 126 ALA A N   1 
ATOM   801  C CA  . ALA A 1 126 ? 6.560   7.034   9.497   1.00 36.24 ? 126 ALA A CA  1 
ATOM   802  C C   . ALA A 1 126 ? 7.911   7.330   8.834   1.00 40.47 ? 126 ALA A C   1 
ATOM   803  O O   . ALA A 1 126 ? 8.466   8.406   9.018   1.00 45.06 ? 126 ALA A O   1 
ATOM   804  C CB  . ALA A 1 126 ? 6.734   6.426   10.892  1.00 36.10 ? 126 ALA A CB  1 
ATOM   805  N N   . ALA A 1 127 ? 8.433   6.381   8.050   1.00 40.72 ? 127 ALA A N   1 
ATOM   806  C CA  . ALA A 1 127 ? 9.741   6.564   7.385   1.00 38.46 ? 127 ALA A CA  1 
ATOM   807  C C   . ALA A 1 127 ? 9.716   7.495   6.158   1.00 42.64 ? 127 ALA A C   1 
ATOM   808  O O   . ALA A 1 127 ? 10.784  7.958   5.746   1.00 36.52 ? 127 ALA A O   1 
ATOM   809  C CB  . ALA A 1 127 ? 10.335  5.226   6.977   1.00 32.57 ? 127 ALA A CB  1 
ATOM   810  N N   . ARG A 1 128 ? 8.540   7.753   5.543   1.00 40.33 ? 128 ARG A N   1 
ATOM   811  C CA  . ARG A 1 128 ? 8.471   8.675   4.400   1.00 39.86 ? 128 ARG A CA  1 
ATOM   812  C C   . ARG A 1 128 ? 9.117   10.022  4.656   1.00 44.95 ? 128 ARG A C   1 
ATOM   813  O O   . ARG A 1 128 ? 9.700   10.606  3.734   1.00 47.18 ? 128 ARG A O   1 
ATOM   814  C CB  . ARG A 1 128 ? 7.053   8.963   3.964   1.00 37.23 ? 128 ARG A CB  1 
ATOM   815  C CG  . ARG A 1 128 ? 6.500   7.918   3.034   1.00 44.67 ? 128 ARG A CG  1 
ATOM   816  C CD  . ARG A 1 128 ? 5.017   8.210   2.946   1.00 49.08 ? 128 ARG A CD  1 
ATOM   817  N NE  . ARG A 1 128 ? 4.741   9.114   1.842   1.00 55.83 ? 128 ARG A NE  1 
ATOM   818  C CZ  . ARG A 1 128 ? 3.522   9.529   1.505   1.00 54.27 ? 128 ARG A CZ  1 
ATOM   819  N NH1 . ARG A 1 128 ? 2.464   9.153   2.209   1.00 44.28 ? 128 ARG A NH1 1 
ATOM   820  N NH2 . ARG A 1 128 ? 3.369   10.307  0.450   1.00 49.94 ? 128 ARG A NH2 1 
ATOM   821  N N   . ALA A 1 129 ? 8.983   10.511  5.889   1.00 40.51 ? 129 ALA A N   1 
ATOM   822  C CA  . ALA A 1 129 ? 9.461   11.843  6.251   1.00 45.51 ? 129 ALA A CA  1 
ATOM   823  C C   . ALA A 1 129 ? 11.000  11.889  6.362   1.00 46.74 ? 129 ALA A C   1 
ATOM   824  O O   . ALA A 1 129 ? 11.586  12.915  6.100   1.00 53.69 ? 129 ALA A O   1 
ATOM   825  C CB  . ALA A 1 129 ? 8.762   12.353  7.523   1.00 37.96 ? 129 ALA A CB  1 
ATOM   826  N N   . THR A 1 130 ? 11.642  10.767  6.674   1.00 49.15 ? 130 THR A N   1 
ATOM   827  C CA  . THR A 1 130 ? 13.080  10.743  6.934   1.00 48.92 ? 130 THR A CA  1 
ATOM   828  C C   . THR A 1 130 ? 13.884  10.018  5.848   1.00 53.70 ? 130 THR A C   1 
ATOM   829  O O   . THR A 1 130 ? 15.101  10.200  5.751   1.00 53.37 ? 130 THR A O   1 
ATOM   830  C CB  . THR A 1 130 ? 13.384  10.113  8.317   1.00 50.32 ? 130 THR A CB  1 
ATOM   831  O OG1 . THR A 1 130 ? 12.993  8.730   8.304   1.00 52.26 ? 130 THR A OG1 1 
ATOM   832  C CG2 . THR A 1 130 ? 12.597  10.838  9.426   1.00 48.81 ? 130 THR A CG2 1 
ATOM   833  N N   . SER A 1 131 ? 13.230  9.185   5.039   1.00 42.08 ? 131 SER A N   1 
ATOM   834  C CA  . SER A 1 131 ? 13.941  8.435   4.022   1.00 39.44 ? 131 SER A CA  1 
ATOM   835  C C   . SER A 1 131 ? 13.530  8.778   2.582   1.00 43.10 ? 131 SER A C   1 
ATOM   836  O O   . SER A 1 131 ? 12.358  8.619   2.179   1.00 33.36 ? 131 SER A O   1 
ATOM   837  C CB  . SER A 1 131 ? 13.828  6.937   4.281   1.00 41.47 ? 131 SER A CB  1 
ATOM   838  O OG  . SER A 1 131 ? 14.100  6.248   3.086   1.00 37.19 ? 131 SER A OG  1 
ATOM   839  N N   . VAL A 1 132 ? 14.510  9.250   1.806   1.00 37.31 ? 132 VAL A N   1 
ATOM   840  C CA  . VAL A 1 132 ? 14.284  9.612   0.439   1.00 37.70 ? 132 VAL A CA  1 
ATOM   841  C C   . VAL A 1 132 ? 13.941  8.349   -0.367  1.00 38.31 ? 132 VAL A C   1 
ATOM   842  O O   . VAL A 1 132 ? 13.154  8.426   -1.315  1.00 34.90 ? 132 VAL A O   1 
ATOM   843  C CB  . VAL A 1 132 ? 15.498  10.376  -0.190  1.00 39.52 ? 132 VAL A CB  1 
ATOM   844  C CG1 . VAL A 1 132 ? 15.156  10.948  -1.558  1.00 42.69 ? 132 VAL A CG1 1 
ATOM   845  C CG2 . VAL A 1 132 ? 15.902  11.523  0.693   1.00 39.38 ? 132 VAL A CG2 1 
ATOM   846  N N   . GLU A 1 133 ? 14.557  7.201   -0.059  1.00 33.78 ? 133 GLU A N   1 
ATOM   847  C CA  . GLU A 1 133 ? 14.235  6.048   -0.852  1.00 32.84 ? 133 GLU A CA  1 
ATOM   848  C C   . GLU A 1 133 ? 12.788  5.595   -0.539  1.00 28.35 ? 133 GLU A C   1 
ATOM   849  O O   . GLU A 1 133 ? 12.139  5.152   -1.448  1.00 28.74 ? 133 GLU A O   1 
ATOM   850  C CB  . GLU A 1 133 ? 15.105  4.855   -0.615  1.00 34.88 ? 133 GLU A CB  1 
ATOM   851  C CG  . GLU A 1 133 ? 16.467  4.983   -1.212  1.00 45.50 ? 133 GLU A CG  1 
ATOM   852  C CD  . GLU A 1 133 ? 17.420  5.124   -0.074  1.00 49.59 ? 133 GLU A CD  1 
ATOM   853  O OE1 . GLU A 1 133 ? 17.344  6.151   0.666   1.00 57.59 ? 133 GLU A OE1 1 
ATOM   854  O OE2 . GLU A 1 133 ? 18.167  4.151   0.109   1.00 55.20 ? 133 GLU A OE2 1 
ATOM   855  N N   . VAL A 1 134 ? 12.350  5.677   0.726   1.00 27.35 ? 134 VAL A N   1 
ATOM   856  C CA  . VAL A 1 134 ? 10.922  5.301   1.057   1.00 27.47 ? 134 VAL A CA  1 
ATOM   857  C C   . VAL A 1 134 ? 9.964   6.268   0.339   1.00 27.83 ? 134 VAL A C   1 
ATOM   858  O O   . VAL A 1 134 ? 9.027   5.831   -0.359  1.00 27.41 ? 134 VAL A O   1 
ATOM   859  C CB  . VAL A 1 134 ? 10.680  5.261   2.575   1.00 27.56 ? 134 VAL A CB  1 
ATOM   860  C CG1 . VAL A 1 134 ? 9.172   5.229   2.923   1.00 25.39 ? 134 VAL A CG1 1 
ATOM   861  C CG2 . VAL A 1 134 ? 11.401  4.047   3.197   1.00 28.80 ? 134 VAL A CG2 1 
ATOM   862  N N   . ALA A 1 135 ? 10.237  7.575   0.472   1.00 27.80 ? 135 ALA A N   1 
ATOM   863  C CA  . ALA A 1 135 ? 9.457   8.618   -0.282  1.00 29.21 ? 135 ALA A CA  1 
ATOM   864  C C   . ALA A 1 135 ? 9.382   8.408   -1.808  1.00 29.67 ? 135 ALA A C   1 
ATOM   865  O O   . ALA A 1 135 ? 8.295   8.443   -2.382  1.00 26.49 ? 135 ALA A O   1 
ATOM   866  C CB  . ALA A 1 135 ? 9.843   10.066  0.133   1.00 26.17 ? 135 ALA A CB  1 
ATOM   867  N N   . GLU A 1 136 ? 10.486  8.067   -2.471  1.00 28.28 ? 136 GLU A N   1 
ATOM   868  C CA  . GLU A 1 136 ? 10.430  7.870   -3.914  1.00 24.90 ? 136 GLU A CA  1 
ATOM   869  C C   . GLU A 1 136 ? 9.788   6.548   -4.306  1.00 25.71 ? 136 GLU A C   1 
ATOM   870  O O   . GLU A 1 136 ? 9.213   6.454   -5.389  1.00 25.21 ? 136 GLU A O   1 
ATOM   871  C CB  . GLU A 1 136 ? 11.879  7.935   -4.544  1.00 33.73 ? 136 GLU A CB  1 
ATOM   872  C CG  . GLU A 1 136 ? 12.574  9.286   -4.203  1.00 44.75 ? 136 GLU A CG  1 
ATOM   873  C CD  . GLU A 1 136 ? 13.909  9.524   -4.927  1.00 55.25 ? 136 GLU A CD  1 
ATOM   874  O OE1 . GLU A 1 136 ? 14.549  8.543   -5.366  1.00 56.32 ? 136 GLU A OE1 1 
ATOM   875  O OE2 . GLU A 1 136 ? 14.345  10.704  -5.048  1.00 58.21 ? 136 GLU A OE2 1 
ATOM   876  N N   . LEU A 1 137 ? 9.980   5.480   -3.519  1.00 24.03 ? 137 LEU A N   1 
ATOM   877  C CA  . LEU A 1 137 ? 9.286   4.230   -3.847  1.00 23.94 ? 137 LEU A CA  1 
ATOM   878  C C   . LEU A 1 137 ? 7.771   4.485   -3.790  1.00 20.18 ? 137 LEU A C   1 
ATOM   879  O O   . LEU A 1 137 ? 7.041   4.040   -4.695  1.00 20.80 ? 137 LEU A O   1 
ATOM   880  C CB  . LEU A 1 137 ? 9.642   3.109   -2.853  1.00 27.80 ? 137 LEU A CB  1 
ATOM   881  C CG  . LEU A 1 137 ? 8.827   1.817   -2.753  1.00 29.56 ? 137 LEU A CG  1 
ATOM   882  C CD1 . LEU A 1 137 ? 9.012   0.869   -3.937  1.00 32.08 ? 137 LEU A CD1 1 
ATOM   883  C CD2 . LEU A 1 137 ? 9.290   1.076   -1.496  1.00 31.72 ? 137 LEU A CD2 1 
ATOM   884  N N   . TRP A 1 138 ? 7.312   5.109   -2.709  1.00 18.69 ? 138 TRP A N   1 
ATOM   885  C CA  . TRP A 1 138 ? 5.840   5.306   -2.527  1.00 22.04 ? 138 TRP A CA  1 
ATOM   886  C C   . TRP A 1 138 ? 5.307   6.183   -3.657  1.00 19.71 ? 138 TRP A C   1 
ATOM   887  O O   . TRP A 1 138 ? 4.296   5.897   -4.312  1.00 19.62 ? 138 TRP A O   1 
ATOM   888  C CB  . TRP A 1 138 ? 5.545   5.915   -1.118  1.00 20.70 ? 138 TRP A CB  1 
ATOM   889  C CG  . TRP A 1 138 ? 4.059   5.961   -0.924  1.00 25.67 ? 138 TRP A CG  1 
ATOM   890  C CD1 . TRP A 1 138 ? 3.211   7.090   -0.892  1.00 25.55 ? 138 TRP A CD1 1 
ATOM   891  C CD2 . TRP A 1 138 ? 3.163   4.793   -0.873  1.00 25.62 ? 138 TRP A CD2 1 
ATOM   892  N NE1 . TRP A 1 138 ? 1.873   6.687   -0.728  1.00 28.49 ? 138 TRP A NE1 1 
ATOM   893  C CE2 . TRP A 1 138 ? 1.790   5.317   -0.736  1.00 27.31 ? 138 TRP A CE2 1 
ATOM   894  C CE3 . TRP A 1 138 ? 3.360   3.415   -0.870  1.00 28.56 ? 138 TRP A CE3 1 
ATOM   895  C CZ2 . TRP A 1 138 ? 0.687   4.459   -0.637  1.00 25.49 ? 138 TRP A CZ2 1 
ATOM   896  C CZ3 . TRP A 1 138 ? 2.238   2.569   -0.767  1.00 31.88 ? 138 TRP A CZ3 1 
ATOM   897  C CH2 . TRP A 1 138 ? 0.943   3.086   -0.649  1.00 25.16 ? 138 TRP A CH2 1 
ATOM   898  N N   . SER A 1 139 ? 6.024   7.265   -3.945  1.00 20.38 ? 139 SER A N   1 
ATOM   899  C CA  . SER A 1 139 ? 5.666   8.212   -5.024  1.00 21.27 ? 139 SER A CA  1 
ATOM   900  C C   . SER A 1 139 ? 5.645   7.583   -6.407  1.00 20.80 ? 139 SER A C   1 
ATOM   901  O O   . SER A 1 139 ? 4.730   7.843   -7.208  1.00 18.84 ? 139 SER A O   1 
ATOM   902  C CB  . SER A 1 139 ? 6.607   9.467   -4.960  1.00 24.22 ? 139 SER A CB  1 
ATOM   903  O OG  . SER A 1 139 ? 6.498   10.206  -6.190  1.00 28.74 ? 139 SER A OG  1 
ATOM   904  N N   . THR A 1 140 ? 6.645   6.749   -6.740  1.00 21.11 ? 140 THR A N   1 
ATOM   905  C CA  . THR A 1 140 ? 6.611   6.017   -8.018  1.00 23.88 ? 140 THR A CA  1 
ATOM   906  C C   . THR A 1 140 ? 5.401   5.150   -8.177  1.00 19.19 ? 140 THR A C   1 
ATOM   907  O O   . THR A 1 140 ? 4.816   5.108   -9.220  1.00 18.71 ? 140 THR A O   1 
ATOM   908  C CB  . THR A 1 140 ? 7.789   5.006   -8.084  1.00 28.07 ? 140 THR A CB  1 
ATOM   909  O OG1 . THR A 1 140 ? 8.970   5.711   -7.738  1.00 34.62 ? 140 THR A OG1 1 
ATOM   910  C CG2 . THR A 1 140 ? 7.968   4.427   -9.437  1.00 29.31 ? 140 THR A CG2 1 
ATOM   911  N N   . PHE A 1 141 ? 5.054   4.378   -7.148  1.00 19.31 ? 141 PHE A N   1 
ATOM   912  C CA  . PHE A 1 141 ? 3.889   3.481   -7.342  1.00 19.22 ? 141 PHE A CA  1 
ATOM   913  C C   . PHE A 1 141 ? 2.538   4.186   -7.290  1.00 18.47 ? 141 PHE A C   1 
ATOM   914  O O   . PHE A 1 141 ? 1.597   3.797   -7.997  1.00 17.97 ? 141 PHE A O   1 
ATOM   915  C CB  . PHE A 1 141 ? 3.932   2.333   -6.316  1.00 24.46 ? 141 PHE A CB  1 
ATOM   916  C CG  . PHE A 1 141 ? 4.862   1.221   -6.756  1.00 24.68 ? 141 PHE A CG  1 
ATOM   917  C CD1 . PHE A 1 141 ? 4.377   0.146   -7.530  1.00 23.58 ? 141 PHE A CD1 1 
ATOM   918  C CD2 . PHE A 1 141 ? 6.230   1.311   -6.446  1.00 26.97 ? 141 PHE A CD2 1 
ATOM   919  C CE1 . PHE A 1 141 ? 5.281   -0.834  -7.995  1.00 29.20 ? 141 PHE A CE1 1 
ATOM   920  C CE2 . PHE A 1 141 ? 7.144   0.312   -6.914  1.00 32.24 ? 141 PHE A CE2 1 
ATOM   921  C CZ  . PHE A 1 141 ? 6.662   -0.726  -7.704  1.00 28.29 ? 141 PHE A CZ  1 
ATOM   922  N N   . MET A 1 142 ? 2.450   5.210   -6.448  1.00 18.55 ? 142 MET A N   1 
ATOM   923  C CA  . MET A 1 142 ? 1.240   6.107   -6.421  1.00 18.29 ? 142 MET A CA  1 
ATOM   924  C C   . MET A 1 142 ? 0.987   6.704   -7.828  1.00 17.97 ? 142 MET A C   1 
ATOM   925  O O   . MET A 1 142 ? -0.127  6.681   -8.367  1.00 17.47 ? 142 MET A O   1 
ATOM   926  C CB  . MET A 1 142 ? 1.451   7.240   -5.368  1.00 18.69 ? 142 MET A CB  1 
ATOM   927  C CG  . MET A 1 142 ? 1.175   6.822   -3.925  1.00 22.62 ? 142 MET A CG  1 
ATOM   928  S SD  . MET A 1 142 ? -0.556  6.222   -3.619  1.00 31.30 ? 142 MET A SD  1 
ATOM   929  C CE  . MET A 1 142 ? -1.477  7.792   -3.505  1.00 27.01 ? 142 MET A CE  1 
ATOM   930  N N   . GLN A 1 143 ? 2.029   7.214   -8.472  1.00 19.23 ? 143 GLN A N   1 
ATOM   931  C CA  . GLN A 1 143 ? 1.852   7.710   -9.839  1.00 21.00 ? 143 GLN A CA  1 
ATOM   932  C C   . GLN A 1 143 ? 1.354   6.624   -10.807 1.00 20.03 ? 143 GLN A C   1 
ATOM   933  O O   . GLN A 1 143 ? 0.491   6.859   -11.633 1.00 20.30 ? 143 GLN A O   1 
ATOM   934  C CB  . GLN A 1 143 ? 3.147   8.333   -10.368 1.00 23.09 ? 143 GLN A CB  1 
ATOM   935  C CG  . GLN A 1 143 ? 3.528   9.457   -9.418  1.00 31.51 ? 143 GLN A CG  1 
ATOM   936  C CD  . GLN A 1 143 ? 4.520   10.463  -9.977  1.00 46.34 ? 143 GLN A CD  1 
ATOM   937  O OE1 . GLN A 1 143 ? 5.456   10.105  -10.713 1.00 38.55 ? 143 GLN A OE1 1 
ATOM   938  N NE2 . GLN A 1 143 ? 4.336   11.751  -9.591  1.00 52.14 ? 143 GLN A NE2 1 
ATOM   939  N N   . LYS A 1 144 ? 1.933   5.442   -10.710 1.00 19.98 ? 144 LYS A N   1 
ATOM   940  C CA  . LYS A 1 144 ? 1.507   4.308   -11.506 1.00 21.26 ? 144 LYS A CA  1 
ATOM   941  C C   . LYS A 1 144 ? 0.035   3.947   -11.241 1.00 18.53 ? 144 LYS A C   1 
ATOM   942  O O   . LYS A 1 144 ? -0.757  3.746   -12.159 1.00 17.22 ? 144 LYS A O   1 
ATOM   943  C CB  . LYS A 1 144 ? 2.442   3.107   -11.161 1.00 24.98 ? 144 LYS A CB  1 
ATOM   944  C CG  . LYS A 1 144 ? 2.047   1.839   -11.873 1.00 29.66 ? 144 LYS A CG  1 
ATOM   945  C CD  . LYS A 1 144 ? 3.117   0.722   -11.781 1.00 37.13 ? 144 LYS A CD  1 
ATOM   946  C CE  . LYS A 1 144 ? 2.785   -0.353  -12.828 1.00 38.52 ? 144 LYS A CE  1 
ATOM   947  N NZ  . LYS A 1 144 ? 3.485   -1.645  -12.517 1.00 47.70 ? 144 LYS A NZ  1 
ATOM   948  N N   . TRP A 1 145 ? -0.362  3.893   -9.962  1.00 17.55 ? 145 TRP A N   1 
ATOM   949  C CA  . TRP A 1 145 ? -1.780  3.542   -9.667  1.00 18.97 ? 145 TRP A CA  1 
ATOM   950  C C   . TRP A 1 145 ? -2.746  4.599   -10.026 1.00 17.78 ? 145 TRP A C   1 
ATOM   951  O O   . TRP A 1 145 ? -3.858  4.318   -10.500 1.00 17.67 ? 145 TRP A O   1 
ATOM   952  C CB  . TRP A 1 145 ? -1.899  3.214   -8.181  1.00 17.89 ? 145 TRP A CB  1 
ATOM   953  C CG  . TRP A 1 145 ? -1.007  2.022   -7.880  1.00 19.40 ? 145 TRP A CG  1 
ATOM   954  C CD1 . TRP A 1 145 ? -0.735  0.930   -8.728  1.00 18.76 ? 145 TRP A CD1 1 
ATOM   955  C CD2 . TRP A 1 145 ? -0.349  1.716   -6.615  1.00 19.94 ? 145 TRP A CD2 1 
ATOM   956  N NE1 . TRP A 1 145 ? 0.062   0.018   -8.096  1.00 22.92 ? 145 TRP A NE1 1 
ATOM   957  C CE2 . TRP A 1 145 ? 0.359   0.437   -6.824  1.00 20.74 ? 145 TRP A CE2 1 
ATOM   958  C CE3 . TRP A 1 145 ? -0.184  2.412   -5.377  1.00 20.31 ? 145 TRP A CE3 1 
ATOM   959  C CZ2 . TRP A 1 145 ? 1.108   -0.162  -5.802  1.00 20.24 ? 145 TRP A CZ2 1 
ATOM   960  C CZ3 . TRP A 1 145 ? 0.624   1.833   -4.387  1.00 17.70 ? 145 TRP A CZ3 1 
ATOM   961  C CH2 . TRP A 1 145 ? 1.208   0.559   -4.569  1.00 18.28 ? 145 TRP A CH2 1 
ATOM   962  N N   . ILE A 1 146 ? -2.317  5.853   -9.847  1.00 16.60 ? 146 ILE A N   1 
ATOM   963  C CA  . ILE A 1 146 ? -3.145  6.978   -10.336 1.00 16.77 ? 146 ILE A CA  1 
ATOM   964  C C   . ILE A 1 146 ? -3.262  6.967   -11.869 1.00 15.74 ? 146 ILE A C   1 
ATOM   965  O O   . ILE A 1 146 ? -4.303  7.189   -12.406 1.00 14.76 ? 146 ILE A O   1 
ATOM   966  C CB  . ILE A 1 146 ? -2.563  8.314   -9.863  1.00 15.56 ? 146 ILE A CB  1 
ATOM   967  C CG1 . ILE A 1 146 ? -2.952  8.447   -8.387  1.00 13.94 ? 146 ILE A CG1 1 
ATOM   968  C CG2 . ILE A 1 146 ? -3.207  9.557   -10.587 1.00 16.33 ? 146 ILE A CG2 1 
ATOM   969  C CD1 . ILE A 1 146 ? -2.005  9.378   -7.592  1.00 15.21 ? 146 ILE A CD1 1 
ATOM   970  N N   . ALA A 1 147 ? -2.174  6.742   -12.568 1.00 15.47 ? 147 ALA A N   1 
ATOM   971  C CA  . ALA A 1 147 ? -2.295  6.743   -14.039 1.00 17.19 ? 147 ALA A CA  1 
ATOM   972  C C   . ALA A 1 147 ? -3.212  5.606   -14.487 1.00 19.87 ? 147 ALA A C   1 
ATOM   973  O O   . ALA A 1 147 ? -3.975  5.714   -15.469 1.00 19.27 ? 147 ALA A O   1 
ATOM   974  C CB  . ALA A 1 147 ? -0.896  6.633   -14.707 1.00 18.03 ? 147 ALA A CB  1 
ATOM   975  N N   . TYR A 1 148 ? -3.163  4.495   -13.757 1.00 19.67 ? 148 TYR A N   1 
ATOM   976  C CA  . TYR A 1 148 ? -3.986  3.359   -14.185 1.00 19.96 ? 148 TYR A CA  1 
ATOM   977  C C   . TYR A 1 148 ? -5.445  3.732   -13.925 1.00 18.89 ? 148 TYR A C   1 
ATOM   978  O O   . TYR A 1 148 ? -6.338  3.479   -14.707 1.00 16.51 ? 148 TYR A O   1 
ATOM   979  C CB  . TYR A 1 148 ? -3.575  2.109   -13.378 1.00 20.77 ? 148 TYR A CB  1 
ATOM   980  C CG  . TYR A 1 148 ? -4.538  1.018   -13.595 1.00 25.50 ? 148 TYR A CG  1 
ATOM   981  C CD1 . TYR A 1 148 ? -4.520  0.284   -14.773 1.00 32.80 ? 148 TYR A CD1 1 
ATOM   982  C CD2 . TYR A 1 148 ? -5.521  0.750   -12.644 1.00 27.63 ? 148 TYR A CD2 1 
ATOM   983  C CE1 . TYR A 1 148 ? -5.455  -0.710  -15.008 1.00 28.46 ? 148 TYR A CE1 1 
ATOM   984  C CE2 . TYR A 1 148 ? -6.441  -0.246  -12.850 1.00 31.46 ? 148 TYR A CE2 1 
ATOM   985  C CZ  . TYR A 1 148 ? -6.393  -0.966  -14.030 1.00 32.59 ? 148 TYR A CZ  1 
ATOM   986  O OH  . TYR A 1 148 ? -7.341  -1.931  -14.225 1.00 35.99 ? 148 TYR A OH  1 
ATOM   987  N N   . THR A 1 149 ? -5.695  4.310   -12.762 1.00 16.87 ? 149 THR A N   1 
ATOM   988  C CA  . THR A 1 149 ? -7.047  4.770   -12.421 1.00 16.99 ? 149 THR A CA  1 
ATOM   989  C C   . THR A 1 149 ? -7.574  5.737   -13.489 1.00 15.49 ? 149 THR A C   1 
ATOM   990  O O   . THR A 1 149 ? -8.738  5.647   -13.872 1.00 16.85 ? 149 THR A O   1 
ATOM   991  C CB  . THR A 1 149 ? -7.069  5.510   -11.007 1.00 16.40 ? 149 THR A CB  1 
ATOM   992  O OG1 . THR A 1 149 ? -6.603  4.615   -9.970  1.00 18.43 ? 149 THR A OG1 1 
ATOM   993  C CG2 . THR A 1 149 ? -8.449  5.970   -10.619 1.00 15.07 ? 149 THR A CG2 1 
ATOM   994  N N   . ALA A 1 150 ? -6.759  6.735   -13.877 1.00 18.29 ? 150 ALA A N   1 
ATOM   995  C CA  . ALA A 1 150 ? -7.287  7.721   -14.838 1.00 18.35 ? 150 ALA A CA  1 
ATOM   996  C C   . ALA A 1 150 ? -7.549  6.994   -16.181 1.00 19.43 ? 150 ALA A C   1 
ATOM   997  O O   . ALA A 1 150 ? -8.426  7.406   -16.872 1.00 18.43 ? 150 ALA A O   1 
ATOM   998  C CB  . ALA A 1 150 ? -6.264  8.860   -15.057 1.00 18.08 ? 150 ALA A CB  1 
ATOM   999  N N   . ALA A 1 151 ? -6.678  6.025   -16.566 1.00 20.67 ? 151 ALA A N   1 
ATOM   1000 C CA  . ALA A 1 151 ? -6.868  5.275   -17.846 1.00 23.40 ? 151 ALA A CA  1 
ATOM   1001 C C   . ALA A 1 151 ? -8.211  4.541   -17.815 1.00 23.53 ? 151 ALA A C   1 
ATOM   1002 O O   . ALA A 1 151 ? -8.976  4.535   -18.817 1.00 22.80 ? 151 ALA A O   1 
ATOM   1003 C CB  . ALA A 1 151 ? -5.682  4.288   -18.141 1.00 23.34 ? 151 ALA A CB  1 
ATOM   1004 N N   . VAL A 1 152 ? -8.575  3.994   -16.642 1.00 22.55 ? 152 VAL A N   1 
ATOM   1005 C CA  . VAL A 1 152 ? -9.855  3.288   -16.534 1.00 21.65 ? 152 VAL A CA  1 
ATOM   1006 C C   . VAL A 1 152 ? -11.008 4.280   -16.595 1.00 23.80 ? 152 VAL A C   1 
ATOM   1007 O O   . VAL A 1 152 ? -11.983 4.056   -17.274 1.00 21.48 ? 152 VAL A O   1 
ATOM   1008 C CB  . VAL A 1 152 ? -9.930  2.426   -15.232 1.00 23.24 ? 152 VAL A CB  1 
ATOM   1009 C CG1 . VAL A 1 152 ? -11.317 1.838   -15.041 1.00 22.53 ? 152 VAL A CG1 1 
ATOM   1010 C CG2 . VAL A 1 152 ? -8.860  1.316   -15.267 1.00 23.75 ? 152 VAL A CG2 1 
ATOM   1011 N N   . ILE A 1 153 ? -10.932 5.385   -15.857 1.00 19.72 ? 153 ILE A N   1 
ATOM   1012 C CA  . ILE A 1 153 ? -11.982 6.427   -15.976 1.00 19.76 ? 153 ILE A CA  1 
ATOM   1013 C C   . ILE A 1 153 ? -12.165 6.911   -17.453 1.00 21.61 ? 153 ILE A C   1 
ATOM   1014 O O   . ILE A 1 153 ? -13.308 7.075   -17.903 1.00 25.82 ? 153 ILE A O   1 
ATOM   1015 C CB  . ILE A 1 153 ? -11.643 7.643   -15.054 1.00 18.31 ? 153 ILE A CB  1 
ATOM   1016 C CG1 . ILE A 1 153 ? -11.652 7.191   -13.514 1.00 15.23 ? 153 ILE A CG1 1 
ATOM   1017 C CG2 . ILE A 1 153 ? -12.619 8.796   -15.296 1.00 18.30 ? 153 ILE A CG2 1 
ATOM   1018 C CD1 . ILE A 1 153 ? -11.086 8.274   -12.523 1.00 17.25 ? 153 ILE A CD1 1 
ATOM   1019 N N   . ASP A 1 154 ? -11.069 7.228   -18.120 1.00 24.56 ? 154 ASP A N   1 
ATOM   1020 C CA  . ASP A 1 154 ? -11.107 7.683   -19.528 1.00 25.92 ? 154 ASP A CA  1 
ATOM   1021 C C   . ASP A 1 154 ? -11.768 6.601   -20.421 1.00 27.13 ? 154 ASP A C   1 
ATOM   1022 O O   . ASP A 1 154 ? -12.578 6.938   -21.271 1.00 29.97 ? 154 ASP A O   1 
ATOM   1023 C CB  . ASP A 1 154 ? -9.691  7.899   -20.010 1.00 30.36 ? 154 ASP A CB  1 
ATOM   1024 C CG  . ASP A 1 154 ? -9.168  9.270   -19.658 1.00 37.51 ? 154 ASP A CG  1 
ATOM   1025 O OD1 . ASP A 1 154 ? -9.987  10.225  -19.546 1.00 43.70 ? 154 ASP A OD1 1 
ATOM   1026 O OD2 . ASP A 1 154 ? -7.934  9.389   -19.486 1.00 45.89 ? 154 ASP A OD2 1 
ATOM   1027 N N   . ALA A 1 155 ? -11.397 5.332   -20.227 1.00 27.86 ? 155 ALA A N   1 
ATOM   1028 C CA  . ALA A 1 155 ? -12.063 4.208   -20.957 1.00 30.89 ? 155 ALA A CA  1 
ATOM   1029 C C   . ALA A 1 155 ? -13.538 4.225   -20.670 1.00 34.39 ? 155 ALA A C   1 
ATOM   1030 O O   . ALA A 1 155 ? -14.347 4.155   -21.581 1.00 33.24 ? 155 ALA A O   1 
ATOM   1031 C CB  . ALA A 1 155 ? -11.479 2.866   -20.568 1.00 31.61 ? 155 ALA A CB  1 
ATOM   1032 N N   . GLU A 1 156 ? -13.922 4.372   -19.411 1.00 28.77 ? 156 GLU A N   1 
ATOM   1033 C CA  . GLU A 1 156 ? -15.338 4.459   -19.097 1.00 25.71 ? 156 GLU A CA  1 
ATOM   1034 C C   . GLU A 1 156 ? -16.044 5.629   -19.753 1.00 31.22 ? 156 GLU A C   1 
ATOM   1035 O O   . GLU A 1 156 ? -17.243 5.545   -20.081 1.00 33.08 ? 156 GLU A O   1 
ATOM   1036 C CB  . GLU A 1 156 ? -15.613 4.563   -17.585 1.00 27.17 ? 156 GLU A CB  1 
ATOM   1037 C CG  . GLU A 1 156 ? -15.313 3.319   -16.735 1.00 29.01 ? 156 GLU A CG  1 
ATOM   1038 C CD  . GLU A 1 156 ? -16.324 2.179   -17.008 1.00 32.31 ? 156 GLU A CD  1 
ATOM   1039 O OE1 . GLU A 1 156 ? -17.205 1.933   -16.177 1.00 31.61 ? 156 GLU A OE1 1 
ATOM   1040 O OE2 . GLU A 1 156 ? -16.288 1.598   -18.096 1.00 35.04 ? 156 GLU A OE2 1 
ATOM   1041 N N   . ARG A 1 157 ? -15.354 6.757   -19.872 1.00 26.39 ? 157 ARG A N   1 
ATOM   1042 C CA  . ARG A 1 157 ? -15.991 7.912   -20.489 1.00 29.10 ? 157 ARG A CA  1 
ATOM   1043 C C   . ARG A 1 157 ? -16.119 7.675   -22.039 1.00 27.94 ? 157 ARG A C   1 
ATOM   1044 O O   . ARG A 1 157 ? -17.105 8.031   -22.602 1.00 30.20 ? 157 ARG A O   1 
ATOM   1045 C CB  . ARG A 1 157 ? -15.170 9.182   -20.221 1.00 27.18 ? 157 ARG A CB  1 
ATOM   1046 C CG  . ARG A 1 157 ? -15.244 9.628   -18.717 1.00 22.05 ? 157 ARG A CG  1 
ATOM   1047 C CD  . ARG A 1 157 ? -14.188 10.721  -18.457 1.00 24.10 ? 157 ARG A CD  1 
ATOM   1048 N NE  . ARG A 1 157 ? -14.375 11.212  -17.104 1.00 21.28 ? 157 ARG A NE  1 
ATOM   1049 C CZ  . ARG A 1 157 ? -13.856 12.331  -16.616 1.00 24.55 ? 157 ARG A CZ  1 
ATOM   1050 N NH1 . ARG A 1 157 ? -13.021 13.050  -17.351 1.00 21.47 ? 157 ARG A NH1 1 
ATOM   1051 N NH2 . ARG A 1 157 ? -14.170 12.713  -15.365 1.00 21.60 ? 157 ARG A NH2 1 
ATOM   1052 N N   . ASP A 1 158 ? -15.101 7.115   -22.665 1.00 27.86 ? 158 ASP A N   1 
ATOM   1053 C CA  . ASP A 1 158 ? -15.112 6.836   -24.111 1.00 37.16 ? 158 ASP A CA  1 
ATOM   1054 C C   . ASP A 1 158 ? -16.220 5.871   -24.473 1.00 39.52 ? 158 ASP A C   1 
ATOM   1055 O O   . ASP A 1 158 ? -16.827 6.000   -25.518 1.00 45.12 ? 158 ASP A O   1 
ATOM   1056 C CB  . ASP A 1 158 ? -13.786 6.219   -24.518 1.00 38.64 ? 158 ASP A CB  1 
ATOM   1057 C CG  . ASP A 1 158 ? -12.663 7.228   -24.478 1.00 52.14 ? 158 ASP A CG  1 
ATOM   1058 O OD1 . ASP A 1 158 ? -12.988 8.440   -24.340 1.00 66.18 ? 158 ASP A OD1 1 
ATOM   1059 O OD2 . ASP A 1 158 ? -11.476 6.829   -24.581 1.00 56.06 ? 158 ASP A OD2 1 
ATOM   1060 N N   . ARG A 1 159 ? -16.463 4.889   -23.622 1.00 32.93 ? 159 ARG A N   1 
ATOM   1061 C CA  . ARG A 1 159 ? -17.605 4.005   -23.830 1.00 40.14 ? 159 ARG A CA  1 
ATOM   1062 C C   . ARG A 1 159 ? -18.981 4.586   -23.517 1.00 39.94 ? 159 ARG A C   1 
ATOM   1063 O O   . ARG A 1 159 ? -19.971 3.967   -23.800 1.00 41.04 ? 159 ARG A O   1 
ATOM   1064 C CB  . ARG A 1 159 ? -17.373 2.684   -23.115 1.00 39.34 ? 159 ARG A CB  1 
ATOM   1065 C CG  . ARG A 1 159 ? -17.877 2.596   -21.730 1.00 44.27 ? 159 ARG A CG  1 
ATOM   1066 C CD  . ARG A 1 159 ? -17.621 1.193   -21.192 1.00 52.73 ? 159 ARG A CD  1 
ATOM   1067 N NE  . ARG A 1 159 ? -16.230 0.874   -21.407 1.00 58.35 ? 159 ARG A NE  1 
ATOM   1068 C CZ  . ARG A 1 159 ? -15.791 -0.201  -22.044 1.00 71.17 ? 159 ARG A CZ  1 
ATOM   1069 N NH1 . ARG A 1 159 ? -16.652 -1.105  -22.510 1.00 81.96 ? 159 ARG A NH1 1 
ATOM   1070 N NH2 . ARG A 1 159 ? -14.483 -0.384  -22.195 1.00 72.23 ? 159 ARG A NH2 1 
ATOM   1071 N N   . GLY A 1 160 ? -19.052 5.780   -22.949 1.00 36.41 ? 160 GLY A N   1 
ATOM   1072 C CA  . GLY A 1 160 ? -20.334 6.398   -22.674 1.00 32.95 ? 160 GLY A CA  1 
ATOM   1073 C C   . GLY A 1 160 ? -20.873 5.983   -21.321 1.00 34.89 ? 160 GLY A C   1 
ATOM   1074 O O   . GLY A 1 160 ? -21.979 6.336   -20.983 1.00 32.86 ? 160 GLY A O   1 
ATOM   1075 N N   . ALA A 1 161 ? -20.098 5.226   -20.535 1.00 30.74 ? 161 ALA A N   1 
ATOM   1076 C CA  . ALA A 1 161 ? -20.579 4.777   -19.198 1.00 31.82 ? 161 ALA A CA  1 
ATOM   1077 C C   . ALA A 1 161 ? -20.367 5.851   -18.089 1.00 28.30 ? 161 ALA A C   1 
ATOM   1078 O O   . ALA A 1 161 ? -21.068 5.871   -17.120 1.00 29.87 ? 161 ALA A O   1 
ATOM   1079 C CB  . ALA A 1 161 ? -19.882 3.455   -18.838 1.00 31.46 ? 161 ALA A CB  1 
ATOM   1080 N N   . ALA A 1 162 ? -19.416 6.761   -18.256 1.00 26.51 ? 162 ALA A N   1 
ATOM   1081 C CA  . ALA A 1 162 ? -19.167 7.837   -17.217 1.00 28.59 ? 162 ALA A CA  1 
ATOM   1082 C C   . ALA A 1 162 ? -19.233 9.223   -17.893 1.00 28.46 ? 162 ALA A C   1 
ATOM   1083 O O   . ALA A 1 162 ? -18.781 9.313   -18.984 1.00 25.29 ? 162 ALA A O   1 
ATOM   1084 C CB  . ALA A 1 162 ? -17.783 7.662   -16.677 1.00 26.07 ? 162 ALA A CB  1 
ATOM   1085 N N   . PRO A 1 163 ? -19.729 10.284  -17.220 1.00 28.35 ? 163 PRO A N   1 
ATOM   1086 C CA  . PRO A 1 163 ? -19.810 11.606  -17.883 1.00 28.58 ? 163 PRO A CA  1 
ATOM   1087 C C   . PRO A 1 163 ? -18.466 12.344  -17.836 1.00 29.30 ? 163 PRO A C   1 
ATOM   1088 O O   . PRO A 1 163 ? -17.611 12.081  -16.932 1.00 24.94 ? 163 PRO A O   1 
ATOM   1089 C CB  . PRO A 1 163 ? -20.917 12.341  -17.050 1.00 25.56 ? 163 PRO A CB  1 
ATOM   1090 C CG  . PRO A 1 163 ? -20.633 11.802  -15.647 1.00 30.96 ? 163 PRO A CG  1 
ATOM   1091 C CD  . PRO A 1 163 ? -20.282 10.326  -15.846 1.00 28.45 ? 163 PRO A CD  1 
ATOM   1092 N N   . ARG A 1 164 ? -18.241 13.276  -18.760 1.00 26.72 ? 164 ARG A N   1 
ATOM   1093 C CA  . ARG A 1 164 ? -16.976 14.035  -18.752 1.00 29.90 ? 164 ARG A CA  1 
ATOM   1094 C C   . ARG A 1 164 ? -17.097 15.202  -17.818 1.00 28.89 ? 164 ARG A C   1 
ATOM   1095 O O   . ARG A 1 164 ? -17.555 16.262  -18.216 1.00 26.99 ? 164 ARG A O   1 
ATOM   1096 C CB  . ARG A 1 164 ? -16.577 14.540  -20.172 1.00 32.24 ? 164 ARG A CB  1 
ATOM   1097 C CG  . ARG A 1 164 ? -16.529 13.428  -21.206 1.00 43.09 ? 164 ARG A CG  1 
ATOM   1098 C CD  . ARG A 1 164 ? -15.866 13.828  -22.527 1.00 48.50 ? 164 ARG A CD  1 
ATOM   1099 N NE  . ARG A 1 164 ? -15.912 12.708  -23.481 1.00 54.66 ? 164 ARG A NE  1 
ATOM   1100 C CZ  . ARG A 1 164 ? -15.060 11.673  -23.504 1.00 60.02 ? 164 ARG A CZ  1 
ATOM   1101 N NH1 . ARG A 1 164 ? -14.049 11.571  -22.631 1.00 57.27 ? 164 ARG A NH1 1 
ATOM   1102 N NH2 . ARG A 1 164 ? -15.212 10.720  -24.416 1.00 58.30 ? 164 ARG A NH2 1 
ATOM   1103 N N   . THR A 1 165 ? -16.670 15.034  -16.569 1.00 26.30 ? 165 THR A N   1 
ATOM   1104 C CA  . THR A 1 165 ? -16.791 16.060  -15.543 1.00 25.93 ? 165 THR A CA  1 
ATOM   1105 C C   . THR A 1 165 ? -15.370 16.662  -15.298 1.00 29.62 ? 165 THR A C   1 
ATOM   1106 O O   . THR A 1 165 ? -14.784 17.266  -16.160 1.00 27.33 ? 165 THR A O   1 
ATOM   1107 C CB  . THR A 1 165 ? -17.424 15.418  -14.282 1.00 29.43 ? 165 THR A CB  1 
ATOM   1108 O OG1 . THR A 1 165 ? -16.713 14.193  -13.960 1.00 23.64 ? 165 THR A OG1 1 
ATOM   1109 C CG2 . THR A 1 165 ? -18.923 15.031  -14.515 1.00 26.46 ? 165 THR A CG2 1 
ATOM   1110 N N   . LEU A 1 166 ? -14.767 16.393  -14.160 1.00 28.62 ? 166 LEU A N   1 
ATOM   1111 C CA  . LEU A 1 166 ? -13.392 16.766  -13.907 1.00 29.32 ? 166 LEU A CA  1 
ATOM   1112 C C   . LEU A 1 166 ? -12.440 16.065  -14.889 1.00 26.33 ? 166 LEU A C   1 
ATOM   1113 O O   . LEU A 1 166 ? -12.738 14.952  -15.287 1.00 27.31 ? 166 LEU A O   1 
ATOM   1114 C CB  . LEU A 1 166 ? -13.027 16.214  -12.532 1.00 24.14 ? 166 LEU A CB  1 
ATOM   1115 C CG  . LEU A 1 166 ? -13.678 16.840  -11.334 1.00 27.50 ? 166 LEU A CG  1 
ATOM   1116 C CD1 . LEU A 1 166 ? -12.998 16.234  -10.119 1.00 25.01 ? 166 LEU A CD1 1 
ATOM   1117 C CD2 . LEU A 1 166 ? -13.507 18.387  -11.325 1.00 29.02 ? 166 LEU A CD2 1 
ATOM   1118 N N   . PRO A 1 167 ? -11.264 16.668  -15.189 1.00 24.85 ? 167 PRO A N   1 
ATOM   1119 C CA  . PRO A 1 167 ? -10.045 15.945  -15.774 1.00 22.92 ? 167 PRO A CA  1 
ATOM   1120 C C   . PRO A 1 167 ? -9.772  14.631  -15.013 1.00 24.73 ? 167 PRO A C   1 
ATOM   1121 O O   . PRO A 1 167 ? -9.712  14.619  -13.752 1.00 19.51 ? 167 PRO A O   1 
ATOM   1122 C CB  . PRO A 1 167 ? -8.883  16.903  -15.482 1.00 26.45 ? 167 PRO A CB  1 
ATOM   1123 C CG  . PRO A 1 167 ? -9.533  18.276  -15.348 1.00 26.95 ? 167 PRO A CG  1 
ATOM   1124 C CD  . PRO A 1 167 ? -10.898 18.024  -14.709 1.00 23.55 ? 167 PRO A CD  1 
ATOM   1125 N N   . ALA A 1 168 ? -9.659  13.532  -15.767 1.00 20.69 ? 168 ALA A N   1 
ATOM   1126 C CA  . ALA A 1 168 ? -9.692  12.182  -15.211 1.00 22.19 ? 168 ALA A CA  1 
ATOM   1127 C C   . ALA A 1 168 ? -8.486  12.014  -14.252 1.00 19.64 ? 168 ALA A C   1 
ATOM   1128 O O   . ALA A 1 168 ? -8.576  11.361  -13.182 1.00 19.86 ? 168 ALA A O   1 
ATOM   1129 C CB  . ALA A 1 168 ? -9.593  11.144  -16.346 1.00 22.39 ? 168 ALA A CB  1 
ATOM   1130 N N   . HIS A 1 169 ? -7.367  12.623  -14.619 1.00 19.93 ? 169 HIS A N   1 
ATOM   1131 C CA  . HIS A 1 169 ? -6.142  12.473  -13.853 1.00 20.02 ? 169 HIS A CA  1 
ATOM   1132 C C   . HIS A 1 169 ? -6.171  13.215  -12.504 1.00 20.65 ? 169 HIS A C   1 
ATOM   1133 O O   . HIS A 1 169 ? -5.612  12.711  -11.496 1.00 18.07 ? 169 HIS A O   1 
ATOM   1134 C CB  . HIS A 1 169 ? -4.926  12.871  -14.680 1.00 21.98 ? 169 HIS A CB  1 
ATOM   1135 C CG  . HIS A 1 169 ? -3.593  12.358  -14.111 1.00 20.38 ? 169 HIS A CG  1 
ATOM   1136 N ND1 . HIS A 1 169 ? -2.858  13.062  -13.212 1.00 22.90 ? 169 HIS A ND1 1 
ATOM   1137 C CD2 . HIS A 1 169 ? -2.923  11.134  -14.291 1.00 19.26 ? 169 HIS A CD2 1 
ATOM   1138 C CE1 . HIS A 1 169 ? -1.745  12.387  -12.866 1.00 19.96 ? 169 HIS A CE1 1 
ATOM   1139 N NE2 . HIS A 1 169 ? -1.758  11.200  -13.560 1.00 21.15 ? 169 HIS A NE2 1 
ATOM   1140 N N   . GLU A 1 170 ? -6.849  14.357  -12.455 1.00 16.54 ? 170 GLU A N   1 
ATOM   1141 C CA  . GLU A 1 170 ? -6.954  15.072  -11.164 1.00 19.19 ? 170 GLU A CA  1 
ATOM   1142 C C   . GLU A 1 170 ? -7.962  14.341  -10.259 1.00 16.90 ? 170 GLU A C   1 
ATOM   1143 O O   . GLU A 1 170 ? -7.797  14.276  -9.042  1.00 16.06 ? 170 GLU A O   1 
ATOM   1144 C CB  . GLU A 1 170 ? -7.333  16.568  -11.393 1.00 22.45 ? 170 GLU A CB  1 
ATOM   1145 C CG  . GLU A 1 170 ? -6.250  17.245  -12.296 1.00 24.98 ? 170 GLU A CG  1 
ATOM   1146 C CD  . GLU A 1 170 ? -6.681  18.616  -12.872 1.00 33.19 ? 170 GLU A CD  1 
ATOM   1147 O OE1 . GLU A 1 170 ? -7.848  19.061  -12.581 1.00 28.64 ? 170 GLU A OE1 1 
ATOM   1148 O OE2 . GLU A 1 170 ? -5.843  19.234  -13.634 1.00 35.60 ? 170 GLU A OE2 1 
ATOM   1149 N N   . LEU A 1 171 ? -9.046  13.877  -10.851 1.00 16.95 ? 171 LEU A N   1 
ATOM   1150 C CA  . LEU A 1 171 ? -10.033 13.083  -10.074 1.00 17.17 ? 171 LEU A CA  1 
ATOM   1151 C C   . LEU A 1 171 ? -9.352  11.781  -9.499  1.00 15.82 ? 171 LEU A C   1 
ATOM   1152 O O   . LEU A 1 171 ? -9.550  11.408  -8.323  1.00 15.15 ? 171 LEU A O   1 
ATOM   1153 C CB  . LEU A 1 171 ? -11.212 12.675  -10.976 1.00 17.12 ? 171 LEU A CB  1 
ATOM   1154 C CG  . LEU A 1 171 ? -12.288 11.719  -10.376 1.00 17.95 ? 171 LEU A CG  1 
ATOM   1155 C CD1 . LEU A 1 171 ? -12.829 12.312  -9.042  1.00 17.95 ? 171 LEU A CD1 1 
ATOM   1156 C CD2 . LEU A 1 171 ? -13.406 11.514  -11.378 1.00 20.98 ? 171 LEU A CD2 1 
ATOM   1157 N N   . ALA A 1 172 ? -8.589  11.099  -10.360 1.00 16.51 ? 172 ALA A N   1 
ATOM   1158 C CA  . ALA A 1 172 ? -7.805  9.880   -9.937  1.00 17.30 ? 172 ALA A CA  1 
ATOM   1159 C C   . ALA A 1 172 ? -6.847  10.192  -8.817  1.00 16.75 ? 172 ALA A C   1 
ATOM   1160 O O   . ALA A 1 172 ? -6.708  9.435   -7.859  1.00 16.92 ? 172 ALA A O   1 
ATOM   1161 C CB  . ALA A 1 172 ? -7.051  9.265   -11.139 1.00 15.63 ? 172 ALA A CB  1 
ATOM   1162 N N   . THR A 1 173 ? -6.134  11.320  -8.947  1.00 16.14 ? 173 THR A N   1 
ATOM   1163 C CA  . THR A 1 173 ? -5.300  11.726  -7.909  1.00 14.76 ? 173 THR A CA  1 
ATOM   1164 C C   . THR A 1 173 ? -6.018  11.884  -6.543  1.00 14.40 ? 173 THR A C   1 
ATOM   1165 O O   . THR A 1 173 ? -5.552  11.302  -5.570  1.00 14.49 ? 173 THR A O   1 
ATOM   1166 C CB  . THR A 1 173 ? -4.510  13.027  -8.316  1.00 16.31 ? 173 THR A CB  1 
ATOM   1167 O OG1 . THR A 1 173 ? -3.844  12.754  -9.510  1.00 14.36 ? 173 THR A OG1 1 
ATOM   1168 C CG2 . THR A 1 173 ? -3.438  13.426  -7.257  1.00 16.85 ? 173 THR A CG2 1 
ATOM   1169 N N   . ALA A 1 174 ? -7.105  12.669  -6.455  1.00 13.51 ? 174 ALA A N   1 
ATOM   1170 C CA  . ALA A 1 174 ? -7.767  12.926  -5.171  1.00 13.03 ? 174 ALA A CA  1 
ATOM   1171 C C   . ALA A 1 174 ? -8.306  11.641  -4.589  1.00 13.77 ? 174 ALA A C   1 
ATOM   1172 O O   . ALA A 1 174 ? -8.209  11.419  -3.352  1.00 13.84 ? 174 ALA A O   1 
ATOM   1173 C CB  . ALA A 1 174 ? -8.924  13.995  -5.303  1.00 12.72 ? 174 ALA A CB  1 
ATOM   1174 N N   . LEU A 1 175 ? -8.857  10.761  -5.458  1.00 13.29 ? 175 LEU A N   1 
ATOM   1175 C CA  . LEU A 1 175 ? -9.456  9.493   -4.976  1.00 13.53 ? 175 LEU A CA  1 
ATOM   1176 C C   . LEU A 1 175 ? -8.369  8.581   -4.425  1.00 15.55 ? 175 LEU A C   1 
ATOM   1177 O O   . LEU A 1 175 ? -8.599  7.982   -3.430  1.00 16.37 ? 175 LEU A O   1 
ATOM   1178 C CB  . LEU A 1 175 ? -10.271 8.766   -6.103  1.00 13.36 ? 175 LEU A CB  1 
ATOM   1179 C CG  . LEU A 1 175 ? -11.563 9.561   -6.514  1.00 15.23 ? 175 LEU A CG  1 
ATOM   1180 C CD1 . LEU A 1 175 ? -12.287 8.861   -7.697  1.00 14.00 ? 175 LEU A CD1 1 
ATOM   1181 C CD2 . LEU A 1 175 ? -12.598 9.696   -5.371  1.00 13.47 ? 175 LEU A CD2 1 
ATOM   1182 N N   . ASN A 1 176 ? -7.243  8.411   -5.142  1.00 14.01 ? 176 ASN A N   1 
ATOM   1183 C CA  . ASN A 1 176 ? -6.177  7.615   -4.592  1.00 15.74 ? 176 ASN A CA  1 
ATOM   1184 C C   . ASN A 1 176 ? -5.594  8.155   -3.308  1.00 16.53 ? 176 ASN A C   1 
ATOM   1185 O O   . ASN A 1 176 ? -5.173  7.360   -2.458  1.00 16.47 ? 176 ASN A O   1 
ATOM   1186 C CB  . ASN A 1 176 ? -5.047  7.455   -5.674  1.00 14.98 ? 176 ASN A CB  1 
ATOM   1187 C CG  . ASN A 1 176 ? -5.382  6.333   -6.668  1.00 16.58 ? 176 ASN A CG  1 
ATOM   1188 O OD1 . ASN A 1 176 ? -4.949  5.229   -6.449  1.00 19.24 ? 176 ASN A OD1 1 
ATOM   1189 N ND2 . ASN A 1 176 ? -6.090  6.612   -7.757  1.00 17.05 ? 176 ASN A ND2 1 
ATOM   1190 N N   . LEU A 1 177 ? -5.492  9.503   -3.185  1.00 14.39 ? 177 LEU A N   1 
ATOM   1191 C CA  . LEU A 1 177 ? -4.987  10.102  -1.918  1.00 14.86 ? 177 LEU A CA  1 
ATOM   1192 C C   . LEU A 1 177 ? -6.019  9.929   -0.805  1.00 15.54 ? 177 LEU A C   1 
ATOM   1193 O O   . LEU A 1 177 ? -5.635  9.733   0.363   1.00 16.66 ? 177 LEU A O   1 
ATOM   1194 C CB  . LEU A 1 177 ? -4.656  11.603  -2.087  1.00 15.53 ? 177 LEU A CB  1 
ATOM   1195 C CG  . LEU A 1 177 ? -3.368  11.806  -2.919  1.00 16.53 ? 177 LEU A CG  1 
ATOM   1196 C CD1 . LEU A 1 177 ? -3.291  13.263  -3.373  1.00 18.93 ? 177 LEU A CD1 1 
ATOM   1197 C CD2 . LEU A 1 177 ? -2.145  11.418  -2.121  1.00 18.00 ? 177 LEU A CD2 1 
ATOM   1198 N N   . MET A 1 178 ? -7.304  10.045  -1.128  1.00 14.82 ? 178 MET A N   1 
ATOM   1199 C CA  . MET A 1 178 ? -8.351  9.773   -0.093  1.00 16.29 ? 178 MET A CA  1 
ATOM   1200 C C   . MET A 1 178 ? -8.125  8.336   0.428   1.00 17.42 ? 178 MET A C   1 
ATOM   1201 O O   . MET A 1 178 ? -8.108  8.120   1.630   1.00 15.25 ? 178 MET A O   1 
ATOM   1202 C CB  . MET A 1 178 ? -9.752  9.782   -0.687  1.00 16.37 ? 178 MET A CB  1 
ATOM   1203 C CG  . MET A 1 178 ? -10.791 9.194   0.327   1.00 15.46 ? 178 MET A CG  1 
ATOM   1204 S SD  . MET A 1 178 ? -12.468 9.405   -0.313  1.00 19.81 ? 178 MET A SD  1 
ATOM   1205 C CE  . MET A 1 178 ? -12.385 8.291   -1.757  1.00 17.26 ? 178 MET A CE  1 
ATOM   1206 N N   . ASN A 1 179 ? -7.911  7.375   -0.476  1.00 16.46 ? 179 ASN A N   1 
ATOM   1207 C CA  . ASN A 1 179 ? -7.772  5.981   -0.036  1.00 19.55 ? 179 ASN A CA  1 
ATOM   1208 C C   . ASN A 1 179 ? -6.526  5.750   0.781   1.00 18.31 ? 179 ASN A C   1 
ATOM   1209 O O   . ASN A 1 179 ? -6.537  5.020   1.775   1.00 17.37 ? 179 ASN A O   1 
ATOM   1210 C CB  . ASN A 1 179 ? -7.740  5.031   -1.279  1.00 17.78 ? 179 ASN A CB  1 
ATOM   1211 C CG  . ASN A 1 179 ? -9.107  4.810   -1.857  1.00 20.75 ? 179 ASN A CG  1 
ATOM   1212 O OD1 . ASN A 1 179 ? -10.031 5.593   -1.595  1.00 18.78 ? 179 ASN A OD1 1 
ATOM   1213 N ND2 . ASN A 1 179 ? -9.245  3.761   -2.720  1.00 18.68 ? 179 ASN A ND2 1 
ATOM   1214 N N   . GLU A 1 180 ? -5.432  6.353   0.344   1.00 17.63 ? 180 GLU A N   1 
ATOM   1215 C CA  . GLU A 1 180 ? -4.149  6.244   1.071   1.00 16.60 ? 180 GLU A CA  1 
ATOM   1216 C C   . GLU A 1 180 ? -4.412  6.703   2.523   1.00 18.13 ? 180 GLU A C   1 
ATOM   1217 O O   . GLU A 1 180 ? -4.133  5.976   3.503   1.00 14.91 ? 180 GLU A O   1 
ATOM   1218 C CB  . GLU A 1 180 ? -3.088  7.162   0.423   1.00 18.60 ? 180 GLU A CB  1 
ATOM   1219 C CG  . GLU A 1 180 ? -1.816  7.186   1.266   1.00 21.23 ? 180 GLU A CG  1 
ATOM   1220 C CD  . GLU A 1 180 ? -0.804  8.261   0.865   1.00 25.71 ? 180 GLU A CD  1 
ATOM   1221 O OE1 . GLU A 1 180 ? -0.365  8.288   -0.273  1.00 21.64 ? 180 GLU A OE1 1 
ATOM   1222 O OE2 . GLU A 1 180 ? -0.399  9.024   1.731   1.00 28.35 ? 180 GLU A OE2 1 
ATOM   1223 N N   . ARG A 1 181 ? -4.997  7.888   2.683   1.00 16.16 ? 181 ARG A N   1 
ATOM   1224 C CA  . ARG A 1 181 ? -5.118  8.457   4.034   1.00 16.47 ? 181 ARG A CA  1 
ATOM   1225 C C   . ARG A 1 181 ? -6.160  7.732   4.874   1.00 14.76 ? 181 ARG A C   1 
ATOM   1226 O O   . ARG A 1 181 ? -5.949  7.554   6.095   1.00 16.44 ? 181 ARG A O   1 
ATOM   1227 C CB  . ARG A 1 181 ? -5.577  9.900   3.932   1.00 16.42 ? 181 ARG A CB  1 
ATOM   1228 C CG  . ARG A 1 181 ? -5.671  10.642  5.264   1.00 18.22 ? 181 ARG A CG  1 
ATOM   1229 C CD  . ARG A 1 181 ? -4.276  10.759  5.899   1.00 21.41 ? 181 ARG A CD  1 
ATOM   1230 N NE  . ARG A 1 181 ? -4.348  11.334  7.235   1.00 24.69 ? 181 ARG A NE  1 
ATOM   1231 C CZ  . ARG A 1 181 ? -4.427  10.603  8.354   1.00 29.96 ? 181 ARG A CZ  1 
ATOM   1232 N NH1 . ARG A 1 181 ? -4.391  9.284   8.304   1.00 33.03 ? 181 ARG A NH1 1 
ATOM   1233 N NH2 . ARG A 1 181 ? -4.444  11.188  9.537   1.00 33.95 ? 181 ARG A NH2 1 
ATOM   1234 N N   . THR A 1 182 ? -7.289  7.355   4.261   1.00 14.99 ? 182 THR A N   1 
ATOM   1235 C CA  . THR A 1 182 ? -8.422  6.771   4.996   1.00 16.99 ? 182 THR A CA  1 
ATOM   1236 C C   . THR A 1 182 ? -8.100  5.317   5.348   1.00 18.09 ? 182 THR A C   1 
ATOM   1237 O O   . THR A 1 182 ? -8.323  4.917   6.469   1.00 16.84 ? 182 THR A O   1 
ATOM   1238 C CB  . THR A 1 182 ? -9.719  6.851   4.137   1.00 20.83 ? 182 THR A CB  1 
ATOM   1239 O OG1 . THR A 1 182 ? -9.932  8.241   3.818   1.00 18.43 ? 182 THR A OG1 1 
ATOM   1240 C CG2 . THR A 1 182 ? -10.957 6.323   4.908   1.00 18.72 ? 182 THR A CG2 1 
ATOM   1241 N N   . LEU A 1 183 ? -7.553  4.537   4.387   1.00 16.42 ? 183 LEU A N   1 
ATOM   1242 C CA  . LEU A 1 183 ? -7.079  3.172   4.725   1.00 19.16 ? 183 LEU A CA  1 
ATOM   1243 C C   . LEU A 1 183 ? -6.101  3.158   5.891   1.00 20.13 ? 183 LEU A C   1 
ATOM   1244 O O   . LEU A 1 183 ? -6.266  2.374   6.865   1.00 19.79 ? 183 LEU A O   1 
ATOM   1245 C CB  . LEU A 1 183 ? -6.461  2.436   3.534   1.00 17.93 ? 183 LEU A CB  1 
ATOM   1246 C CG  . LEU A 1 183 ? -7.530  2.003   2.479   1.00 22.13 ? 183 LEU A CG  1 
ATOM   1247 C CD1 . LEU A 1 183 ? -6.876  1.495   1.181   1.00 21.57 ? 183 LEU A CD1 1 
ATOM   1248 C CD2 . LEU A 1 183 ? -8.622  1.015   2.947   1.00 23.30 ? 183 LEU A CD2 1 
ATOM   1249 N N   A PHE A 1 184 ? -5.058  3.985   5.788   0.50 18.62 ? 184 PHE A N   1 
ATOM   1250 N N   B PHE A 1 184 ? -5.077  3.991   5.770   0.50 19.34 ? 184 PHE A N   1 
ATOM   1251 C CA  A PHE A 1 184 ? -4.054  4.091   6.847   0.50 20.24 ? 184 PHE A CA  1 
ATOM   1252 C CA  B PHE A 1 184 ? -4.002  4.035   6.734   0.50 21.64 ? 184 PHE A CA  1 
ATOM   1253 C C   A PHE A 1 184 ? -4.715  4.409   8.176   0.50 19.26 ? 184 PHE A C   1 
ATOM   1254 C C   B PHE A 1 184 ? -4.504  4.563   8.139   0.50 20.03 ? 184 PHE A C   1 
ATOM   1255 O O   A PHE A 1 184 ? -4.569  3.671   9.186   0.50 17.69 ? 184 PHE A O   1 
ATOM   1256 O O   B PHE A 1 184 ? -4.067  4.043   9.179   0.50 19.66 ? 184 PHE A O   1 
ATOM   1257 C CB  A PHE A 1 184 ? -2.974  5.193   6.550   0.50 19.14 ? 184 PHE A CB  1 
ATOM   1258 C CB  B PHE A 1 184 ? -2.730  4.757   6.089   0.50 21.56 ? 184 PHE A CB  1 
ATOM   1259 C CG  A PHE A 1 184 ? -1.897  5.234   7.611   0.50 20.11 ? 184 PHE A CG  1 
ATOM   1260 C CG  B PHE A 1 184 ? -2.160  4.037   4.836   0.50 23.34 ? 184 PHE A CG  1 
ATOM   1261 C CD1 A PHE A 1 184 ? -0.733  4.443   7.468   0.50 19.98 ? 184 PHE A CD1 1 
ATOM   1262 C CD1 B PHE A 1 184 ? -2.699  2.810   4.375   0.50 24.58 ? 184 PHE A CD1 1 
ATOM   1263 C CD2 A PHE A 1 184 ? -2.033  6.035   8.754   0.50 19.15 ? 184 PHE A CD2 1 
ATOM   1264 C CD2 B PHE A 1 184 ? -1.076  4.564   4.110   0.50 23.02 ? 184 PHE A CD2 1 
ATOM   1265 C CE1 A PHE A 1 184 ? 0.250   4.464   8.420   0.50 18.05 ? 184 PHE A CE1 1 
ATOM   1266 C CE1 B PHE A 1 184 ? -2.197  2.173   3.246   0.50 23.71 ? 184 PHE A CE1 1 
ATOM   1267 C CE2 A PHE A 1 184 ? -1.044  6.019   9.743   0.50 20.63 ? 184 PHE A CE2 1 
ATOM   1268 C CE2 B PHE A 1 184 ? -0.555  3.899   3.012   0.50 18.82 ? 184 PHE A CE2 1 
ATOM   1269 C CZ  A PHE A 1 184 ? 0.091   5.223   9.576   0.50 18.80 ? 184 PHE A CZ  1 
ATOM   1270 C CZ  B PHE A 1 184 ? -1.124  2.718   2.573   0.50 20.09 ? 184 PHE A CZ  1 
ATOM   1271 N N   . ALA A 1 185 ? -5.470  5.508   8.190   1.00 18.33 ? 185 ALA A N   1 
ATOM   1272 C CA  . ALA A 1 185 ? -6.207  5.868   9.471   1.00 19.33 ? 185 ALA A CA  1 
ATOM   1273 C C   . ALA A 1 185 ? -6.966  4.649   10.067  1.00 19.02 ? 185 ALA A C   1 
ATOM   1274 O O   . ALA A 1 185 ? -6.893  4.420   11.292  1.00 19.37 ? 185 ALA A O   1 
ATOM   1275 C CB  . ALA A 1 185 ? -7.213  7.004   9.278   1.00 21.15 ? 185 ALA A CB  1 
ATOM   1276 N N   . SER A 1 186 ? -7.729  3.917   9.239   1.00 16.19 ? 186 SER A N   1 
ATOM   1277 C CA  . SER A 1 186 ? -8.497  2.749   9.743   1.00 19.11 ? 186 SER A CA  1 
ATOM   1278 C C   . SER A 1 186 ? -7.574  1.679   10.244  1.00 22.75 ? 186 SER A C   1 
ATOM   1279 O O   . SER A 1 186 ? -7.831  1.151   11.318  1.00 23.04 ? 186 SER A O   1 
ATOM   1280 C CB  . SER A 1 186 ? -9.378  2.078   8.664   1.00 21.91 ? 186 SER A CB  1 
ATOM   1281 O OG  . SER A 1 186 ? -10.358 2.956   8.236   1.00 33.55 ? 186 SER A OG  1 
ATOM   1282 N N   . PHE A 1 187 ? -6.488  1.371   9.495   1.00 20.36 ? 187 PHE A N   1 
ATOM   1283 C CA  . PHE A 1 187 ? -5.567  0.296   9.917   1.00 21.64 ? 187 PHE A CA  1 
ATOM   1284 C C   . PHE A 1 187 ? -4.888  0.699   11.227  1.00 26.60 ? 187 PHE A C   1 
ATOM   1285 O O   . PHE A 1 187 ? -4.706  -0.139  12.086  1.00 27.32 ? 187 PHE A O   1 
ATOM   1286 C CB  . PHE A 1 187 ? -4.444  0.071   8.876   1.00 20.56 ? 187 PHE A CB  1 
ATOM   1287 C CG  . PHE A 1 187 ? -4.937  -0.476  7.561   1.00 23.71 ? 187 PHE A CG  1 
ATOM   1288 C CD1 . PHE A 1 187 ? -6.139  -1.168  7.484   1.00 23.37 ? 187 PHE A CD1 1 
ATOM   1289 C CD2 . PHE A 1 187 ? -4.180  -0.341  6.442   1.00 26.11 ? 187 PHE A CD2 1 
ATOM   1290 C CE1 . PHE A 1 187 ? -6.595  -1.686  6.278   1.00 24.62 ? 187 PHE A CE1 1 
ATOM   1291 C CE2 . PHE A 1 187 ? -4.626  -0.879  5.231   1.00 29.23 ? 187 PHE A CE2 1 
ATOM   1292 C CZ  . PHE A 1 187 ? -5.831  -1.535  5.161   1.00 24.72 ? 187 PHE A CZ  1 
ATOM   1293 N N   . ALA A 1 188 ? -4.490  1.965   11.388  1.00 30.92 ? 188 ALA A N   1 
ATOM   1294 C CA  . ALA A 1 188 ? -3.840  2.422   12.661  1.00 30.09 ? 188 ALA A CA  1 
ATOM   1295 C C   . ALA A 1 188 ? -4.829  2.626   13.792  1.00 31.05 ? 188 ALA A C   1 
ATOM   1296 O O   . ALA A 1 188 ? -4.420  2.913   14.888  1.00 35.02 ? 188 ALA A O   1 
ATOM   1297 C CB  . ALA A 1 188 ? -2.989  3.687   12.446  1.00 31.98 ? 188 ALA A CB  1 
ATOM   1298 N N   . GLY A 1 189 ? -6.122  2.508   13.527  1.00 28.73 ? 189 GLY A N   1 
ATOM   1299 C CA  . GLY A 1 189 ? -7.121  2.866   14.508  1.00 28.48 ? 189 GLY A CA  1 
ATOM   1300 C C   . GLY A 1 189 ? -7.018  4.334   14.966  1.00 37.23 ? 189 GLY A C   1 
ATOM   1301 O O   . GLY A 1 189 ? -7.258  4.607   16.153  1.00 32.66 ? 189 GLY A O   1 
ATOM   1302 N N   . GLU A 1 190 ? -6.659  5.275   14.067  1.00 26.99 ? 190 GLU A N   1 
ATOM   1303 C CA  . GLU A 1 190 ? -6.497  6.683   14.442  1.00 28.40 ? 190 GLU A CA  1 
ATOM   1304 C C   . GLU A 1 190 ? -7.827  7.273   14.850  1.00 26.10 ? 190 GLU A C   1 
ATOM   1305 O O   . GLU A 1 190 ? -8.884  6.771   14.511  1.00 25.69 ? 190 GLU A O   1 
ATOM   1306 C CB  . GLU A 1 190 ? -5.938  7.543   13.293  1.00 26.73 ? 190 GLU A CB  1 
ATOM   1307 C CG  . GLU A 1 190 ? -4.453  7.316   13.039  1.00 33.10 ? 190 GLU A CG  1 
ATOM   1308 C CD  . GLU A 1 190 ? -3.961  8.104   11.819  1.00 35.36 ? 190 GLU A CD  1 
ATOM   1309 O OE1 . GLU A 1 190 ? -4.758  8.891   11.250  1.00 33.63 ? 190 GLU A OE1 1 
ATOM   1310 O OE2 . GLU A 1 190 ? -2.777  7.970   11.460  1.00 41.84 ? 190 GLU A OE2 1 
ATOM   1311 N N   . GLN A 1 191 ? -7.764  8.384   15.572  1.00 27.58 ? 191 GLN A N   1 
ATOM   1312 C CA  . GLN A 1 191 ? -8.954  9.163   15.839  1.00 29.56 ? 191 GLN A CA  1 
ATOM   1313 C C   . GLN A 1 191 ? -8.805  10.530  15.140  1.00 28.91 ? 191 GLN A C   1 
ATOM   1314 O O   . GLN A 1 191 ? -7.905  11.309  15.461  1.00 30.19 ? 191 GLN A O   1 
ATOM   1315 C CB  . GLN A 1 191 ? -9.191  9.305   17.332  1.00 37.64 ? 191 GLN A CB  1 
ATOM   1316 C CG  . GLN A 1 191 ? -10.305 8.390   17.781  1.00 50.72 ? 191 GLN A CG  1 
ATOM   1317 C CD  . GLN A 1 191 ? -10.896 8.818   19.108  1.00 64.84 ? 191 GLN A CD  1 
ATOM   1318 O OE1 . GLN A 1 191 ? -10.197 9.348   19.986  1.00 64.17 ? 191 GLN A OE1 1 
ATOM   1319 N NE2 . GLN A 1 191 ? -12.202 8.592   19.260  1.00 65.89 ? 191 GLN A NE2 1 
ATOM   1320 N N   . PRO A 1 192 ? -9.664  10.812  14.154  1.00 26.66 ? 192 PRO A N   1 
ATOM   1321 C CA  . PRO A 1 192 ? -10.821 10.050  13.680  1.00 23.61 ? 192 PRO A CA  1 
ATOM   1322 C C   . PRO A 1 192 ? -10.404 8.975   12.630  1.00 20.13 ? 192 PRO A C   1 
ATOM   1323 O O   . PRO A 1 192 ? -9.340  9.102   11.952  1.00 22.33 ? 192 PRO A O   1 
ATOM   1324 C CB  . PRO A 1 192 ? -11.631 11.126  12.935  1.00 24.96 ? 192 PRO A CB  1 
ATOM   1325 C CG  . PRO A 1 192 ? -10.533 11.935  12.248  1.00 24.64 ? 192 PRO A CG  1 
ATOM   1326 C CD  . PRO A 1 192 ? -9.431  12.032  13.312  1.00 26.73 ? 192 PRO A CD  1 
ATOM   1327 N N   . SER A 1 193 ? -11.277 7.986   12.370  1.00 19.19 ? 193 SER A N   1 
ATOM   1328 C CA  . SER A 1 193 ? -10.991 7.036   11.284  1.00 18.89 ? 193 SER A CA  1 
ATOM   1329 C C   . SER A 1 193 ? -12.337 6.318   11.028  1.00 19.88 ? 193 SER A C   1 
ATOM   1330 O O   . SER A 1 193 ? -13.227 6.391   11.859  1.00 21.61 ? 193 SER A O   1 
ATOM   1331 C CB  . SER A 1 193 ? -9.869  6.015   11.671  1.00 21.02 ? 193 SER A CB  1 
ATOM   1332 O OG  . SER A 1 193 ? -10.242 5.310   12.864  1.00 21.04 ? 193 SER A OG  1 
ATOM   1333 N N   . VAL A 1 194 ? -12.540 5.817   9.826   1.00 19.58 ? 194 VAL A N   1 
ATOM   1334 C CA  . VAL A 1 194 ? -13.666 4.892   9.564   1.00 18.84 ? 194 VAL A CA  1 
ATOM   1335 C C   . VAL A 1 194 ? -13.298 3.537   10.168  1.00 21.09 ? 194 VAL A C   1 
ATOM   1336 O O   . VAL A 1 194 ? -12.161 3.094   10.022  1.00 19.18 ? 194 VAL A O   1 
ATOM   1337 C CB  . VAL A 1 194 ? -13.871 4.814   8.036   1.00 18.55 ? 194 VAL A CB  1 
ATOM   1338 C CG1 . VAL A 1 194 ? -15.024 3.901   7.719   1.00 18.83 ? 194 VAL A CG1 1 
ATOM   1339 C CG2 . VAL A 1 194 ? -14.238 6.248   7.527   1.00 19.25 ? 194 VAL A CG2 1 
ATOM   1340 N N   . PRO A 1 195 ? -14.248 2.846   10.835  1.00 21.94 ? 195 PRO A N   1 
ATOM   1341 C CA  . PRO A 1 195 ? -13.903 1.488   11.316  1.00 21.28 ? 195 PRO A CA  1 
ATOM   1342 C C   . PRO A 1 195 ? -13.462 0.621   10.139  1.00 19.39 ? 195 PRO A C   1 
ATOM   1343 O O   . PRO A 1 195 ? -14.028 0.678   8.990   1.00 16.86 ? 195 PRO A O   1 
ATOM   1344 C CB  . PRO A 1 195 ? -15.235 0.960   11.875  1.00 24.81 ? 195 PRO A CB  1 
ATOM   1345 C CG  . PRO A 1 195 ? -16.010 2.229   12.259  1.00 29.16 ? 195 PRO A CG  1 
ATOM   1346 C CD  . PRO A 1 195 ? -15.601 3.290   11.254  1.00 25.69 ? 195 PRO A CD  1 
ATOM   1347 N N   . GLU A 1 196 ? -12.502 -0.236  10.402  1.00 16.85 ? 196 GLU A N   1 
ATOM   1348 C CA  . GLU A 1 196 ? -11.961 -1.060  9.355   1.00 17.85 ? 196 GLU A CA  1 
ATOM   1349 C C   . GLU A 1 196 ? -12.993 -1.954  8.637   1.00 18.75 ? 196 GLU A C   1 
ATOM   1350 O O   . GLU A 1 196 ? -12.908 -2.147  7.445   1.00 18.06 ? 196 GLU A O   1 
ATOM   1351 C CB  . GLU A 1 196 ? -10.738 -1.869  9.995   1.00 22.06 ? 196 GLU A CB  1 
ATOM   1352 C CG  . GLU A 1 196 ? -10.072 -2.827  8.984   1.00 31.88 ? 196 GLU A CG  1 
ATOM   1353 C CD  . GLU A 1 196 ? -8.762  -3.518  9.481   1.00 36.88 ? 196 GLU A CD  1 
ATOM   1354 O OE1 . GLU A 1 196 ? -8.331  -3.269  10.614  1.00 45.71 ? 196 GLU A OE1 1 
ATOM   1355 O OE2 . GLU A 1 196 ? -8.111  -4.253  8.693   1.00 44.60 ? 196 GLU A OE2 1 
ATOM   1356 N N   . ALA A 1 197 ? -14.011 -2.460  9.360   1.00 17.67 ? 197 ALA A N   1 
ATOM   1357 C CA  . ALA A 1 197 ? -15.138 -3.187  8.760   1.00 19.91 ? 197 ALA A CA  1 
ATOM   1358 C C   . ALA A 1 197 ? -16.074 -2.308  7.941   1.00 19.19 ? 197 ALA A C   1 
ATOM   1359 O O   . ALA A 1 197 ? -16.910 -2.840  7.252   1.00 22.19 ? 197 ALA A O   1 
ATOM   1360 C CB  . ALA A 1 197 ? -15.970 -3.831  9.879   1.00 22.90 ? 197 ALA A CB  1 
ATOM   1361 N N   . ARG A 1 198 ? -15.932 -0.977  7.945   1.00 16.45 ? 198 ARG A N   1 
ATOM   1362 C CA  . ARG A 1 198 ? -16.822 -0.129  7.089   1.00 19.33 ? 198 ARG A CA  1 
ATOM   1363 C C   . ARG A 1 198 ? -16.054 0.645   6.016   1.00 18.70 ? 198 ARG A C   1 
ATOM   1364 O O   . ARG A 1 198 ? -16.665 1.306   5.190   1.00 18.45 ? 198 ARG A O   1 
ATOM   1365 C CB  . ARG A 1 198 ? -17.609 0.904   7.940   1.00 18.95 ? 198 ARG A CB  1 
ATOM   1366 C CG  . ARG A 1 198 ? -18.599 0.246   8.923   1.00 21.72 ? 198 ARG A CG  1 
ATOM   1367 C CD  . ARG A 1 198 ? -19.884 -0.249  8.183   1.00 22.64 ? 198 ARG A CD  1 
ATOM   1368 N NE  . ARG A 1 198 ? -20.386 0.850   7.314   1.00 26.98 ? 198 ARG A NE  1 
ATOM   1369 C CZ  . ARG A 1 198 ? -20.856 0.614   6.091   1.00 33.31 ? 198 ARG A CZ  1 
ATOM   1370 N NH1 . ARG A 1 198 ? -20.974 -0.680  5.707   1.00 29.02 ? 198 ARG A NH1 1 
ATOM   1371 N NH2 . ARG A 1 198 ? -21.278 1.603   5.279   1.00 28.92 ? 198 ARG A NH2 1 
ATOM   1372 N N   . VAL A 1 199 ? -14.733 0.555   6.027   1.00 17.79 ? 199 VAL A N   1 
ATOM   1373 C CA  . VAL A 1 199 ? -13.936 1.491   5.211   1.00 18.64 ? 199 VAL A CA  1 
ATOM   1374 C C   . VAL A 1 199 ? -14.065 1.149   3.684   1.00 17.54 ? 199 VAL A C   1 
ATOM   1375 O O   . VAL A 1 199 ? -14.228 2.020   2.835   1.00 16.11 ? 199 VAL A O   1 
ATOM   1376 C CB  . VAL A 1 199 ? -12.518 1.717   5.843   1.00 19.27 ? 199 VAL A CB  1 
ATOM   1377 C CG1 . VAL A 1 199 ? -11.686 0.505   5.647   1.00 17.75 ? 199 VAL A CG1 1 
ATOM   1378 C CG2 . VAL A 1 199 ? -11.821 2.914   5.188   1.00 19.66 ? 199 VAL A CG2 1 
ATOM   1379 N N   . LEU A 1 200 ? -14.145 -0.135  3.334   1.00 16.47 ? 200 LEU A N   1 
ATOM   1380 C CA  . LEU A 1 200 ? -14.282 -0.482  1.917   1.00 19.84 ? 200 LEU A CA  1 
ATOM   1381 C C   . LEU A 1 200 ? -15.555 0.069   1.312   1.00 20.12 ? 200 LEU A C   1 
ATOM   1382 O O   . LEU A 1 200 ? -15.467 0.773   0.288   1.00 21.15 ? 200 LEU A O   1 
ATOM   1383 C CB  . LEU A 1 200 ? -14.119 -2.004  1.716   1.00 21.08 ? 200 LEU A CB  1 
ATOM   1384 C CG  . LEU A 1 200 ? -14.016 -2.587  0.308   1.00 23.45 ? 200 LEU A CG  1 
ATOM   1385 C CD1 . LEU A 1 200 ? -12.926 -1.814  -0.424  1.00 21.25 ? 200 LEU A CD1 1 
ATOM   1386 C CD2 . LEU A 1 200 ? -13.658 -4.079  0.466   1.00 23.97 ? 200 LEU A CD2 1 
ATOM   1387 N N   . ASP A 1 201 ? -16.718 -0.170  1.953   1.00 19.33 ? 201 ASP A N   1 
ATOM   1388 C CA  . ASP A 1 201 ? -18.015 0.306   1.438   1.00 22.15 ? 201 ASP A CA  1 
ATOM   1389 C C   . ASP A 1 201 ? -17.998 1.849   1.344   1.00 20.74 ? 201 ASP A C   1 
ATOM   1390 O O   . ASP A 1 201 ? -18.575 2.469   0.429   1.00 17.70 ? 201 ASP A O   1 
ATOM   1391 C CB  . ASP A 1 201 ? -19.188 -0.037  2.366   1.00 24.92 ? 201 ASP A CB  1 
ATOM   1392 C CG  . ASP A 1 201 ? -19.677 -1.551  2.277   1.00 37.94 ? 201 ASP A CG  1 
ATOM   1393 O OD1 . ASP A 1 201 ? -19.310 -2.310  1.349   1.00 33.77 ? 201 ASP A OD1 1 
ATOM   1394 O OD2 . ASP A 1 201 ? -20.488 -1.960  3.164   1.00 38.41 ? 201 ASP A OD2 1 
ATOM   1395 N N   . THR A 1 202 ? -17.402 2.466   2.357   1.00 19.46 ? 202 THR A N   1 
ATOM   1396 C CA  . THR A 1 202 ? -17.358 3.928   2.385   1.00 17.15 ? 202 THR A CA  1 
ATOM   1397 C C   . THR A 1 202 ? -16.577 4.446   1.180   1.00 15.79 ? 202 THR A C   1 
ATOM   1398 O O   . THR A 1 202 ? -17.037 5.339   0.495   1.00 14.54 ? 202 THR A O   1 
ATOM   1399 C CB  . THR A 1 202 ? -16.605 4.379   3.661   1.00 16.99 ? 202 THR A CB  1 
ATOM   1400 O OG1 . THR A 1 202 ? -17.340 3.880   4.805   1.00 19.47 ? 202 THR A OG1 1 
ATOM   1401 C CG2 . THR A 1 202 ? -16.569 5.938   3.710   1.00 18.92 ? 202 THR A CG2 1 
ATOM   1402 N N   . LEU A 1 203 ? -15.390 3.871   0.906   1.00 14.18 ? 203 LEU A N   1 
ATOM   1403 C CA  . LEU A 1 203 ? -14.609 4.353   -0.202  1.00 15.66 ? 203 LEU A CA  1 
ATOM   1404 C C   . LEU A 1 203 ? -15.272 4.028   -1.534  1.00 15.66 ? 203 LEU A C   1 
ATOM   1405 O O   . LEU A 1 203 ? -15.308 4.890   -2.438  1.00 17.27 ? 203 LEU A O   1 
ATOM   1406 C CB  . LEU A 1 203 ? -13.169 3.726   -0.149  1.00 15.43 ? 203 LEU A CB  1 
ATOM   1407 C CG  . LEU A 1 203 ? -12.380 4.178   1.131   1.00 17.68 ? 203 LEU A CG  1 
ATOM   1408 C CD1 . LEU A 1 203 ? -11.088 3.332   1.204   1.00 20.26 ? 203 LEU A CD1 1 
ATOM   1409 C CD2 . LEU A 1 203 ? -12.063 5.709   1.196   1.00 16.42 ? 203 LEU A CD2 1 
ATOM   1410 N N   . VAL A 1 204 ? -15.871 2.844   -1.647  1.00 14.12 ? 204 VAL A N   1 
ATOM   1411 C CA  . VAL A 1 204 ? -16.432 2.458   -2.990  1.00 14.92 ? 204 VAL A CA  1 
ATOM   1412 C C   . VAL A 1 204 ? -17.596 3.432   -3.285  1.00 15.27 ? 204 VAL A C   1 
ATOM   1413 O O   . VAL A 1 204 ? -17.740 3.910   -4.419  1.00 15.42 ? 204 VAL A O   1 
ATOM   1414 C CB  . VAL A 1 204 ? -16.988 1.019   -2.966  1.00 16.44 ? 204 VAL A CB  1 
ATOM   1415 C CG1 . VAL A 1 204 ? -17.887 0.755   -4.192  1.00 16.37 ? 204 VAL A CG1 1 
ATOM   1416 C CG2 . VAL A 1 204 ? -15.820 0.024   -2.895  1.00 16.39 ? 204 VAL A CG2 1 
ATOM   1417 N N   . HIS A 1 205 ? -18.367 3.806   -2.248  1.00 15.06 ? 205 HIS A N   1 
ATOM   1418 C CA  . HIS A 1 205 ? -19.458 4.733   -2.538  1.00 16.37 ? 205 HIS A CA  1 
ATOM   1419 C C   . HIS A 1 205 ? -18.949 6.083   -3.142  1.00 16.21 ? 205 HIS A C   1 
ATOM   1420 O O   . HIS A 1 205 ? -19.490 6.567   -4.126  1.00 16.91 ? 205 HIS A O   1 
ATOM   1421 C CB  . HIS A 1 205 ? -20.242 4.986   -1.247  1.00 17.44 ? 205 HIS A CB  1 
ATOM   1422 C CG  . HIS A 1 205 ? -21.125 6.225   -1.315  1.00 19.56 ? 205 HIS A CG  1 
ATOM   1423 N ND1 . HIS A 1 205 ? -22.388 6.188   -1.863  1.00 20.95 ? 205 HIS A ND1 1 
ATOM   1424 C CD2 . HIS A 1 205 ? -20.849 7.575   -1.042  1.00 17.52 ? 205 HIS A CD2 1 
ATOM   1425 C CE1 . HIS A 1 205 ? -22.946 7.413   -1.809  1.00 18.67 ? 205 HIS A CE1 1 
ATOM   1426 N NE2 . HIS A 1 205 ? -21.991 8.290   -1.358  1.00 21.06 ? 205 HIS A NE2 1 
ATOM   1427 N N   . ILE A 1 206 ? -17.925 6.706   -2.517  1.00 16.90 ? 206 ILE A N   1 
ATOM   1428 C CA  . ILE A 1 206 ? -17.380 7.993   -2.947  1.00 14.85 ? 206 ILE A CA  1 
ATOM   1429 C C   . ILE A 1 206 ? -16.742 7.821   -4.343  1.00 16.42 ? 206 ILE A C   1 
ATOM   1430 O O   . ILE A 1 206 ? -16.912 8.676   -5.161  1.00 16.00 ? 206 ILE A O   1 
ATOM   1431 C CB  . ILE A 1 206 ? -16.351 8.525   -1.911  1.00 15.54 ? 206 ILE A CB  1 
ATOM   1432 C CG1 . ILE A 1 206 ? -17.068 8.906   -0.612  1.00 16.62 ? 206 ILE A CG1 1 
ATOM   1433 C CG2 . ILE A 1 206 ? -15.639 9.785   -2.412  1.00 12.86 ? 206 ILE A CG2 1 
ATOM   1434 C CD1 . ILE A 1 206 ? -16.041 9.016   0.578   1.00 18.72 ? 206 ILE A CD1 1 
ATOM   1435 N N   . TRP A 1 207 ? -16.042 6.698   -4.631  1.00 15.31 ? 207 TRP A N   1 
ATOM   1436 C CA  . TRP A 1 207 ? -15.455 6.487   -5.971  1.00 17.03 ? 207 TRP A CA  1 
ATOM   1437 C C   . TRP A 1 207 ? -16.563 6.391   -7.017  1.00 20.30 ? 207 TRP A C   1 
ATOM   1438 O O   . TRP A 1 207 ? -16.511 7.091   -8.040  1.00 18.26 ? 207 TRP A O   1 
ATOM   1439 C CB  . TRP A 1 207 ? -14.644 5.176   -5.991  1.00 17.48 ? 207 TRP A CB  1 
ATOM   1440 C CG  . TRP A 1 207 ? -13.259 5.340   -5.456  1.00 15.63 ? 207 TRP A CG  1 
ATOM   1441 C CD1 . TRP A 1 207 ? -12.852 5.718   -4.128  1.00 15.95 ? 207 TRP A CD1 1 
ATOM   1442 C CD2 . TRP A 1 207 ? -12.030 5.134   -6.184  1.00 17.73 ? 207 TRP A CD2 1 
ATOM   1443 N NE1 . TRP A 1 207 ? -11.508 5.708   -4.058  1.00 18.61 ? 207 TRP A NE1 1 
ATOM   1444 C CE2 . TRP A 1 207 ? -10.952 5.377   -5.253  1.00 17.37 ? 207 TRP A CE2 1 
ATOM   1445 C CE3 . TRP A 1 207 ? -11.720 4.789   -7.509  1.00 17.77 ? 207 TRP A CE3 1 
ATOM   1446 C CZ2 . TRP A 1 207 ? -9.583  5.288   -5.638  1.00 18.55 ? 207 TRP A CZ2 1 
ATOM   1447 C CZ3 . TRP A 1 207 ? -10.370 4.707   -7.874  1.00 17.59 ? 207 TRP A CZ3 1 
ATOM   1448 C CH2 . TRP A 1 207 ? -9.332  4.991   -6.974  1.00 17.93 ? 207 TRP A CH2 1 
ATOM   1449 N N   . VAL A 1 208 ? -17.602 5.569   -6.771  1.00 19.25 ? 208 VAL A N   1 
ATOM   1450 C CA  . VAL A 1 208 ? -18.627 5.348   -7.797  1.00 19.74 ? 208 VAL A CA  1 
ATOM   1451 C C   . VAL A 1 208 ? -19.459 6.612   -8.032  1.00 19.37 ? 208 VAL A C   1 
ATOM   1452 O O   . VAL A 1 208 ? -19.763 6.924   -9.171  1.00 17.58 ? 208 VAL A O   1 
ATOM   1453 C CB  . VAL A 1 208 ? -19.592 4.178   -7.419  1.00 22.31 ? 208 VAL A CB  1 
ATOM   1454 C CG1 . VAL A 1 208 ? -20.844 4.206   -8.306  1.00 29.31 ? 208 VAL A CG1 1 
ATOM   1455 C CG2 . VAL A 1 208 ? -18.805 2.861   -7.527  1.00 24.19 ? 208 VAL A CG2 1 
ATOM   1456 N N   . THR A 1 209 ? -19.820 7.341   -6.969  1.00 16.41 ? 209 THR A N   1 
ATOM   1457 C CA  . THR A 1 209 ? -20.651 8.493   -7.206  1.00 18.81 ? 209 THR A CA  1 
ATOM   1458 C C   . THR A 1 209 ? -19.826 9.613   -7.866  1.00 21.91 ? 209 THR A C   1 
ATOM   1459 O O   . THR A 1 209 ? -20.336 10.302  -8.720  1.00 20.74 ? 209 THR A O   1 
ATOM   1460 C CB  . THR A 1 209 ? -21.285 9.036   -5.919  1.00 23.72 ? 209 THR A CB  1 
ATOM   1461 O OG1 . THR A 1 209 ? -20.260 9.308   -4.948  1.00 22.59 ? 209 THR A OG1 1 
ATOM   1462 C CG2 . THR A 1 209 ? -22.423 8.050   -5.387  1.00 22.30 ? 209 THR A CG2 1 
ATOM   1463 N N   . SER A 1 210 ? -18.518 9.724   -7.541  1.00 18.38 ? 210 SER A N   1 
ATOM   1464 C CA  . SER A 1 210 ? -17.741 10.775  -8.119  1.00 18.89 ? 210 SER A CA  1 
ATOM   1465 C C   . SER A 1 210 ? -17.268 10.482  -9.539  1.00 20.96 ? 210 SER A C   1 
ATOM   1466 O O   . SER A 1 210 ? -17.111 11.414  -10.367 1.00 20.49 ? 210 SER A O   1 
ATOM   1467 C CB  . SER A 1 210 ? -16.614 11.201  -7.193  1.00 20.47 ? 210 SER A CB  1 
ATOM   1468 O OG  . SER A 1 210 ? -15.605 10.263  -7.240  1.00 20.72 ? 210 SER A OG  1 
ATOM   1469 N N   . ILE A 1 211 ? -17.153 9.205   -9.876  1.00 19.22 ? 211 ILE A N   1 
ATOM   1470 C CA  . ILE A 1 211 ? -16.804 8.861   -11.242 1.00 20.49 ? 211 ILE A CA  1 
ATOM   1471 C C   . ILE A 1 211 ? -18.061 8.886   -12.183 1.00 21.12 ? 211 ILE A C   1 
ATOM   1472 O O   . ILE A 1 211 ? -17.940 9.224   -13.342 1.00 19.93 ? 211 ILE A O   1 
ATOM   1473 C CB  . ILE A 1 211 ? -16.054 7.526   -11.288 1.00 18.15 ? 211 ILE A CB  1 
ATOM   1474 C CG1 . ILE A 1 211 ? -14.641 7.727   -10.656 1.00 16.39 ? 211 ILE A CG1 1 
ATOM   1475 C CG2 . ILE A 1 211 ? -15.936 7.010   -12.784 1.00 19.63 ? 211 ILE A CG2 1 
ATOM   1476 C CD1 . ILE A 1 211 ? -13.981 6.387   -10.217 1.00 15.76 ? 211 ILE A CD1 1 
ATOM   1477 N N   . TYR A 1 212 ? -19.211 8.437   -11.700 1.00 20.59 ? 212 TYR A N   1 
ATOM   1478 C CA  . TYR A 1 212 ? -20.319 8.174   -12.592 1.00 22.09 ? 212 TYR A CA  1 
ATOM   1479 C C   . TYR A 1 212 ? -21.312 9.294   -12.475 1.00 24.01 ? 212 TYR A C   1 
ATOM   1480 O O   . TYR A 1 212 ? -22.194 9.388   -13.350 1.00 25.26 ? 212 TYR A O   1 
ATOM   1481 C CB  . TYR A 1 212 ? -20.955 6.747   -12.389 1.00 21.33 ? 212 TYR A CB  1 
ATOM   1482 C CG  . TYR A 1 212 ? -19.963 5.693   -12.778 1.00 23.64 ? 212 TYR A CG  1 
ATOM   1483 C CD1 . TYR A 1 212 ? -19.750 5.333   -14.124 1.00 21.46 ? 212 TYR A CD1 1 
ATOM   1484 C CD2 . TYR A 1 212 ? -19.193 5.045   -11.780 1.00 21.37 ? 212 TYR A CD2 1 
ATOM   1485 C CE1 . TYR A 1 212 ? -18.777 4.421   -14.465 1.00 20.50 ? 212 TYR A CE1 1 
ATOM   1486 C CE2 . TYR A 1 212 ? -18.276 4.103   -12.109 1.00 20.83 ? 212 TYR A CE2 1 
ATOM   1487 C CZ  . TYR A 1 212 ? -18.067 3.773   -13.445 1.00 22.28 ? 212 TYR A CZ  1 
ATOM   1488 O OH  . TYR A 1 212 ? -17.045 2.854   -13.698 1.00 23.47 ? 212 TYR A OH  1 
ATOM   1489 N N   . GLY A 1 213 ? -21.188 10.137  -11.434 1.00 22.21 ? 213 GLY A N   1 
ATOM   1490 C CA  . GLY A 1 213 ? -22.235 11.161  -11.090 1.00 27.31 ? 213 GLY A CA  1 
ATOM   1491 C C   . GLY A 1 213 ? -22.018 12.474  -11.887 1.00 29.83 ? 213 GLY A C   1 
ATOM   1492 O O   . GLY A 1 213 ? -20.879 12.850  -12.134 1.00 32.03 ? 213 GLY A O   1 
ATOM   1493 N N   . GLU A 1 214 ? -23.087 13.164  -12.289 1.00 38.21 ? 214 GLU A N   1 
ATOM   1494 C CA  . GLU A 1 214 ? -23.009 14.279  -13.315 1.00 43.83 ? 214 GLU A CA  1 
ATOM   1495 C C   . GLU A 1 214 ? -23.100 15.682  -12.725 1.00 47.24 ? 214 GLU A C   1 
ATOM   1496 O O   . GLU A 1 214 ? -23.471 15.862  -11.547 1.00 44.71 ? 214 GLU A O   1 
ATOM   1497 C CB  . GLU A 1 214 ? -24.050 14.092  -14.447 1.00 45.80 ? 214 GLU A CB  1 
ATOM   1498 C CG  . GLU A 1 214 ? -23.626 14.629  -15.831 1.00 46.79 ? 214 GLU A CG  1 
HETATM 1499 C C2  . 6C4 B 2 .   ? -4.806  3.672   -3.035  1.00 26.37 ? 301 6C4 A C2  1 
HETATM 1500 C C4  . 6C4 B 2 .   ? -2.410  3.306   -2.820  1.00 26.80 ? 301 6C4 A C4  1 
HETATM 1501 C C5  . 6C4 B 2 .   ? -5.955  2.900   -3.605  1.00 24.97 ? 301 6C4 A C5  1 
HETATM 1502 C C6  . 6C4 B 2 .   ? -7.365  2.428   -5.528  1.00 23.68 ? 301 6C4 A C6  1 
HETATM 1503 C C7  . 6C4 B 2 .   ? -7.182  1.616   -6.781  1.00 28.74 ? 301 6C4 A C7  1 
HETATM 1504 C C9  . 6C4 B 2 .   ? -6.295  1.202   -8.899  1.00 26.28 ? 301 6C4 A C9  1 
HETATM 1505 C C11 . 6C4 B 2 .   ? -8.405  1.378   -7.677  1.00 30.37 ? 301 6C4 A C11 1 
HETATM 1506 O O   . 6C4 B 2 .   ? -6.761  2.249   -2.900  1.00 24.58 ? 301 6C4 A O   1 
HETATM 1507 C C1  . 6C4 B 2 .   ? -4.557  3.261   -1.590  1.00 25.27 ? 301 6C4 A C1  1 
HETATM 1508 C C3  . 6C4 B 2 .   ? -3.551  3.289   -3.847  1.00 27.88 ? 301 6C4 A C3  1 
HETATM 1509 C C   . 6C4 B 2 .   ? -3.072  3.507   -1.451  1.00 27.51 ? 301 6C4 A C   1 
HETATM 1510 N N   . 6C4 B 2 .   ? -6.090  2.942   -4.936  1.00 21.05 ? 301 6C4 A N   1 
HETATM 1511 C C10 . 6C4 B 2 .   ? -7.791  0.945   -9.001  1.00 28.02 ? 301 6C4 A C10 1 
HETATM 1512 C C8  . 6C4 B 2 .   ? -6.063  2.092   -7.702  1.00 28.08 ? 301 6C4 A C8  1 
HETATM 1513 O O   . HOH C 3 .   ? 29.960  -13.815 13.079  1.00 23.85 ? 401 HOH A O   1 
HETATM 1514 O O   . HOH C 3 .   ? -3.589  7.450   -17.377 1.00 24.70 ? 402 HOH A O   1 
HETATM 1515 O O   . HOH C 3 .   ? -18.273 12.490  -12.720 1.00 24.00 ? 403 HOH A O   1 
HETATM 1516 O O   . HOH C 3 .   ? -7.870  4.960   -21.169 1.00 32.11 ? 404 HOH A O   1 
HETATM 1517 O O   . HOH C 3 .   ? 5.467   5.597   -11.753 1.00 35.08 ? 405 HOH A O   1 
HETATM 1518 O O   . HOH C 3 .   ? -6.922  10.413  11.569  1.00 24.98 ? 406 HOH A O   1 
HETATM 1519 O O   . HOH C 3 .   ? 6.130   9.489   -1.148  1.00 29.36 ? 407 HOH A O   1 
HETATM 1520 O O   . HOH C 3 .   ? -10.383 5.855   8.158   1.00 27.44 ? 408 HOH A O   1 
HETATM 1521 O O   . HOH C 3 .   ? 9.667   3.446   10.506  1.00 38.78 ? 409 HOH A O   1 
HETATM 1522 O O   . HOH C 3 .   ? -16.261 10.704  -14.997 1.00 23.83 ? 410 HOH A O   1 
HETATM 1523 O O   . HOH C 3 .   ? 26.467  -15.181 11.946  1.00 32.33 ? 411 HOH A O   1 
HETATM 1524 O O   . HOH C 3 .   ? -14.227 -2.575  5.037   1.00 18.54 ? 412 HOH A O   1 
HETATM 1525 O O   . HOH C 3 .   ? 0.300   9.552   -12.647 1.00 21.93 ? 413 HOH A O   1 
HETATM 1526 O O   . HOH C 3 .   ? -20.404 0.947   -1.032  1.00 27.92 ? 414 HOH A O   1 
HETATM 1527 O O   . HOH C 3 .   ? 3.310   -5.875  8.849   1.00 32.45 ? 415 HOH A O   1 
HETATM 1528 O O   . HOH C 3 .   ? 30.122  -9.805  7.725   1.00 24.95 ? 416 HOH A O   1 
HETATM 1529 O O   . HOH C 3 .   ? -0.048  2.828   -14.750 1.00 27.84 ? 417 HOH A O   1 
HETATM 1530 O O   . HOH C 3 .   ? -1.635  9.231   4.299   1.00 32.38 ? 418 HOH A O   1 
HETATM 1531 O O   . HOH C 3 .   ? -16.936 -2.055  4.197   1.00 20.76 ? 419 HOH A O   1 
HETATM 1532 O O   . HOH C 3 .   ? -1.162  -6.835  9.784   1.00 31.92 ? 420 HOH A O   1 
HETATM 1533 O O   . HOH C 3 .   ? -6.679  14.631  -16.675 1.00 39.51 ? 421 HOH A O   1 
HETATM 1534 O O   . HOH C 3 .   ? 1.288   -6.453  10.957  1.00 42.29 ? 422 HOH A O   1 
HETATM 1535 O O   . HOH C 3 .   ? -13.881 -2.773  12.353  1.00 24.82 ? 423 HOH A O   1 
HETATM 1536 O O   . HOH C 3 .   ? 30.233  -13.493 15.628  1.00 31.57 ? 424 HOH A O   1 
# 
